data_7US5
#
_entry.id   7US5
#
_cell.length_a   112.673
_cell.length_b   182.950
_cell.length_c   75.397
_cell.angle_alpha   90.000
_cell.angle_beta   90.000
_cell.angle_gamma   90.000
#
_symmetry.space_group_name_H-M   'P 21 21 2'
#
loop_
_entity.id
_entity.type
_entity.pdbx_description
1 polymer 'GDP-D-GLYCERO-D-MANNO-HEPTOSE 4,6-DEHYDRATASE'
2 non-polymer NICOTINAMIDE-ADENINE-DINUCLEOTIDE
3 non-polymer "GUANOSINE-5'-DIPHOSPHATE"
4 non-polymer 1,2-ETHANEDIOL
5 water water
#
_entity_poly.entity_id   1
_entity_poly.type   'polypeptide(L)'
_entity_poly.pdbx_seq_one_letter_code
;MGSSHHHHHHSSGLVPRGSHMMKKTALITGFTGQVGSQMADFLLENTDYDVIGMMRWQEPMDNIYHLSDRINKKDRISIF
YADLNDYSSLQKLFESQRPDVIFHLAAQSYPKTSFDIPIETLQTNIIGTANILENIRILKAKEGYDPVVHICSSSEVYGK
AKVGVKLNEETAFHGASPYSISKIGTDYLGKFYGEAYNIRTFVTRMGTHSGPRRSDVFFESTVAKQIALIEAGYQEPVIK
VGNLSSVRTFQDCRDAIRAYYLLSLESEKGNIPCGEAFNIAGEEAFKLPEVIDILLNFSDMGRGIEVRQVEDRMRPIDAD
YQMFDNSKIKSFIDWKAEIPVRQMLKDLLNHWRNEIKRGRIPLNR
;
_entity_poly.pdbx_strand_id   A,B,C,D
#
loop_
_chem_comp.id
_chem_comp.type
_chem_comp.name
_chem_comp.formula
EDO non-polymer 1,2-ETHANEDIOL 'C2 H6 O2'
GDP RNA linking GUANOSINE-5'-DIPHOSPHATE 'C10 H15 N5 O11 P2'
NAD non-polymer NICOTINAMIDE-ADENINE-DINUCLEOTIDE 'C21 H27 N7 O14 P2'
#
# COMPACT_ATOMS: atom_id res chain seq x y z
N HIS A 20 22.86 -12.45 32.32
CA HIS A 20 22.33 -11.11 31.91
C HIS A 20 23.38 -10.36 31.07
N MET A 21 24.21 -11.10 30.30
CA MET A 21 25.37 -10.56 29.50
C MET A 21 24.84 -9.83 28.25
N MET A 22 25.08 -8.51 28.16
CA MET A 22 24.58 -7.64 27.07
C MET A 22 25.72 -7.33 26.08
N LYS A 23 25.43 -7.55 24.81
CA LYS A 23 26.36 -7.43 23.65
C LYS A 23 25.85 -6.32 22.72
N LYS A 24 26.80 -5.72 21.97
CA LYS A 24 26.51 -4.92 20.77
C LYS A 24 25.67 -5.79 19.81
N THR A 25 24.50 -5.32 19.39
CA THR A 25 23.53 -6.09 18.55
C THR A 25 23.47 -5.49 17.14
N ALA A 26 23.71 -6.29 16.11
CA ALA A 26 23.60 -5.85 14.71
C ALA A 26 22.32 -6.45 14.11
N LEU A 27 21.50 -5.60 13.49
CA LEU A 27 20.38 -6.05 12.64
C LEU A 27 20.83 -6.04 11.19
N ILE A 28 20.54 -7.13 10.49
CA ILE A 28 20.69 -7.20 9.02
C ILE A 28 19.31 -7.37 8.41
N THR A 29 18.83 -6.38 7.68
CA THR A 29 17.66 -6.57 6.77
C THR A 29 18.24 -7.18 5.50
N GLY A 30 17.53 -8.07 4.81
CA GLY A 30 18.04 -8.73 3.61
C GLY A 30 19.04 -9.83 3.97
N PHE A 31 18.86 -10.39 5.17
CA PHE A 31 19.67 -11.47 5.76
C PHE A 31 19.78 -12.67 4.81
N THR A 32 18.71 -13.02 4.05
CA THR A 32 18.68 -14.18 3.13
C THR A 32 19.31 -13.86 1.78
N GLY A 33 19.64 -12.59 1.54
CA GLY A 33 20.27 -12.15 0.28
C GLY A 33 21.76 -12.39 0.24
N GLN A 34 22.35 -12.15 -0.94
CA GLN A 34 23.81 -12.26 -1.23
C GLN A 34 24.58 -11.53 -0.12
N VAL A 35 24.34 -10.23 0.06
CA VAL A 35 25.20 -9.39 0.91
C VAL A 35 24.89 -9.64 2.39
N GLY A 36 23.61 -9.67 2.79
CA GLY A 36 23.23 -9.80 4.21
C GLY A 36 23.70 -11.12 4.80
N SER A 37 23.63 -12.20 4.00
CA SER A 37 24.09 -13.56 4.38
C SER A 37 25.59 -13.51 4.67
N GLN A 38 26.33 -12.71 3.92
CA GLN A 38 27.81 -12.67 4.00
C GLN A 38 28.21 -11.70 5.12
N MET A 39 27.46 -10.61 5.31
CA MET A 39 27.59 -9.71 6.49
C MET A 39 27.40 -10.51 7.79
N ALA A 40 26.39 -11.38 7.87
CA ALA A 40 26.19 -12.27 9.04
C ALA A 40 27.46 -13.12 9.25
N ASP A 41 27.94 -13.80 8.22
CA ASP A 41 29.20 -14.57 8.34
C ASP A 41 30.29 -13.66 8.88
N PHE A 42 30.43 -12.46 8.32
CA PHE A 42 31.54 -11.54 8.62
C PHE A 42 31.52 -11.13 10.10
N LEU A 43 30.32 -10.77 10.61
CA LEU A 43 30.17 -10.24 11.99
C LEU A 43 30.44 -11.35 13.01
N LEU A 44 30.02 -12.59 12.72
CA LEU A 44 30.21 -13.74 13.62
C LEU A 44 31.71 -14.11 13.70
N GLU A 45 32.46 -13.99 12.61
CA GLU A 45 33.90 -14.37 12.56
C GLU A 45 34.80 -13.24 13.08
N ASN A 46 34.45 -11.97 12.87
CA ASN A 46 35.40 -10.84 13.03
C ASN A 46 35.00 -9.89 14.15
N THR A 47 33.86 -10.12 14.82
CA THR A 47 33.39 -9.24 15.93
C THR A 47 32.82 -10.07 17.08
N ASP A 48 32.49 -9.40 18.20
CA ASP A 48 31.80 -9.99 19.39
C ASP A 48 30.30 -9.66 19.34
N TYR A 49 29.79 -9.22 18.18
CA TYR A 49 28.38 -8.79 18.02
C TYR A 49 27.41 -9.97 18.07
N ASP A 50 26.26 -9.75 18.70
CA ASP A 50 25.06 -10.60 18.46
C ASP A 50 24.46 -10.14 17.13
N VAL A 51 23.97 -11.06 16.32
CA VAL A 51 23.41 -10.74 14.97
C VAL A 51 21.92 -11.07 14.96
N ILE A 52 21.12 -10.12 14.48
CA ILE A 52 19.69 -10.40 14.19
C ILE A 52 19.49 -10.34 12.68
N GLY A 53 19.04 -11.46 12.13
CA GLY A 53 18.66 -11.62 10.72
C GLY A 53 17.19 -11.36 10.55
N MET A 54 16.86 -10.23 9.91
CA MET A 54 15.45 -9.95 9.54
C MET A 54 15.11 -10.79 8.32
N MET A 55 13.97 -11.45 8.31
CA MET A 55 13.40 -12.06 7.09
C MET A 55 11.89 -12.18 7.18
N ARG A 56 11.24 -12.22 6.02
CA ARG A 56 9.91 -12.82 5.78
C ARG A 56 10.05 -14.33 5.84
N TRP A 57 9.13 -15.04 6.49
CA TRP A 57 9.40 -16.45 6.91
C TRP A 57 9.68 -17.38 5.71
N GLN A 58 9.07 -17.13 4.55
CA GLN A 58 9.12 -18.08 3.39
C GLN A 58 10.31 -17.75 2.49
N GLU A 59 11.14 -16.76 2.83
CA GLU A 59 12.33 -16.40 2.01
C GLU A 59 13.22 -17.62 1.78
N PRO A 60 13.88 -17.69 0.61
CA PRO A 60 14.79 -18.78 0.31
C PRO A 60 15.87 -18.91 1.39
N MET A 61 16.21 -20.14 1.73
CA MET A 61 17.16 -20.51 2.81
C MET A 61 18.58 -20.72 2.25
N ASP A 62 18.72 -20.67 0.93
CA ASP A 62 19.94 -21.04 0.17
C ASP A 62 21.22 -20.48 0.79
N ASN A 63 21.23 -19.20 1.13
CA ASN A 63 22.43 -18.46 1.59
C ASN A 63 22.64 -18.64 3.10
N ILE A 64 21.73 -19.31 3.82
CA ILE A 64 21.79 -19.33 5.31
C ILE A 64 21.64 -20.74 5.89
N TYR A 65 21.58 -21.80 5.06
CA TYR A 65 21.52 -23.23 5.50
C TYR A 65 22.67 -23.49 6.49
N HIS A 66 23.87 -22.95 6.23
CA HIS A 66 25.08 -23.19 7.05
C HIS A 66 24.92 -22.55 8.45
N LEU A 67 23.95 -21.65 8.64
CA LEU A 67 23.71 -20.98 9.95
C LEU A 67 22.59 -21.64 10.74
N SER A 68 21.79 -22.49 10.13
CA SER A 68 20.54 -23.05 10.73
C SER A 68 20.86 -23.71 12.08
N ASP A 69 21.93 -24.52 12.17
CA ASP A 69 22.25 -25.26 13.43
C ASP A 69 22.57 -24.25 14.54
N ARG A 70 23.40 -23.26 14.23
CA ARG A 70 23.85 -22.19 15.15
C ARG A 70 22.63 -21.44 15.71
N ILE A 71 21.67 -21.16 14.83
CA ILE A 71 20.44 -20.38 15.17
C ILE A 71 19.55 -21.24 16.04
N ASN A 72 19.40 -22.52 15.67
CA ASN A 72 18.64 -23.50 16.49
C ASN A 72 19.24 -23.49 17.91
N LYS A 73 20.56 -23.34 18.02
CA LYS A 73 21.31 -23.43 19.30
C LYS A 73 21.36 -22.08 20.03
N LYS A 74 20.88 -21.01 19.41
CA LYS A 74 20.78 -19.66 20.05
C LYS A 74 22.20 -19.15 20.36
N ASP A 75 23.12 -19.44 19.46
CA ASP A 75 24.56 -19.09 19.57
C ASP A 75 24.82 -17.83 18.73
N ARG A 76 24.61 -16.66 19.33
CA ARG A 76 25.03 -15.31 18.86
C ARG A 76 24.16 -14.79 17.69
N ILE A 77 23.32 -15.62 17.06
CA ILE A 77 22.53 -15.20 15.86
C ILE A 77 21.10 -15.69 16.03
N SER A 78 20.15 -14.78 15.79
CA SER A 78 18.69 -15.04 15.84
C SER A 78 18.01 -14.44 14.61
N ILE A 79 16.79 -14.91 14.37
CA ILE A 79 15.90 -14.46 13.26
C ILE A 79 14.75 -13.67 13.86
N PHE A 80 14.47 -12.49 13.33
CA PHE A 80 13.23 -11.74 13.60
C PHE A 80 12.41 -11.70 12.31
N TYR A 81 11.14 -12.15 12.34
CA TYR A 81 10.26 -12.16 11.15
C TYR A 81 9.60 -10.79 11.03
N ALA A 82 9.89 -10.07 9.95
CA ALA A 82 9.27 -8.77 9.61
C ALA A 82 9.29 -8.57 8.10
N ASP A 83 8.39 -7.74 7.60
CA ASP A 83 8.27 -7.37 6.16
C ASP A 83 8.50 -5.86 6.08
N LEU A 84 9.33 -5.42 5.16
CA LEU A 84 9.54 -3.99 4.82
C LEU A 84 8.21 -3.24 4.63
N ASN A 85 7.17 -3.92 4.16
CA ASN A 85 5.89 -3.24 3.81
C ASN A 85 4.92 -3.39 4.97
N ASP A 86 5.33 -3.97 6.08
CA ASP A 86 4.45 -4.04 7.27
C ASP A 86 5.11 -3.23 8.38
N TYR A 87 4.70 -1.97 8.49
CA TYR A 87 5.24 -1.01 9.48
C TYR A 87 5.13 -1.61 10.89
N SER A 88 4.03 -2.30 11.19
CA SER A 88 3.73 -2.85 12.54
C SER A 88 4.80 -3.90 12.87
N SER A 89 5.25 -4.62 11.84
CA SER A 89 6.23 -5.72 12.00
C SER A 89 7.59 -5.11 12.36
N LEU A 90 7.92 -3.96 11.79
CA LEU A 90 9.21 -3.26 12.00
C LEU A 90 9.18 -2.56 13.36
N GLN A 91 8.03 -1.96 13.71
CA GLN A 91 7.83 -1.33 15.04
C GLN A 91 8.19 -2.36 16.11
N LYS A 92 7.59 -3.56 16.06
CA LYS A 92 7.87 -4.68 16.99
C LYS A 92 9.37 -4.95 17.07
N LEU A 93 10.02 -5.00 15.90
CA LEU A 93 11.46 -5.39 15.76
C LEU A 93 12.30 -4.33 16.47
N PHE A 94 12.10 -3.05 16.16
CA PHE A 94 12.94 -1.99 16.76
C PHE A 94 12.66 -1.87 18.26
N GLU A 95 11.39 -1.93 18.66
CA GLU A 95 10.97 -1.73 20.07
C GLU A 95 11.55 -2.85 20.94
N SER A 96 11.38 -4.10 20.53
CA SER A 96 11.75 -5.32 21.29
C SER A 96 13.25 -5.61 21.21
N GLN A 97 13.96 -5.26 20.12
CA GLN A 97 15.37 -5.72 19.88
C GLN A 97 16.38 -4.56 20.00
N ARG A 98 15.97 -3.30 19.83
CA ARG A 98 16.85 -2.09 19.78
C ARG A 98 18.26 -2.42 19.29
N PRO A 99 18.46 -2.84 18.03
CA PRO A 99 19.80 -3.04 17.52
C PRO A 99 20.63 -1.75 17.62
N ASP A 100 21.91 -1.87 17.95
CA ASP A 100 22.86 -0.72 18.04
C ASP A 100 23.32 -0.31 16.65
N VAL A 101 23.34 -1.25 15.70
CA VAL A 101 23.74 -0.96 14.29
C VAL A 101 22.78 -1.69 13.35
N ILE A 102 22.36 -1.04 12.26
CA ILE A 102 21.42 -1.62 11.27
C ILE A 102 22.06 -1.57 9.88
N PHE A 103 22.27 -2.73 9.28
CA PHE A 103 22.68 -2.87 7.86
C PHE A 103 21.40 -3.07 7.05
N HIS A 104 20.88 -2.00 6.45
CA HIS A 104 19.60 -2.04 5.67
C HIS A 104 19.92 -2.41 4.22
N LEU A 105 19.90 -3.72 3.94
CA LEU A 105 20.27 -4.33 2.64
C LEU A 105 19.01 -4.84 1.92
N ALA A 106 17.89 -5.02 2.63
CA ALA A 106 16.62 -5.52 2.05
C ALA A 106 16.14 -4.57 0.94
N ALA A 107 15.79 -5.13 -0.21
CA ALA A 107 15.24 -4.37 -1.37
C ALA A 107 14.73 -5.38 -2.40
N GLN A 108 13.87 -4.91 -3.32
CA GLN A 108 13.77 -5.48 -4.68
C GLN A 108 15.04 -5.00 -5.40
N SER A 109 15.99 -5.90 -5.65
CA SER A 109 17.39 -5.53 -6.00
C SER A 109 17.65 -5.54 -7.51
N TYR A 110 16.65 -5.89 -8.33
CA TYR A 110 16.86 -6.28 -9.75
C TYR A 110 16.23 -5.26 -10.68
N PRO A 111 17.03 -4.52 -11.47
CA PRO A 111 16.46 -3.50 -12.36
C PRO A 111 15.46 -4.01 -13.40
N LYS A 112 15.71 -5.20 -13.94
CA LYS A 112 15.03 -5.70 -15.17
C LYS A 112 13.56 -5.93 -14.87
N THR A 113 13.24 -6.62 -13.78
CA THR A 113 11.84 -6.86 -13.36
C THR A 113 11.22 -5.53 -12.90
N SER A 114 12.00 -4.53 -12.51
CA SER A 114 11.45 -3.26 -12.00
C SER A 114 10.66 -2.55 -13.12
N PHE A 115 11.01 -2.78 -14.39
CA PHE A 115 10.33 -2.11 -15.51
C PHE A 115 8.83 -2.49 -15.49
N ASP A 116 8.50 -3.76 -15.31
CA ASP A 116 7.10 -4.23 -15.50
C ASP A 116 6.43 -4.49 -14.14
N ILE A 117 7.20 -4.51 -13.06
CA ILE A 117 6.65 -4.58 -11.68
C ILE A 117 7.11 -3.33 -10.96
N PRO A 118 6.86 -2.11 -11.50
CA PRO A 118 7.44 -0.90 -10.94
C PRO A 118 6.86 -0.54 -9.57
N ILE A 119 5.57 -0.82 -9.33
CA ILE A 119 4.86 -0.36 -8.10
C ILE A 119 5.47 -1.08 -6.90
N GLU A 120 5.63 -2.41 -6.95
CA GLU A 120 6.24 -3.14 -5.81
C GLU A 120 7.70 -2.67 -5.62
N THR A 121 8.42 -2.34 -6.68
CA THR A 121 9.82 -1.88 -6.54
C THR A 121 9.84 -0.57 -5.76
N LEU A 122 8.99 0.38 -6.18
CA LEU A 122 8.91 1.71 -5.53
C LEU A 122 8.43 1.52 -4.08
N GLN A 123 7.41 0.69 -3.83
CA GLN A 123 6.81 0.50 -2.49
CA GLN A 123 6.81 0.50 -2.48
C GLN A 123 7.88 -0.09 -1.55
N THR A 124 8.49 -1.21 -1.94
CA THR A 124 9.40 -1.99 -1.07
C THR A 124 10.67 -1.18 -0.78
N ASN A 125 11.19 -0.45 -1.76
CA ASN A 125 12.52 0.21 -1.64
C ASN A 125 12.33 1.58 -0.98
N ILE A 126 11.46 2.43 -1.54
CA ILE A 126 11.23 3.80 -0.98
C ILE A 126 10.41 3.70 0.32
N ILE A 127 9.18 3.16 0.28
CA ILE A 127 8.29 3.12 1.47
C ILE A 127 8.88 2.20 2.55
N GLY A 128 9.39 1.02 2.16
CA GLY A 128 10.12 0.12 3.06
C GLY A 128 11.18 0.85 3.86
N THR A 129 12.03 1.64 3.19
CA THR A 129 13.12 2.40 3.84
C THR A 129 12.51 3.47 4.76
N ALA A 130 11.45 4.15 4.31
CA ALA A 130 10.70 5.14 5.11
C ALA A 130 10.10 4.46 6.35
N ASN A 131 9.58 3.25 6.25
CA ASN A 131 8.96 2.50 7.39
C ASN A 131 10.04 2.27 8.46
N ILE A 132 11.24 1.91 7.99
CA ILE A 132 12.38 1.65 8.90
C ILE A 132 12.76 2.95 9.61
N LEU A 133 12.97 4.01 8.86
CA LEU A 133 13.53 5.26 9.38
C LEU A 133 12.53 6.01 10.28
N GLU A 134 11.24 5.98 9.94
CA GLU A 134 10.20 6.66 10.75
C GLU A 134 10.09 5.90 12.08
N ASN A 135 10.16 4.56 12.05
CA ASN A 135 10.17 3.78 13.31
C ASN A 135 11.34 4.25 14.18
N ILE A 136 12.52 4.42 13.59
CA ILE A 136 13.75 4.78 14.35
C ILE A 136 13.56 6.21 14.90
N ARG A 137 13.09 7.13 14.07
CA ARG A 137 12.89 8.54 14.43
C ARG A 137 12.05 8.65 15.70
N ILE A 138 10.94 7.92 15.74
CA ILE A 138 9.92 8.00 16.82
C ILE A 138 10.55 7.40 18.08
N LEU A 139 11.26 6.27 17.99
CA LEU A 139 11.93 5.65 19.16
C LEU A 139 13.05 6.58 19.66
N LYS A 140 13.73 7.28 18.76
CA LYS A 140 14.78 8.26 19.17
C LYS A 140 14.12 9.38 19.99
N ALA A 141 13.01 9.95 19.52
CA ALA A 141 12.40 11.15 20.15
C ALA A 141 11.89 10.77 21.54
N LYS A 142 11.33 9.55 21.66
CA LYS A 142 10.68 9.06 22.92
C LYS A 142 11.76 8.64 23.90
N GLU A 143 12.70 7.81 23.47
CA GLU A 143 13.54 7.01 24.39
C GLU A 143 15.04 7.28 24.20
N GLY A 144 15.42 8.15 23.26
CA GLY A 144 16.82 8.49 22.93
C GLY A 144 17.58 7.38 22.21
N TYR A 145 16.90 6.36 21.69
CA TYR A 145 17.48 5.31 20.79
C TYR A 145 18.25 5.98 19.65
N ASP A 146 19.51 5.57 19.44
CA ASP A 146 20.49 6.30 18.61
C ASP A 146 21.38 5.30 17.90
N PRO A 147 20.79 4.44 17.05
CA PRO A 147 21.54 3.39 16.36
C PRO A 147 22.35 4.03 15.22
N VAL A 148 23.41 3.35 14.81
CA VAL A 148 24.03 3.62 13.48
C VAL A 148 23.18 2.96 12.40
N VAL A 149 22.84 3.69 11.34
CA VAL A 149 21.95 3.15 10.27
C VAL A 149 22.66 3.23 8.93
N HIS A 150 23.12 2.06 8.43
CA HIS A 150 23.59 1.85 7.04
C HIS A 150 22.37 1.77 6.12
N ILE A 151 22.19 2.79 5.29
CA ILE A 151 21.14 2.79 4.22
C ILE A 151 21.84 2.46 2.91
N CYS A 152 21.61 1.27 2.37
CA CYS A 152 22.26 0.82 1.13
C CYS A 152 21.47 1.39 -0.05
N SER A 153 22.13 2.26 -0.79
CA SER A 153 21.68 2.85 -2.07
C SER A 153 22.35 2.09 -3.22
N SER A 154 22.65 2.74 -4.34
CA SER A 154 23.19 2.08 -5.56
C SER A 154 23.85 3.15 -6.41
N SER A 155 24.93 2.78 -7.12
CA SER A 155 25.52 3.61 -8.21
C SER A 155 24.47 3.83 -9.30
N GLU A 156 23.39 3.03 -9.34
CA GLU A 156 22.28 3.22 -10.30
C GLU A 156 21.50 4.50 -9.98
N VAL A 157 21.75 5.18 -8.84
CA VAL A 157 21.20 6.57 -8.68
C VAL A 157 21.75 7.46 -9.81
N TYR A 158 22.92 7.17 -10.35
CA TYR A 158 23.57 8.01 -11.41
C TYR A 158 23.07 7.57 -12.80
N GLY A 159 22.23 6.54 -12.81
CA GLY A 159 21.62 5.89 -13.99
C GLY A 159 22.59 5.77 -15.14
N LYS A 160 22.19 6.32 -16.29
CA LYS A 160 22.97 6.36 -17.55
C LYS A 160 23.84 7.61 -17.51
N ALA A 161 25.05 7.46 -17.01
CA ALA A 161 26.03 8.54 -16.76
C ALA A 161 26.77 8.84 -18.07
N LYS A 162 27.35 10.04 -18.20
CA LYS A 162 28.14 10.38 -19.41
C LYS A 162 29.39 9.48 -19.45
N VAL A 163 29.67 8.95 -20.64
CA VAL A 163 30.77 7.98 -20.89
C VAL A 163 32.12 8.67 -20.67
N GLY A 164 33.08 7.91 -20.14
CA GLY A 164 34.49 8.31 -19.99
C GLY A 164 34.74 9.19 -18.80
N VAL A 165 33.74 9.37 -17.92
CA VAL A 165 33.87 10.21 -16.70
C VAL A 165 33.72 9.30 -15.48
N LYS A 166 34.55 9.52 -14.46
CA LYS A 166 34.43 8.84 -13.15
C LYS A 166 33.26 9.48 -12.37
N LEU A 167 32.40 8.63 -11.81
CA LEU A 167 31.40 8.98 -10.77
C LEU A 167 32.13 9.58 -9.56
N ASN A 168 31.59 10.65 -8.97
CA ASN A 168 31.83 11.05 -7.56
C ASN A 168 30.47 11.33 -6.89
N GLU A 169 30.47 11.74 -5.62
CA GLU A 169 29.23 11.79 -4.81
C GLU A 169 28.39 13.00 -5.24
N GLU A 170 28.95 13.92 -6.02
CA GLU A 170 28.21 15.15 -6.46
C GLU A 170 27.76 14.97 -7.92
N THR A 171 28.04 13.83 -8.56
CA THR A 171 27.55 13.52 -9.95
C THR A 171 26.02 13.61 -9.96
N ALA A 172 25.44 14.22 -11.00
CA ALA A 172 23.98 14.35 -11.17
C ALA A 172 23.35 12.95 -11.17
N PHE A 173 22.21 12.77 -10.50
CA PHE A 173 21.38 11.54 -10.52
C PHE A 173 20.67 11.44 -11.88
N HIS A 174 20.40 10.21 -12.31
CA HIS A 174 19.60 9.92 -13.53
C HIS A 174 18.73 8.68 -13.27
N GLY A 175 17.45 8.78 -13.60
CA GLY A 175 16.47 7.70 -13.39
C GLY A 175 16.44 6.77 -14.58
N ALA A 176 17.12 5.62 -14.50
CA ALA A 176 17.30 4.69 -15.64
C ALA A 176 16.26 3.57 -15.63
N SER A 177 15.56 3.39 -14.51
CA SER A 177 14.60 2.29 -14.27
C SER A 177 13.81 2.61 -13.02
N PRO A 178 12.68 1.93 -12.77
CA PRO A 178 11.96 2.08 -11.51
C PRO A 178 12.87 1.70 -10.35
N TYR A 179 13.75 0.71 -10.52
CA TYR A 179 14.72 0.31 -9.48
C TYR A 179 15.62 1.51 -9.15
N SER A 180 16.18 2.15 -10.18
CA SER A 180 17.05 3.35 -10.06
C SER A 180 16.32 4.46 -9.28
N ILE A 181 15.08 4.74 -9.65
CA ILE A 181 14.29 5.82 -9.00
C ILE A 181 13.99 5.43 -7.54
N SER A 182 13.73 4.15 -7.29
CA SER A 182 13.53 3.60 -5.93
C SER A 182 14.78 3.83 -5.08
N LYS A 183 15.96 3.64 -5.66
CA LYS A 183 17.22 3.84 -4.89
C LYS A 183 17.53 5.33 -4.76
N ILE A 184 17.13 6.16 -5.72
CA ILE A 184 17.21 7.64 -5.51
C ILE A 184 16.35 8.02 -4.29
N GLY A 185 15.18 7.43 -4.20
CA GLY A 185 14.24 7.65 -3.09
C GLY A 185 14.83 7.18 -1.79
N THR A 186 15.38 5.98 -1.80
CA THR A 186 16.08 5.34 -0.65
C THR A 186 17.22 6.25 -0.19
N ASP A 187 17.95 6.80 -1.15
CA ASP A 187 19.18 7.62 -0.90
C ASP A 187 18.75 8.90 -0.18
N TYR A 188 17.84 9.67 -0.76
CA TYR A 188 17.30 10.93 -0.17
C TYR A 188 16.68 10.69 1.21
N LEU A 189 15.98 9.57 1.42
CA LEU A 189 15.39 9.25 2.76
C LEU A 189 16.54 9.08 3.77
N GLY A 190 17.56 8.30 3.40
CA GLY A 190 18.78 8.17 4.20
C GLY A 190 19.38 9.53 4.55
N LYS A 191 19.58 10.42 3.60
CA LYS A 191 20.19 11.74 3.86
C LYS A 191 19.23 12.58 4.71
N PHE A 192 17.94 12.50 4.41
CA PHE A 192 16.94 13.38 5.02
C PHE A 192 16.77 13.03 6.51
N TYR A 193 16.65 11.75 6.88
CA TYR A 193 16.40 11.36 8.28
C TYR A 193 17.62 11.72 9.14
N GLY A 194 18.80 11.70 8.52
CA GLY A 194 20.07 12.06 9.15
C GLY A 194 20.10 13.55 9.42
N GLU A 195 19.87 14.35 8.40
CA GLU A 195 19.97 15.83 8.48
CA GLU A 195 19.96 15.82 8.48
C GLU A 195 18.84 16.35 9.38
N ALA A 196 17.63 15.79 9.28
CA ALA A 196 16.43 16.30 9.97
C ALA A 196 16.42 15.90 11.44
N TYR A 197 16.74 14.65 11.80
CA TYR A 197 16.53 14.14 13.18
C TYR A 197 17.84 13.72 13.86
N ASN A 198 18.99 13.91 13.23
CA ASN A 198 20.31 13.51 13.80
C ASN A 198 20.32 12.02 14.07
N ILE A 199 19.67 11.23 13.22
CA ILE A 199 19.86 9.74 13.15
C ILE A 199 21.19 9.52 12.44
N ARG A 200 22.04 8.67 13.02
CA ARG A 200 23.40 8.35 12.51
C ARG A 200 23.27 7.45 11.27
N THR A 201 22.61 7.94 10.24
CA THR A 201 22.56 7.24 8.95
C THR A 201 23.83 7.56 8.19
N PHE A 202 24.27 6.62 7.36
CA PHE A 202 25.14 6.86 6.19
C PHE A 202 24.57 6.07 5.00
N VAL A 203 24.81 6.59 3.80
CA VAL A 203 24.28 6.08 2.50
C VAL A 203 25.46 5.62 1.64
N THR A 204 25.41 4.37 1.17
CA THR A 204 26.45 3.74 0.32
C THR A 204 25.89 3.53 -1.09
N ARG A 205 26.47 4.20 -2.08
CA ARG A 205 26.05 4.07 -3.51
C ARG A 205 27.03 3.09 -4.16
N MET A 206 26.70 1.80 -4.15
CA MET A 206 27.67 0.73 -4.50
C MET A 206 27.72 0.51 -6.02
N GLY A 207 28.91 0.22 -6.54
CA GLY A 207 29.10 -0.48 -7.82
C GLY A 207 28.76 -1.96 -7.67
N THR A 208 29.16 -2.79 -8.65
CA THR A 208 28.81 -4.22 -8.72
C THR A 208 29.63 -4.99 -7.69
N HIS A 209 28.97 -5.65 -6.76
CA HIS A 209 29.63 -6.58 -5.82
C HIS A 209 28.99 -7.95 -6.00
N SER A 210 29.84 -8.95 -6.10
CA SER A 210 29.45 -10.27 -6.63
C SER A 210 30.28 -11.32 -5.92
N GLY A 211 30.30 -12.51 -6.49
CA GLY A 211 30.88 -13.70 -5.84
C GLY A 211 29.87 -14.82 -5.79
N PRO A 212 30.16 -15.86 -4.99
CA PRO A 212 29.45 -17.13 -5.12
C PRO A 212 27.97 -17.09 -4.70
N ARG A 213 27.49 -16.01 -4.09
CA ARG A 213 26.04 -15.92 -3.72
C ARG A 213 25.33 -14.88 -4.59
N ARG A 214 25.93 -14.46 -5.73
CA ARG A 214 25.26 -13.50 -6.63
C ARG A 214 23.99 -14.14 -7.20
N SER A 215 22.84 -13.48 -7.05
CA SER A 215 21.55 -13.98 -7.59
C SER A 215 21.74 -14.31 -9.07
N ASP A 216 21.03 -15.34 -9.53
CA ASP A 216 21.24 -15.97 -10.87
C ASP A 216 20.91 -14.98 -12.00
N VAL A 217 20.06 -14.00 -11.74
CA VAL A 217 19.51 -13.13 -12.82
C VAL A 217 20.52 -12.07 -13.25
N PHE A 218 21.48 -11.71 -12.38
CA PHE A 218 22.45 -10.62 -12.68
C PHE A 218 23.48 -11.13 -13.69
N PHE A 219 24.02 -10.19 -14.47
CA PHE A 219 24.87 -10.42 -15.66
C PHE A 219 25.91 -11.51 -15.41
N GLU A 220 26.87 -11.27 -14.53
CA GLU A 220 28.01 -12.20 -14.35
C GLU A 220 27.50 -13.55 -13.83
N SER A 221 26.41 -13.57 -13.04
CA SER A 221 25.79 -14.80 -12.51
C SER A 221 25.08 -15.58 -13.62
N THR A 222 24.26 -14.92 -14.44
CA THR A 222 23.57 -15.60 -15.57
C THR A 222 24.62 -16.14 -16.54
N VAL A 223 25.72 -15.41 -16.79
CA VAL A 223 26.75 -15.88 -17.75
C VAL A 223 27.42 -17.12 -17.17
N ALA A 224 27.76 -17.12 -15.87
CA ALA A 224 28.46 -18.25 -15.23
C ALA A 224 27.51 -19.45 -15.18
N LYS A 225 26.25 -19.19 -14.86
CA LYS A 225 25.17 -20.21 -14.74
C LYS A 225 24.98 -20.89 -16.08
N GLN A 226 24.89 -20.12 -17.15
CA GLN A 226 24.70 -20.68 -18.50
C GLN A 226 25.92 -21.52 -18.90
N ILE A 227 27.14 -21.09 -18.63
CA ILE A 227 28.35 -21.89 -18.92
C ILE A 227 28.24 -23.23 -18.16
N ALA A 228 27.81 -23.21 -16.90
CA ALA A 228 27.72 -24.41 -16.03
C ALA A 228 26.62 -25.35 -16.57
N LEU A 229 25.53 -24.79 -17.10
CA LEU A 229 24.42 -25.57 -17.71
C LEU A 229 24.95 -26.25 -18.99
N ILE A 230 25.75 -25.53 -19.76
CA ILE A 230 26.33 -26.03 -21.03
C ILE A 230 27.27 -27.18 -20.70
N GLU A 231 28.20 -27.00 -19.75
CA GLU A 231 29.18 -28.03 -19.33
C GLU A 231 28.43 -29.32 -18.91
N ALA A 232 27.29 -29.21 -18.26
CA ALA A 232 26.59 -30.33 -17.60
C ALA A 232 25.49 -30.93 -18.53
N GLY A 233 25.35 -30.41 -19.76
CA GLY A 233 24.44 -30.99 -20.78
C GLY A 233 23.00 -30.55 -20.59
N TYR A 234 22.80 -29.31 -20.15
CA TYR A 234 21.46 -28.71 -19.96
C TYR A 234 21.27 -27.52 -20.91
N GLN A 235 22.25 -27.19 -21.75
CA GLN A 235 22.07 -26.03 -22.67
C GLN A 235 22.94 -26.21 -23.92
N GLU A 236 22.37 -25.82 -25.05
CA GLU A 236 23.07 -25.56 -26.34
C GLU A 236 24.26 -24.65 -26.05
N PRO A 237 25.38 -24.79 -26.79
CA PRO A 237 26.58 -24.01 -26.52
C PRO A 237 26.47 -22.56 -27.04
N VAL A 238 25.39 -21.89 -26.63
CA VAL A 238 25.11 -20.43 -26.85
C VAL A 238 24.74 -19.81 -25.49
N ILE A 239 25.47 -18.78 -25.07
CA ILE A 239 25.10 -17.97 -23.88
C ILE A 239 24.17 -16.85 -24.38
N LYS A 240 22.98 -16.74 -23.78
CA LYS A 240 22.03 -15.63 -24.05
C LYS A 240 22.36 -14.45 -23.12
N VAL A 241 22.49 -13.27 -23.74
CA VAL A 241 22.86 -12.01 -23.04
C VAL A 241 21.98 -10.89 -23.58
N GLY A 242 22.07 -9.71 -22.96
CA GLY A 242 21.48 -8.49 -23.52
C GLY A 242 22.56 -7.56 -24.03
N ASN A 243 22.57 -6.34 -23.52
CA ASN A 243 23.46 -5.27 -24.01
C ASN A 243 24.87 -5.51 -23.46
N LEU A 244 25.86 -5.72 -24.33
CA LEU A 244 27.26 -5.95 -23.92
C LEU A 244 28.06 -4.65 -24.00
N SER A 245 27.49 -3.56 -24.52
CA SER A 245 28.13 -2.22 -24.57
C SER A 245 27.89 -1.55 -23.22
N SER A 246 28.52 -2.08 -22.19
CA SER A 246 28.30 -1.67 -20.79
C SER A 246 29.58 -1.90 -19.99
N VAL A 247 29.91 -0.96 -19.13
CA VAL A 247 31.13 -0.95 -18.24
C VAL A 247 30.66 -1.04 -16.79
N ARG A 248 31.29 -1.93 -16.05
CA ARG A 248 30.99 -2.21 -14.63
C ARG A 248 32.33 -2.24 -13.91
N THR A 249 32.34 -1.78 -12.66
CA THR A 249 33.45 -1.97 -11.71
C THR A 249 33.03 -3.04 -10.70
N PHE A 250 33.83 -4.07 -10.52
CA PHE A 250 33.47 -5.26 -9.71
C PHE A 250 34.36 -5.34 -8.48
N GLN A 251 33.77 -5.79 -7.38
CA GLN A 251 34.51 -6.26 -6.20
C GLN A 251 33.70 -7.42 -5.58
N ASP A 252 34.39 -8.30 -4.87
CA ASP A 252 33.74 -9.41 -4.16
C ASP A 252 32.94 -8.79 -3.01
N CYS A 253 31.75 -9.32 -2.71
CA CYS A 253 30.92 -8.89 -1.56
C CYS A 253 31.75 -8.89 -0.28
N ARG A 254 32.67 -9.85 -0.15
CA ARG A 254 33.51 -10.01 1.07
C ARG A 254 34.34 -8.74 1.31
N ASP A 255 34.71 -8.00 0.25
CA ASP A 255 35.39 -6.68 0.36
C ASP A 255 34.35 -5.58 0.64
N ALA A 256 33.16 -5.64 0.02
CA ALA A 256 32.15 -4.58 0.18
C ALA A 256 31.71 -4.54 1.66
N ILE A 257 31.49 -5.72 2.24
CA ILE A 257 30.94 -5.82 3.62
C ILE A 257 31.98 -5.23 4.59
N ARG A 258 33.29 -5.36 4.30
CA ARG A 258 34.36 -4.81 5.19
C ARG A 258 34.21 -3.29 5.22
N ALA A 259 33.99 -2.66 4.06
CA ALA A 259 33.79 -1.22 3.94
C ALA A 259 32.54 -0.81 4.75
N TYR A 260 31.49 -1.62 4.75
CA TYR A 260 30.22 -1.32 5.45
C TYR A 260 30.47 -1.33 6.95
N TYR A 261 31.17 -2.36 7.40
CA TYR A 261 31.61 -2.54 8.81
C TYR A 261 32.44 -1.32 9.26
N LEU A 262 33.49 -0.95 8.52
CA LEU A 262 34.46 0.10 8.91
C LEU A 262 33.76 1.46 8.93
N LEU A 263 32.89 1.74 7.94
CA LEU A 263 32.02 2.94 7.94
C LEU A 263 31.13 2.92 9.17
N SER A 264 30.61 1.77 9.59
CA SER A 264 29.70 1.67 10.76
C SER A 264 30.44 2.10 12.03
N LEU A 265 31.74 1.77 12.13
CA LEU A 265 32.55 2.11 13.33
C LEU A 265 32.79 3.62 13.35
N GLU A 266 33.10 4.20 12.20
CA GLU A 266 33.30 5.66 12.02
C GLU A 266 32.02 6.44 12.32
N SER A 267 30.83 5.89 12.03
CA SER A 267 29.53 6.55 12.33
C SER A 267 29.33 6.55 13.85
N GLU A 268 29.57 5.39 14.46
CA GLU A 268 29.54 5.22 15.94
C GLU A 268 30.44 6.26 16.62
N LYS A 269 31.61 6.52 16.00
CA LYS A 269 32.70 7.39 16.54
C LYS A 269 32.37 8.87 16.37
N GLY A 270 31.30 9.22 15.64
CA GLY A 270 30.97 10.61 15.32
C GLY A 270 31.78 11.18 14.16
N ASN A 271 32.46 10.33 13.38
CA ASN A 271 33.33 10.76 12.25
C ASN A 271 32.55 10.84 10.92
N ILE A 272 31.34 10.27 10.84
CA ILE A 272 30.48 10.33 9.62
CA ILE A 272 30.47 10.32 9.61
C ILE A 272 29.25 11.19 9.90
N PRO A 273 29.18 12.43 9.38
CA PRO A 273 27.98 13.24 9.55
C PRO A 273 26.71 12.43 9.26
N CYS A 274 25.66 12.65 10.05
CA CYS A 274 24.32 12.07 9.82
C CYS A 274 23.93 12.28 8.36
N GLY A 275 23.71 11.17 7.65
CA GLY A 275 23.20 11.15 6.26
C GLY A 275 24.29 11.42 5.24
N GLU A 276 25.57 11.23 5.57
CA GLU A 276 26.67 11.38 4.58
C GLU A 276 26.55 10.27 3.53
N ALA A 277 26.80 10.59 2.27
CA ALA A 277 26.77 9.63 1.14
C ALA A 277 28.21 9.32 0.71
N PHE A 278 28.42 8.08 0.28
CA PHE A 278 29.71 7.51 -0.18
C PHE A 278 29.46 6.64 -1.41
N ASN A 279 30.15 6.94 -2.51
CA ASN A 279 30.36 5.95 -3.60
C ASN A 279 31.34 4.90 -3.10
N ILE A 280 31.07 3.63 -3.33
CA ILE A 280 32.01 2.51 -3.00
C ILE A 280 32.00 1.55 -4.18
N ALA A 281 33.18 1.19 -4.65
CA ALA A 281 33.37 0.22 -5.75
C ALA A 281 34.80 -0.34 -5.69
N GLY A 282 35.07 -1.40 -6.44
CA GLY A 282 36.37 -2.05 -6.47
C GLY A 282 37.37 -1.28 -7.30
N GLU A 283 38.53 -1.90 -7.56
CA GLU A 283 39.65 -1.33 -8.36
C GLU A 283 39.44 -1.69 -9.82
N GLU A 284 38.85 -2.86 -10.07
CA GLU A 284 38.90 -3.52 -11.40
C GLU A 284 37.62 -3.23 -12.16
N ALA A 285 37.75 -2.47 -13.24
CA ALA A 285 36.65 -2.17 -14.19
C ALA A 285 36.82 -3.04 -15.44
N PHE A 286 35.72 -3.44 -16.08
CA PHE A 286 35.68 -4.26 -17.32
C PHE A 286 34.50 -3.86 -18.20
N LYS A 287 34.71 -3.92 -19.52
CA LYS A 287 33.61 -4.00 -20.51
CA LYS A 287 33.62 -4.00 -20.50
C LYS A 287 33.05 -5.42 -20.39
N LEU A 288 31.74 -5.57 -20.54
CA LEU A 288 31.04 -6.85 -20.26
C LEU A 288 31.64 -8.01 -21.06
N PRO A 289 32.03 -7.89 -22.36
CA PRO A 289 32.65 -9.02 -23.06
C PRO A 289 33.91 -9.56 -22.35
N GLU A 290 34.67 -8.71 -21.68
CA GLU A 290 35.90 -9.16 -20.97
C GLU A 290 35.49 -10.11 -19.83
N VAL A 291 34.32 -9.88 -19.25
CA VAL A 291 33.84 -10.69 -18.08
C VAL A 291 33.48 -12.08 -18.60
N ILE A 292 32.82 -12.14 -19.77
CA ILE A 292 32.48 -13.41 -20.45
C ILE A 292 33.77 -14.17 -20.80
N ASP A 293 34.80 -13.48 -21.32
CA ASP A 293 36.06 -14.16 -21.77
C ASP A 293 36.78 -14.77 -20.56
N ILE A 294 36.76 -14.07 -19.43
CA ILE A 294 37.35 -14.55 -18.14
C ILE A 294 36.64 -15.82 -17.71
N LEU A 295 35.31 -15.83 -17.78
CA LEU A 295 34.52 -17.03 -17.38
C LEU A 295 34.70 -18.15 -18.42
N LEU A 296 34.72 -17.84 -19.72
CA LEU A 296 34.92 -18.90 -20.75
C LEU A 296 36.30 -19.51 -20.54
N ASN A 297 37.32 -18.72 -20.16
CA ASN A 297 38.71 -19.23 -20.01
CA ASN A 297 38.72 -19.20 -19.98
C ASN A 297 38.78 -20.18 -18.80
N PHE A 298 37.75 -20.19 -17.94
CA PHE A 298 37.68 -21.16 -16.81
C PHE A 298 36.99 -22.46 -17.27
N SER A 299 36.50 -22.54 -18.50
CA SER A 299 35.76 -23.73 -19.02
C SER A 299 36.62 -24.48 -20.04
N ASP A 300 36.67 -25.82 -19.92
CA ASP A 300 37.20 -26.72 -20.97
C ASP A 300 36.36 -26.57 -22.26
N MET A 301 35.06 -26.23 -22.14
CA MET A 301 34.11 -26.04 -23.27
C MET A 301 34.23 -24.62 -23.85
N GLY A 302 35.17 -23.80 -23.35
CA GLY A 302 35.12 -22.33 -23.49
C GLY A 302 35.34 -21.87 -24.92
N ARG A 303 36.19 -22.54 -25.68
CA ARG A 303 36.51 -22.11 -27.07
C ARG A 303 35.32 -22.42 -28.00
N GLY A 304 34.40 -23.29 -27.60
CA GLY A 304 33.31 -23.77 -28.48
C GLY A 304 31.96 -23.10 -28.23
N ILE A 305 31.88 -22.07 -27.38
CA ILE A 305 30.59 -21.48 -26.91
C ILE A 305 30.37 -20.10 -27.54
N GLU A 306 29.24 -19.92 -28.24
CA GLU A 306 28.92 -18.59 -28.84
CA GLU A 306 28.77 -18.65 -28.89
C GLU A 306 28.08 -17.76 -27.86
N VAL A 307 28.10 -16.43 -28.08
CA VAL A 307 27.39 -15.40 -27.26
C VAL A 307 26.37 -14.72 -28.17
N ARG A 308 25.09 -14.72 -27.79
CA ARG A 308 23.97 -14.16 -28.60
C ARG A 308 23.17 -13.13 -27.78
N GLN A 309 23.02 -11.93 -28.32
CA GLN A 309 22.10 -10.91 -27.78
C GLN A 309 20.65 -11.34 -28.09
N VAL A 310 19.78 -11.34 -27.07
CA VAL A 310 18.34 -11.69 -27.22
C VAL A 310 17.50 -10.53 -26.68
N GLU A 311 16.33 -10.30 -27.29
CA GLU A 311 15.49 -9.10 -27.06
C GLU A 311 15.06 -9.03 -25.59
N ASP A 312 14.74 -10.17 -25.00
CA ASP A 312 14.10 -10.24 -23.65
C ASP A 312 15.14 -9.87 -22.56
N ARG A 313 16.43 -9.73 -22.86
CA ARG A 313 17.46 -9.32 -21.85
C ARG A 313 17.83 -7.85 -22.07
N MET A 314 17.23 -7.20 -23.08
CA MET A 314 17.42 -5.77 -23.38
C MET A 314 16.51 -4.94 -22.47
N ARG A 315 16.79 -3.64 -22.32
CA ARG A 315 16.12 -2.76 -21.35
C ARG A 315 15.74 -1.46 -22.04
N PRO A 316 14.60 -0.83 -21.68
CA PRO A 316 14.21 0.44 -22.30
C PRO A 316 15.29 1.52 -22.15
N ILE A 317 16.00 1.54 -21.03
CA ILE A 317 17.18 2.41 -20.75
C ILE A 317 18.18 1.51 -20.02
N ASP A 318 19.45 1.53 -20.44
CA ASP A 318 20.53 0.76 -19.75
C ASP A 318 21.48 1.76 -19.09
N ALA A 319 21.60 1.69 -17.76
CA ALA A 319 22.64 2.39 -16.98
C ALA A 319 23.96 1.70 -17.34
N ASP A 320 24.55 2.08 -18.48
CA ASP A 320 25.55 1.26 -19.23
C ASP A 320 26.98 1.71 -18.87
N TYR A 321 27.20 2.62 -17.92
CA TYR A 321 28.58 3.11 -17.61
C TYR A 321 28.76 3.41 -16.13
N GLN A 322 29.60 2.63 -15.45
CA GLN A 322 29.84 2.75 -13.99
C GLN A 322 31.34 2.61 -13.73
N MET A 323 32.04 3.76 -13.73
CA MET A 323 33.43 3.91 -13.27
C MET A 323 33.45 4.98 -12.17
N PHE A 324 34.39 4.86 -11.23
CA PHE A 324 34.34 5.52 -9.90
C PHE A 324 35.65 6.21 -9.53
N ASP A 325 35.51 7.44 -9.03
CA ASP A 325 36.50 8.11 -8.15
C ASP A 325 36.16 7.74 -6.70
N ASN A 326 36.96 6.85 -6.13
CA ASN A 326 36.84 6.29 -4.75
C ASN A 326 37.58 7.17 -3.73
N SER A 327 37.93 8.42 -4.07
CA SER A 327 38.74 9.28 -3.16
CA SER A 327 38.71 9.34 -3.19
C SER A 327 37.97 9.56 -1.86
N LYS A 328 36.65 9.83 -1.93
CA LYS A 328 35.89 10.15 -0.68
C LYS A 328 35.94 8.95 0.28
N ILE A 329 35.52 7.75 -0.11
CA ILE A 329 35.43 6.62 0.85
C ILE A 329 36.82 6.31 1.47
N LYS A 330 37.87 6.36 0.66
CA LYS A 330 39.25 6.01 1.11
C LYS A 330 39.83 7.07 2.07
N SER A 331 39.26 8.28 2.10
CA SER A 331 39.66 9.35 3.05
C SER A 331 38.98 9.17 4.42
N PHE A 332 37.88 8.40 4.50
CA PHE A 332 37.09 8.20 5.74
C PHE A 332 37.41 6.84 6.42
N ILE A 333 37.76 5.82 5.64
CA ILE A 333 38.12 4.48 6.17
C ILE A 333 39.42 4.00 5.50
N ASP A 334 40.18 3.19 6.22
CA ASP A 334 41.40 2.50 5.72
C ASP A 334 40.96 1.20 5.02
N TRP A 335 40.70 1.27 3.72
CA TRP A 335 39.97 0.21 2.96
C TRP A 335 40.30 0.26 1.48
N LYS A 336 40.58 -0.91 0.91
CA LYS A 336 40.55 -1.20 -0.55
C LYS A 336 40.04 -2.64 -0.74
N ALA A 337 39.46 -2.94 -1.90
CA ALA A 337 39.17 -4.32 -2.35
C ALA A 337 40.49 -5.07 -2.47
N GLU A 338 40.60 -6.26 -1.88
CA GLU A 338 41.83 -7.09 -1.95
C GLU A 338 41.57 -8.35 -2.77
N ILE A 339 40.34 -8.85 -2.85
CA ILE A 339 40.03 -10.13 -3.58
C ILE A 339 40.04 -9.86 -5.10
N PRO A 340 40.87 -10.56 -5.89
CA PRO A 340 40.87 -10.36 -7.34
C PRO A 340 39.51 -10.78 -7.92
N VAL A 341 39.04 -10.02 -8.90
CA VAL A 341 37.72 -10.25 -9.55
C VAL A 341 37.74 -11.60 -10.27
N ARG A 342 38.89 -12.02 -10.82
CA ARG A 342 39.02 -13.34 -11.49
C ARG A 342 38.65 -14.43 -10.48
N GLN A 343 39.04 -14.26 -9.22
CA GLN A 343 38.77 -15.26 -8.15
C GLN A 343 37.28 -15.19 -7.79
N MET A 344 36.73 -13.99 -7.69
CA MET A 344 35.27 -13.79 -7.43
C MET A 344 34.46 -14.52 -8.52
N LEU A 345 34.86 -14.35 -9.79
CA LEU A 345 34.13 -14.88 -10.96
C LEU A 345 34.27 -16.42 -10.97
N LYS A 346 35.46 -16.93 -10.65
CA LYS A 346 35.75 -18.38 -10.55
C LYS A 346 34.88 -19.01 -9.47
N ASP A 347 34.82 -18.39 -8.29
CA ASP A 347 33.95 -18.85 -7.18
C ASP A 347 32.48 -18.91 -7.63
N LEU A 348 32.01 -17.94 -8.43
CA LEU A 348 30.59 -17.86 -8.90
C LEU A 348 30.34 -18.99 -9.89
N LEU A 349 31.27 -19.24 -10.83
CA LEU A 349 31.11 -20.35 -11.81
C LEU A 349 31.06 -21.68 -11.05
N ASN A 350 31.96 -21.84 -10.09
CA ASN A 350 32.04 -23.09 -9.29
C ASN A 350 30.76 -23.24 -8.47
N HIS A 351 30.16 -22.12 -8.03
CA HIS A 351 28.87 -22.19 -7.31
C HIS A 351 27.85 -22.89 -8.22
N TRP A 352 27.75 -22.48 -9.49
CA TRP A 352 26.67 -22.97 -10.40
C TRP A 352 26.96 -24.41 -10.77
N ARG A 353 28.21 -24.76 -11.00
CA ARG A 353 28.61 -26.17 -11.23
C ARG A 353 28.10 -27.03 -10.06
N ASN A 354 28.39 -26.62 -8.84
CA ASN A 354 27.98 -27.34 -7.61
CA ASN A 354 27.97 -27.37 -7.62
C ASN A 354 26.44 -27.49 -7.59
N GLU A 355 25.73 -26.38 -7.82
CA GLU A 355 24.24 -26.32 -7.82
C GLU A 355 23.70 -27.39 -8.77
N ILE A 356 24.26 -27.47 -9.98
CA ILE A 356 23.75 -28.42 -11.00
C ILE A 356 24.10 -29.86 -10.61
N LYS A 357 25.33 -30.09 -10.15
CA LYS A 357 25.82 -31.39 -9.59
C LYS A 357 24.84 -31.91 -8.52
N ARG A 358 24.26 -31.00 -7.72
CA ARG A 358 23.38 -31.35 -6.59
C ARG A 358 21.91 -31.50 -7.05
N GLY A 359 21.62 -31.40 -8.34
CA GLY A 359 20.25 -31.54 -8.88
C GLY A 359 19.41 -30.28 -8.72
N ARG A 360 20.00 -29.19 -8.23
CA ARG A 360 19.30 -27.88 -8.06
C ARG A 360 19.45 -27.12 -9.39
N ILE A 361 18.75 -27.62 -10.40
CA ILE A 361 18.80 -27.15 -11.82
C ILE A 361 18.18 -25.76 -11.83
N PRO A 362 18.95 -24.71 -12.16
CA PRO A 362 18.40 -23.36 -12.26
C PRO A 362 17.70 -23.12 -13.60
N LEU A 363 16.80 -22.14 -13.62
CA LEU A 363 16.32 -21.52 -14.88
C LEU A 363 17.54 -20.94 -15.61
N ASN A 364 17.47 -20.82 -16.93
CA ASN A 364 18.58 -20.27 -17.74
C ASN A 364 18.48 -18.73 -17.84
N ARG A 365 17.54 -18.11 -17.13
CA ARG A 365 17.15 -16.66 -17.22
C ARG A 365 18.31 -15.70 -16.89
N LYS B 24 -5.19 -24.33 -25.10
CA LYS B 24 -5.86 -23.97 -23.79
C LYS B 24 -4.79 -23.70 -22.71
N THR B 25 -4.87 -22.55 -22.03
CA THR B 25 -3.78 -22.00 -21.17
C THR B 25 -4.25 -21.87 -19.71
N ALA B 26 -3.44 -22.38 -18.80
CA ALA B 26 -3.71 -22.39 -17.33
C ALA B 26 -2.65 -21.57 -16.60
N LEU B 27 -3.11 -20.54 -15.88
CA LEU B 27 -2.28 -19.69 -15.00
C LEU B 27 -2.32 -20.28 -13.58
N ILE B 28 -1.15 -20.50 -12.98
CA ILE B 28 -1.05 -20.88 -11.55
C ILE B 28 -0.34 -19.73 -10.83
N THR B 29 -1.09 -18.99 -9.99
CA THR B 29 -0.52 -18.11 -8.94
C THR B 29 -0.04 -18.99 -7.80
N GLY B 30 1.08 -18.64 -7.16
CA GLY B 30 1.68 -19.45 -6.08
C GLY B 30 2.30 -20.70 -6.64
N PHE B 31 2.83 -20.63 -7.85
CA PHE B 31 3.46 -21.74 -8.62
C PHE B 31 4.60 -22.34 -7.79
N THR B 32 5.35 -21.51 -7.07
CA THR B 32 6.53 -21.95 -6.28
C THR B 32 6.08 -22.58 -4.96
N GLY B 33 4.80 -22.44 -4.61
CA GLY B 33 4.25 -22.95 -3.34
C GLY B 33 3.97 -24.44 -3.36
N GLN B 34 3.50 -24.98 -2.23
CA GLN B 34 3.21 -26.42 -2.04
C GLN B 34 2.24 -26.86 -3.14
N VAL B 35 1.05 -26.29 -3.15
CA VAL B 35 -0.08 -26.76 -3.99
C VAL B 35 0.17 -26.34 -5.44
N GLY B 36 0.56 -25.09 -5.65
CA GLY B 36 0.74 -24.55 -7.00
C GLY B 36 1.75 -25.36 -7.78
N SER B 37 2.89 -25.68 -7.16
CA SER B 37 3.97 -26.49 -7.81
C SER B 37 3.41 -27.86 -8.18
N GLN B 38 2.61 -28.46 -7.30
CA GLN B 38 2.03 -29.80 -7.57
C GLN B 38 0.89 -29.68 -8.59
N MET B 39 0.24 -28.51 -8.69
CA MET B 39 -0.82 -28.32 -9.70
C MET B 39 -0.17 -28.29 -11.08
N ALA B 40 1.02 -27.66 -11.21
CA ALA B 40 1.74 -27.58 -12.50
C ALA B 40 2.13 -28.98 -12.95
N ASP B 41 2.59 -29.82 -12.02
CA ASP B 41 2.88 -31.26 -12.28
C ASP B 41 1.61 -31.98 -12.75
N PHE B 42 0.47 -31.79 -12.09
CA PHE B 42 -0.81 -32.46 -12.44
C PHE B 42 -1.22 -32.10 -13.86
N LEU B 43 -1.23 -30.80 -14.17
CA LEU B 43 -1.69 -30.33 -15.50
C LEU B 43 -0.74 -30.85 -16.59
N LEU B 44 0.57 -30.85 -16.35
CA LEU B 44 1.52 -31.30 -17.40
C LEU B 44 1.33 -32.80 -17.68
N GLU B 45 1.08 -33.61 -16.66
CA GLU B 45 0.97 -35.08 -16.82
C GLU B 45 -0.42 -35.46 -17.38
N ASN B 46 -1.47 -34.72 -17.02
CA ASN B 46 -2.88 -35.20 -17.14
C ASN B 46 -3.70 -34.37 -18.14
N THR B 47 -3.15 -33.29 -18.71
CA THR B 47 -3.87 -32.41 -19.67
C THR B 47 -2.94 -32.07 -20.84
N ASP B 48 -3.50 -31.46 -21.88
CA ASP B 48 -2.73 -30.88 -23.02
C ASP B 48 -2.57 -29.37 -22.80
N TYR B 49 -2.88 -28.87 -21.60
CA TYR B 49 -2.79 -27.42 -21.24
C TYR B 49 -1.34 -26.93 -21.31
N ASP B 50 -1.14 -25.81 -21.99
CA ASP B 50 0.01 -24.92 -21.71
C ASP B 50 -0.16 -24.36 -20.28
N VAL B 51 0.96 -24.22 -19.57
CA VAL B 51 0.99 -23.80 -18.15
C VAL B 51 1.86 -22.57 -18.02
N ILE B 52 1.30 -21.55 -17.37
CA ILE B 52 2.01 -20.32 -16.90
C ILE B 52 2.06 -20.35 -15.39
N GLY B 53 3.26 -20.32 -14.83
CA GLY B 53 3.53 -20.18 -13.39
C GLY B 53 3.87 -18.74 -13.09
N MET B 54 3.01 -18.06 -12.36
CA MET B 54 3.30 -16.72 -11.81
C MET B 54 4.26 -16.87 -10.63
N MET B 55 5.27 -16.00 -10.56
CA MET B 55 6.17 -15.90 -9.38
C MET B 55 6.81 -14.51 -9.35
N ARG B 56 7.15 -14.04 -8.17
CA ARG B 56 8.17 -12.98 -7.95
C ARG B 56 9.54 -13.61 -8.25
N TRP B 57 10.44 -12.90 -8.93
CA TRP B 57 11.67 -13.51 -9.50
C TRP B 57 12.48 -14.21 -8.41
N GLN B 58 12.45 -13.73 -7.17
CA GLN B 58 13.41 -14.22 -6.11
C GLN B 58 12.77 -15.34 -5.29
N GLU B 59 11.60 -15.84 -5.68
CA GLU B 59 10.91 -16.84 -4.85
C GLU B 59 11.78 -18.09 -4.72
N PRO B 60 11.57 -18.84 -3.63
CA PRO B 60 12.22 -20.13 -3.44
C PRO B 60 12.01 -21.07 -4.63
N MET B 61 13.07 -21.77 -5.05
CA MET B 61 12.96 -22.73 -6.18
C MET B 61 12.86 -24.21 -5.78
N ASP B 62 12.76 -24.47 -4.48
CA ASP B 62 12.78 -25.82 -3.86
C ASP B 62 11.73 -26.73 -4.50
N ASN B 63 10.53 -26.20 -4.74
CA ASN B 63 9.40 -27.03 -5.21
C ASN B 63 9.43 -27.19 -6.73
N ILE B 64 10.31 -26.49 -7.46
CA ILE B 64 10.21 -26.46 -8.95
C ILE B 64 11.52 -26.78 -9.68
N TYR B 65 12.60 -27.16 -8.97
CA TYR B 65 13.90 -27.53 -9.59
C TYR B 65 13.69 -28.55 -10.72
N HIS B 66 12.74 -29.48 -10.55
CA HIS B 66 12.50 -30.60 -11.50
C HIS B 66 11.80 -30.11 -12.77
N LEU B 67 11.34 -28.85 -12.78
CA LEU B 67 10.66 -28.27 -13.97
C LEU B 67 11.59 -27.31 -14.72
N SER B 68 12.72 -26.92 -14.12
CA SER B 68 13.67 -25.92 -14.72
C SER B 68 14.02 -26.31 -16.15
N ASP B 69 14.34 -27.59 -16.38
CA ASP B 69 14.88 -28.05 -17.69
C ASP B 69 13.82 -27.79 -18.77
N ARG B 70 12.60 -28.24 -18.54
CA ARG B 70 11.52 -28.14 -19.55
C ARG B 70 11.08 -26.69 -19.68
N ILE B 71 11.20 -25.88 -18.62
CA ILE B 71 10.95 -24.41 -18.71
C ILE B 71 12.02 -23.78 -19.61
N ASN B 72 13.28 -24.14 -19.39
CA ASN B 72 14.43 -23.60 -20.17
C ASN B 72 14.20 -23.93 -21.65
N LYS B 73 13.59 -25.09 -21.91
CA LYS B 73 13.40 -25.66 -23.25
C LYS B 73 12.02 -25.29 -23.81
N LYS B 74 11.24 -24.47 -23.10
CA LYS B 74 9.98 -23.88 -23.62
C LYS B 74 8.97 -24.99 -23.95
N ASP B 75 8.95 -26.05 -23.14
CA ASP B 75 8.09 -27.25 -23.33
C ASP B 75 6.84 -27.12 -22.44
N ARG B 76 5.81 -26.48 -22.96
CA ARG B 76 4.42 -26.45 -22.41
C ARG B 76 4.29 -25.62 -21.12
N ILE B 77 5.38 -25.26 -20.44
CA ILE B 77 5.33 -24.43 -19.20
C ILE B 77 6.28 -23.23 -19.34
N SER B 78 5.80 -22.09 -18.89
CA SER B 78 6.51 -20.78 -18.93
C SER B 78 6.24 -20.04 -17.61
N ILE B 79 7.07 -19.05 -17.31
CA ILE B 79 6.98 -18.25 -16.06
C ILE B 79 6.57 -16.86 -16.49
N PHE B 80 5.65 -16.28 -15.74
CA PHE B 80 5.32 -14.84 -15.83
C PHE B 80 5.69 -14.20 -14.51
N TYR B 81 6.50 -13.13 -14.54
CA TYR B 81 6.91 -12.39 -13.33
C TYR B 81 5.86 -11.33 -13.01
N ALA B 82 5.20 -11.47 -11.88
CA ALA B 82 4.20 -10.52 -11.36
C ALA B 82 4.14 -10.68 -9.84
N ASP B 83 3.63 -9.67 -9.17
CA ASP B 83 3.47 -9.61 -7.70
C ASP B 83 2.00 -9.36 -7.41
N LEU B 84 1.45 -10.05 -6.42
CA LEU B 84 0.04 -9.86 -5.96
C LEU B 84 -0.21 -8.41 -5.65
N ASN B 85 0.78 -7.68 -5.16
CA ASN B 85 0.58 -6.28 -4.69
C ASN B 85 0.94 -5.28 -5.80
N ASP B 86 1.22 -5.75 -7.02
CA ASP B 86 1.51 -4.82 -8.15
C ASP B 86 0.43 -5.04 -9.21
N TYR B 87 -0.61 -4.21 -9.18
CA TYR B 87 -1.77 -4.33 -10.09
C TYR B 87 -1.25 -4.27 -11.54
N SER B 88 -0.27 -3.40 -11.81
CA SER B 88 0.23 -3.16 -13.19
C SER B 88 0.86 -4.44 -13.71
N SER B 89 1.48 -5.23 -12.82
CA SER B 89 2.18 -6.48 -13.20
C SER B 89 1.09 -7.52 -13.54
N LEU B 90 -0.01 -7.53 -12.81
CA LEU B 90 -1.14 -8.44 -13.10
C LEU B 90 -1.88 -7.98 -14.36
N GLN B 91 -1.98 -6.66 -14.58
CA GLN B 91 -2.62 -6.10 -15.81
C GLN B 91 -1.88 -6.68 -17.02
N LYS B 92 -0.54 -6.57 -17.05
CA LYS B 92 0.30 -7.09 -18.17
C LYS B 92 0.07 -8.61 -18.33
N LEU B 93 -0.06 -9.35 -17.22
CA LEU B 93 -0.26 -10.82 -17.19
C LEU B 93 -1.57 -11.15 -17.94
N PHE B 94 -2.71 -10.64 -17.48
CA PHE B 94 -4.04 -10.99 -18.05
C PHE B 94 -4.15 -10.46 -19.49
N GLU B 95 -3.63 -9.28 -19.77
CA GLU B 95 -3.74 -8.69 -21.13
C GLU B 95 -2.92 -9.51 -22.13
N SER B 96 -1.63 -9.75 -21.85
CA SER B 96 -0.68 -10.42 -22.75
C SER B 96 -0.97 -11.93 -22.83
N GLN B 97 -1.39 -12.60 -21.74
CA GLN B 97 -1.38 -14.08 -21.66
C GLN B 97 -2.82 -14.64 -21.74
N ARG B 98 -3.82 -13.87 -21.30
CA ARG B 98 -5.27 -14.23 -21.32
C ARG B 98 -5.50 -15.68 -20.90
N PRO B 99 -5.03 -16.16 -19.73
CA PRO B 99 -5.28 -17.55 -19.34
C PRO B 99 -6.77 -17.95 -19.39
N ASP B 100 -7.05 -19.16 -19.89
CA ASP B 100 -8.42 -19.70 -20.02
C ASP B 100 -8.89 -20.13 -18.63
N VAL B 101 -7.97 -20.56 -17.78
CA VAL B 101 -8.29 -21.01 -16.41
C VAL B 101 -7.19 -20.47 -15.50
N ILE B 102 -7.57 -20.11 -14.27
CA ILE B 102 -6.69 -19.49 -13.25
C ILE B 102 -6.89 -20.24 -11.95
N PHE B 103 -5.80 -20.76 -11.40
CA PHE B 103 -5.75 -21.38 -10.06
C PHE B 103 -5.04 -20.34 -9.19
N HIS B 104 -5.83 -19.56 -8.46
CA HIS B 104 -5.33 -18.46 -7.60
C HIS B 104 -4.99 -19.02 -6.23
N LEU B 105 -3.75 -19.47 -6.03
CA LEU B 105 -3.27 -20.14 -4.81
C LEU B 105 -2.29 -19.24 -4.04
N ALA B 106 -1.75 -18.21 -4.68
CA ALA B 106 -0.75 -17.31 -4.07
C ALA B 106 -1.37 -16.61 -2.86
N ALA B 107 -0.66 -16.64 -1.73
CA ALA B 107 -1.10 -16.06 -0.44
C ALA B 107 0.07 -16.05 0.53
N GLN B 108 0.03 -15.16 1.52
CA GLN B 108 0.67 -15.38 2.85
C GLN B 108 -0.17 -16.48 3.54
N SER B 109 0.37 -17.71 3.60
CA SER B 109 -0.34 -18.97 3.94
C SER B 109 -0.29 -19.30 5.45
N TYR B 110 0.55 -18.59 6.21
CA TYR B 110 0.94 -18.98 7.60
C TYR B 110 0.23 -18.12 8.64
N PRO B 111 -0.65 -18.70 9.47
CA PRO B 111 -1.35 -17.94 10.51
C PRO B 111 -0.45 -17.34 11.60
N LYS B 112 0.61 -18.04 11.97
CA LYS B 112 1.41 -17.65 13.17
C LYS B 112 2.09 -16.29 12.94
N THR B 113 2.71 -16.08 11.79
CA THR B 113 3.38 -14.80 11.43
C THR B 113 2.32 -13.73 11.20
N SER B 114 1.11 -14.11 10.81
CA SER B 114 0.03 -13.15 10.47
C SER B 114 -0.34 -12.32 11.72
N PHE B 115 -0.12 -12.87 12.93
CA PHE B 115 -0.40 -12.14 14.19
C PHE B 115 0.47 -10.88 14.25
N ASP B 116 1.77 -11.01 13.97
CA ASP B 116 2.74 -9.91 14.20
C ASP B 116 3.06 -9.21 12.88
N ILE B 117 2.64 -9.78 11.76
CA ILE B 117 2.80 -9.14 10.43
C ILE B 117 1.42 -9.09 9.78
N PRO B 118 0.42 -8.48 10.44
CA PRO B 118 -0.97 -8.55 9.99
C PRO B 118 -1.25 -7.73 8.72
N ILE B 119 -0.64 -6.56 8.59
CA ILE B 119 -0.88 -5.64 7.47
C ILE B 119 -0.54 -6.36 6.15
N GLU B 120 0.63 -7.00 6.07
CA GLU B 120 1.06 -7.66 4.80
C GLU B 120 0.17 -8.87 4.52
N THR B 121 -0.20 -9.65 5.52
CA THR B 121 -1.15 -10.77 5.34
C THR B 121 -2.45 -10.22 4.71
N LEU B 122 -3.02 -9.15 5.26
CA LEU B 122 -4.32 -8.61 4.77
C LEU B 122 -4.13 -8.02 3.37
N GLN B 123 -3.04 -7.28 3.16
CA GLN B 123 -2.77 -6.57 1.88
CA GLN B 123 -2.78 -6.57 1.87
C GLN B 123 -2.61 -7.63 0.77
N THR B 124 -1.70 -8.60 0.96
CA THR B 124 -1.37 -9.64 -0.05
C THR B 124 -2.59 -10.53 -0.33
N ASN B 125 -3.37 -10.88 0.71
CA ASN B 125 -4.42 -11.91 0.60
C ASN B 125 -5.69 -11.25 0.07
N ILE B 126 -6.19 -10.20 0.73
CA ILE B 126 -7.46 -9.50 0.35
C ILE B 126 -7.20 -8.65 -0.89
N ILE B 127 -6.26 -7.71 -0.83
CA ILE B 127 -6.05 -6.69 -1.90
CA ILE B 127 -6.11 -6.71 -1.92
C ILE B 127 -5.41 -7.40 -3.11
N GLY B 128 -4.48 -8.32 -2.86
CA GLY B 128 -3.91 -9.16 -3.93
C GLY B 128 -5.01 -9.86 -4.72
N THR B 129 -5.96 -10.49 -4.03
CA THR B 129 -7.12 -11.16 -4.67
C THR B 129 -7.95 -10.10 -5.42
N ALA B 130 -8.17 -8.91 -4.81
CA ALA B 130 -8.97 -7.84 -5.44
C ALA B 130 -8.25 -7.34 -6.70
N ASN B 131 -6.92 -7.27 -6.65
CA ASN B 131 -6.08 -6.84 -7.79
C ASN B 131 -6.32 -7.79 -8.98
N ILE B 132 -6.29 -9.09 -8.72
CA ILE B 132 -6.57 -10.13 -9.75
C ILE B 132 -7.99 -9.94 -10.29
N LEU B 133 -8.99 -9.92 -9.41
CA LEU B 133 -10.42 -10.01 -9.83
C LEU B 133 -10.85 -8.74 -10.56
N GLU B 134 -10.33 -7.59 -10.18
CA GLU B 134 -10.71 -6.31 -10.82
C GLU B 134 -10.04 -6.23 -12.21
N ASN B 135 -8.81 -6.76 -12.37
CA ASN B 135 -8.14 -6.88 -13.69
C ASN B 135 -8.99 -7.71 -14.65
N ILE B 136 -9.46 -8.87 -14.20
CA ILE B 136 -10.29 -9.80 -15.02
C ILE B 136 -11.60 -9.09 -15.36
N ARG B 137 -12.25 -8.52 -14.34
CA ARG B 137 -13.50 -7.75 -14.49
C ARG B 137 -13.38 -6.75 -15.64
N ILE B 138 -12.32 -5.95 -15.68
CA ILE B 138 -12.23 -4.83 -16.67
C ILE B 138 -11.98 -5.45 -18.05
N LEU B 139 -11.16 -6.50 -18.14
CA LEU B 139 -10.88 -7.21 -19.41
C LEU B 139 -12.17 -7.88 -19.94
N LYS B 140 -12.99 -8.42 -19.05
CA LYS B 140 -14.26 -9.06 -19.46
C LYS B 140 -15.18 -8.00 -20.07
N ALA B 141 -15.33 -6.84 -19.42
CA ALA B 141 -16.21 -5.75 -19.89
C ALA B 141 -15.71 -5.27 -21.25
N LYS B 142 -14.41 -5.14 -21.44
CA LYS B 142 -13.83 -4.55 -22.67
C LYS B 142 -13.86 -5.52 -23.84
N GLU B 143 -13.55 -6.80 -23.62
CA GLU B 143 -13.23 -7.74 -24.75
C GLU B 143 -13.89 -9.11 -24.57
N GLY B 144 -14.74 -9.30 -23.58
CA GLY B 144 -15.48 -10.54 -23.41
C GLY B 144 -14.62 -11.69 -22.88
N TYR B 145 -13.40 -11.40 -22.39
CA TYR B 145 -12.52 -12.37 -21.68
C TYR B 145 -13.30 -13.04 -20.54
N ASP B 146 -13.45 -14.37 -20.58
CA ASP B 146 -14.38 -15.13 -19.71
C ASP B 146 -13.67 -16.37 -19.14
N PRO B 147 -12.61 -16.22 -18.33
CA PRO B 147 -11.88 -17.37 -17.79
C PRO B 147 -12.60 -18.02 -16.61
N VAL B 148 -12.29 -19.29 -16.35
CA VAL B 148 -12.67 -20.00 -15.10
C VAL B 148 -11.65 -19.54 -14.05
N VAL B 149 -12.09 -19.16 -12.86
CA VAL B 149 -11.21 -18.53 -11.83
C VAL B 149 -11.47 -19.28 -10.53
N HIS B 150 -10.59 -20.22 -10.20
CA HIS B 150 -10.50 -20.87 -8.88
C HIS B 150 -9.94 -19.84 -7.88
N ILE B 151 -10.77 -19.36 -6.97
CA ILE B 151 -10.33 -18.52 -5.82
C ILE B 151 -10.17 -19.44 -4.63
N CYS B 152 -8.93 -19.67 -4.18
CA CYS B 152 -8.65 -20.59 -3.06
CA CYS B 152 -8.64 -20.58 -3.06
C CYS B 152 -8.84 -19.85 -1.73
N SER B 153 -9.90 -20.18 -1.02
CA SER B 153 -10.14 -19.79 0.39
C SER B 153 -9.59 -20.91 1.27
N SER B 154 -10.16 -21.09 2.45
CA SER B 154 -9.62 -21.99 3.49
C SER B 154 -10.72 -22.35 4.47
N SER B 155 -10.74 -23.60 4.93
CA SER B 155 -11.51 -24.08 6.11
C SER B 155 -11.25 -23.14 7.30
N GLU B 156 -10.11 -22.44 7.30
CA GLU B 156 -9.74 -21.43 8.34
C GLU B 156 -10.72 -20.27 8.45
N VAL B 157 -11.60 -20.03 7.45
CA VAL B 157 -12.68 -18.99 7.53
C VAL B 157 -13.63 -19.36 8.68
N TYR B 158 -13.71 -20.63 9.07
CA TYR B 158 -14.63 -21.11 10.14
C TYR B 158 -13.98 -20.84 11.50
N GLY B 159 -12.67 -20.59 11.51
CA GLY B 159 -11.92 -20.20 12.72
C GLY B 159 -12.29 -21.08 13.92
N LYS B 160 -12.48 -20.47 15.09
CA LYS B 160 -12.91 -21.20 16.31
C LYS B 160 -14.40 -21.49 16.16
N ALA B 161 -14.73 -22.61 15.51
CA ALA B 161 -16.12 -23.00 15.15
C ALA B 161 -16.91 -23.38 16.39
N LYS B 162 -18.22 -23.12 16.37
CA LYS B 162 -19.17 -23.37 17.50
C LYS B 162 -19.27 -24.87 17.74
N VAL B 163 -18.79 -25.37 18.90
CA VAL B 163 -18.77 -26.84 19.22
C VAL B 163 -20.16 -27.43 18.93
N GLY B 164 -20.24 -28.41 18.03
CA GLY B 164 -21.43 -29.28 17.84
C GLY B 164 -22.36 -28.86 16.70
N VAL B 165 -22.22 -27.65 16.16
CA VAL B 165 -22.96 -27.25 14.93
C VAL B 165 -22.37 -28.06 13.76
N LYS B 166 -23.23 -28.69 12.95
CA LYS B 166 -22.86 -29.31 11.64
C LYS B 166 -22.15 -28.25 10.79
N LEU B 167 -20.96 -28.57 10.26
CA LEU B 167 -20.10 -27.59 9.53
C LEU B 167 -20.25 -27.81 8.03
N ASN B 168 -20.89 -26.86 7.34
CA ASN B 168 -21.13 -26.90 5.88
C ASN B 168 -20.85 -25.52 5.28
N GLU B 169 -21.20 -25.30 4.02
CA GLU B 169 -20.81 -24.08 3.26
C GLU B 169 -21.59 -22.87 3.80
N GLU B 170 -22.63 -23.11 4.61
CA GLU B 170 -23.48 -22.05 5.21
C GLU B 170 -23.12 -21.84 6.69
N THR B 171 -22.14 -22.55 7.25
CA THR B 171 -21.62 -22.22 8.60
C THR B 171 -21.06 -20.79 8.58
N ALA B 172 -21.26 -20.08 9.69
CA ALA B 172 -20.82 -18.68 9.88
C ALA B 172 -19.31 -18.70 10.04
N PHE B 173 -18.65 -17.69 9.49
CA PHE B 173 -17.19 -17.48 9.64
C PHE B 173 -16.89 -16.98 11.06
N HIS B 174 -15.67 -17.25 11.52
CA HIS B 174 -15.10 -16.70 12.78
C HIS B 174 -13.66 -16.29 12.50
N GLY B 175 -13.25 -15.11 12.95
CA GLY B 175 -11.89 -14.59 12.67
C GLY B 175 -10.90 -15.02 13.75
N ALA B 176 -10.17 -16.11 13.52
CA ALA B 176 -9.25 -16.70 14.52
C ALA B 176 -7.83 -16.08 14.43
N SER B 177 -7.52 -15.39 13.33
CA SER B 177 -6.21 -14.74 13.05
C SER B 177 -6.33 -13.76 11.88
N PRO B 178 -5.32 -12.88 11.70
CA PRO B 178 -5.28 -12.01 10.54
C PRO B 178 -5.27 -12.82 9.25
N TYR B 179 -4.62 -13.99 9.25
CA TYR B 179 -4.69 -14.94 8.12
C TYR B 179 -6.15 -15.32 7.84
N SER B 180 -6.83 -15.77 8.88
CA SER B 180 -8.23 -16.26 8.80
C SER B 180 -9.10 -15.14 8.21
N ILE B 181 -8.95 -13.93 8.70
CA ILE B 181 -9.75 -12.76 8.24
C ILE B 181 -9.38 -12.49 6.78
N SER B 182 -8.10 -12.62 6.41
CA SER B 182 -7.62 -12.39 5.02
C SER B 182 -8.28 -13.41 4.08
N LYS B 183 -8.44 -14.67 4.50
CA LYS B 183 -9.12 -15.69 3.67
C LYS B 183 -10.63 -15.44 3.69
N ILE B 184 -11.20 -14.98 4.80
CA ILE B 184 -12.60 -14.47 4.81
C ILE B 184 -12.76 -13.41 3.71
N GLY B 185 -11.89 -12.39 3.70
CA GLY B 185 -11.86 -11.34 2.67
C GLY B 185 -11.82 -11.94 1.26
N THR B 186 -10.89 -12.88 1.04
CA THR B 186 -10.66 -13.59 -0.24
C THR B 186 -11.96 -14.26 -0.66
N ASP B 187 -12.59 -14.95 0.28
CA ASP B 187 -13.82 -15.73 0.06
C ASP B 187 -14.92 -14.81 -0.47
N TYR B 188 -15.24 -13.75 0.25
CA TYR B 188 -16.30 -12.77 -0.14
C TYR B 188 -15.94 -12.08 -1.45
N LEU B 189 -14.66 -11.81 -1.74
CA LEU B 189 -14.26 -11.22 -3.04
C LEU B 189 -14.63 -12.19 -4.17
N GLY B 190 -14.25 -13.46 -4.04
CA GLY B 190 -14.56 -14.50 -5.03
C GLY B 190 -16.05 -14.58 -5.32
N LYS B 191 -16.85 -14.70 -4.26
CA LYS B 191 -18.33 -14.76 -4.29
C LYS B 191 -18.86 -13.53 -5.02
N PHE B 192 -18.46 -12.34 -4.55
CA PHE B 192 -18.94 -11.01 -5.00
C PHE B 192 -18.66 -10.84 -6.50
N TYR B 193 -17.45 -11.13 -6.94
CA TYR B 193 -17.05 -10.87 -8.35
C TYR B 193 -17.82 -11.84 -9.24
N GLY B 194 -18.08 -13.05 -8.76
CA GLY B 194 -18.95 -14.00 -9.47
C GLY B 194 -20.37 -13.45 -9.59
N GLU B 195 -20.97 -13.08 -8.45
CA GLU B 195 -22.41 -12.67 -8.39
CA GLU B 195 -22.40 -12.66 -8.37
C GLU B 195 -22.58 -11.37 -9.16
N ALA B 196 -21.67 -10.41 -8.97
CA ALA B 196 -21.76 -9.03 -9.49
C ALA B 196 -21.56 -8.97 -11.01
N TYR B 197 -20.58 -9.71 -11.54
CA TYR B 197 -20.05 -9.43 -12.90
C TYR B 197 -20.09 -10.68 -13.78
N ASN B 198 -20.62 -11.78 -13.28
CA ASN B 198 -20.72 -13.06 -14.03
C ASN B 198 -19.32 -13.51 -14.48
N ILE B 199 -18.33 -13.32 -13.61
CA ILE B 199 -16.99 -13.96 -13.77
C ILE B 199 -17.15 -15.36 -13.20
N ARG B 200 -16.70 -16.38 -13.94
CA ARG B 200 -16.79 -17.82 -13.59
C ARG B 200 -15.79 -18.14 -12.46
N THR B 201 -16.02 -17.54 -11.28
CA THR B 201 -15.27 -17.83 -10.05
C THR B 201 -15.93 -19.05 -9.41
N PHE B 202 -15.14 -19.85 -8.73
CA PHE B 202 -15.59 -20.74 -7.65
C PHE B 202 -14.59 -20.63 -6.50
N VAL B 203 -15.09 -20.74 -5.28
CA VAL B 203 -14.31 -20.54 -4.03
C VAL B 203 -14.16 -21.90 -3.36
N THR B 204 -12.94 -22.29 -2.99
CA THR B 204 -12.70 -23.57 -2.28
C THR B 204 -12.31 -23.27 -0.85
N ARG B 205 -12.99 -23.89 0.11
CA ARG B 205 -12.63 -23.86 1.55
C ARG B 205 -12.02 -25.21 1.92
N MET B 206 -10.72 -25.40 1.66
CA MET B 206 -10.07 -26.73 1.85
C MET B 206 -9.62 -26.92 3.30
N GLY B 207 -9.79 -28.13 3.80
CA GLY B 207 -9.14 -28.62 5.03
C GLY B 207 -7.63 -28.74 4.83
N THR B 208 -6.94 -29.27 5.82
CA THR B 208 -5.46 -29.37 5.78
C THR B 208 -5.06 -30.30 4.62
N HIS B 209 -4.28 -29.77 3.68
CA HIS B 209 -3.58 -30.60 2.67
C HIS B 209 -2.07 -30.47 2.88
N SER B 210 -1.37 -31.58 2.69
CA SER B 210 0.04 -31.75 3.12
C SER B 210 0.68 -32.79 2.23
N GLY B 211 1.86 -33.25 2.60
CA GLY B 211 2.67 -34.13 1.74
C GLY B 211 4.09 -33.62 1.70
N PRO B 212 4.92 -34.11 0.77
CA PRO B 212 6.35 -33.83 0.85
C PRO B 212 6.75 -32.35 0.71
N ARG B 213 5.88 -31.50 0.14
CA ARG B 213 6.22 -30.07 -0.12
C ARG B 213 5.55 -29.16 0.92
N ARG B 214 4.98 -29.72 1.98
CA ARG B 214 4.43 -28.92 3.11
C ARG B 214 5.56 -28.06 3.68
N SER B 215 5.37 -26.73 3.65
CA SER B 215 6.27 -25.71 4.24
C SER B 215 6.60 -26.13 5.67
N ASP B 216 7.84 -25.90 6.09
CA ASP B 216 8.45 -26.43 7.34
C ASP B 216 7.67 -25.91 8.56
N VAL B 217 7.01 -24.78 8.43
CA VAL B 217 6.44 -24.08 9.62
C VAL B 217 5.13 -24.75 10.06
N PHE B 218 4.42 -25.48 9.21
CA PHE B 218 3.05 -26.00 9.51
C PHE B 218 3.19 -27.21 10.45
N PHE B 219 2.16 -27.48 11.25
CA PHE B 219 2.18 -28.48 12.35
C PHE B 219 2.87 -29.79 11.95
N GLU B 220 2.30 -30.54 11.00
CA GLU B 220 2.78 -31.89 10.63
C GLU B 220 4.18 -31.78 10.02
N SER B 221 4.53 -30.63 9.43
CA SER B 221 5.86 -30.39 8.81
C SER B 221 6.90 -30.15 9.91
N THR B 222 6.61 -29.29 10.86
CA THR B 222 7.55 -28.94 11.95
C THR B 222 7.82 -30.23 12.75
N VAL B 223 6.83 -31.09 12.94
CA VAL B 223 6.97 -32.36 13.74
C VAL B 223 7.85 -33.33 12.94
N ALA B 224 7.49 -33.66 11.71
CA ALA B 224 8.31 -34.46 10.79
C ALA B 224 9.75 -33.91 10.75
N LYS B 225 9.91 -32.59 10.62
CA LYS B 225 11.23 -31.91 10.53
C LYS B 225 12.01 -32.06 11.84
N GLN B 226 11.38 -31.84 12.98
CA GLN B 226 12.08 -31.95 14.29
C GLN B 226 12.52 -33.39 14.54
N ILE B 227 11.71 -34.38 14.17
CA ILE B 227 12.08 -35.81 14.28
C ILE B 227 13.34 -36.06 13.43
N ALA B 228 13.39 -35.53 12.21
CA ALA B 228 14.54 -35.73 11.31
C ALA B 228 15.78 -35.00 11.86
N LEU B 229 15.59 -33.83 12.47
CA LEU B 229 16.70 -33.12 13.16
C LEU B 229 17.20 -33.98 14.34
N ILE B 230 16.28 -34.60 15.10
CA ILE B 230 16.63 -35.46 16.27
C ILE B 230 17.38 -36.71 15.77
N GLU B 231 16.92 -37.32 14.67
CA GLU B 231 17.49 -38.57 14.11
C GLU B 231 18.93 -38.34 13.65
N ALA B 232 19.28 -37.07 13.39
CA ALA B 232 20.59 -36.66 12.85
C ALA B 232 21.38 -35.85 13.90
N GLY B 233 20.89 -35.78 15.14
CA GLY B 233 21.65 -35.28 16.31
C GLY B 233 21.78 -33.77 16.34
N TYR B 234 21.00 -33.06 15.52
CA TYR B 234 20.97 -31.58 15.52
C TYR B 234 20.10 -31.04 16.66
N GLN B 235 19.21 -31.86 17.23
CA GLN B 235 18.26 -31.43 18.30
C GLN B 235 18.15 -32.52 19.37
N GLU B 236 18.07 -32.13 20.65
CA GLU B 236 17.68 -33.01 21.79
C GLU B 236 16.38 -33.73 21.42
N PRO B 237 16.15 -34.97 21.91
CA PRO B 237 14.94 -35.75 21.57
C PRO B 237 13.68 -35.26 22.28
N VAL B 238 13.40 -33.95 22.11
CA VAL B 238 12.14 -33.26 22.52
C VAL B 238 11.61 -32.50 21.29
N ILE B 239 10.43 -32.88 20.79
CA ILE B 239 9.65 -32.09 19.78
C ILE B 239 8.95 -30.94 20.52
N LYS B 240 9.19 -29.71 20.09
CA LYS B 240 8.48 -28.50 20.61
C LYS B 240 7.23 -28.32 19.75
N VAL B 241 6.05 -28.29 20.38
CA VAL B 241 4.75 -28.01 19.73
C VAL B 241 4.04 -26.89 20.49
N GLY B 242 2.86 -26.48 19.98
CA GLY B 242 1.95 -25.53 20.66
C GLY B 242 0.75 -26.27 21.23
N ASN B 243 -0.46 -25.88 20.85
CA ASN B 243 -1.69 -26.50 21.38
C ASN B 243 -1.99 -27.76 20.59
N LEU B 244 -2.28 -28.88 21.26
CA LEU B 244 -2.65 -30.18 20.63
C LEU B 244 -4.14 -30.49 20.77
N SER B 245 -4.89 -29.66 21.50
CA SER B 245 -6.34 -29.82 21.72
C SER B 245 -7.04 -29.26 20.49
N SER B 246 -6.78 -29.90 19.34
CA SER B 246 -7.31 -29.52 18.02
CA SER B 246 -7.26 -29.51 18.00
C SER B 246 -7.53 -30.79 17.20
N VAL B 247 -8.58 -30.81 16.39
CA VAL B 247 -8.97 -31.99 15.55
C VAL B 247 -9.11 -31.51 14.11
N ARG B 248 -8.49 -32.24 13.16
CA ARG B 248 -8.48 -31.85 11.73
C ARG B 248 -8.52 -33.07 10.82
N THR B 249 -9.06 -32.81 9.63
CA THR B 249 -9.03 -33.67 8.44
C THR B 249 -7.75 -33.34 7.66
N PHE B 250 -7.07 -34.37 7.14
CA PHE B 250 -5.83 -34.23 6.35
C PHE B 250 -6.03 -34.93 5.01
N GLN B 251 -5.43 -34.40 3.95
CA GLN B 251 -5.43 -35.04 2.61
C GLN B 251 -4.12 -34.65 1.91
N ASP B 252 -3.59 -35.53 1.09
CA ASP B 252 -2.40 -35.22 0.28
C ASP B 252 -2.85 -34.19 -0.74
N CYS B 253 -2.02 -33.17 -1.00
CA CYS B 253 -2.26 -32.14 -2.06
C CYS B 253 -2.63 -32.78 -3.40
N ARG B 254 -2.10 -33.95 -3.75
CA ARG B 254 -2.27 -34.54 -5.11
C ARG B 254 -3.73 -34.96 -5.35
N ASP B 255 -4.49 -35.13 -4.26
CA ASP B 255 -5.94 -35.40 -4.21
C ASP B 255 -6.68 -34.07 -4.31
N ALA B 256 -6.17 -33.05 -3.61
CA ALA B 256 -6.82 -31.71 -3.53
C ALA B 256 -6.87 -31.09 -4.94
N ILE B 257 -5.75 -31.21 -5.63
CA ILE B 257 -5.53 -30.67 -6.99
C ILE B 257 -6.52 -31.31 -7.98
N ARG B 258 -6.74 -32.61 -7.87
CA ARG B 258 -7.77 -33.32 -8.69
C ARG B 258 -9.13 -32.63 -8.47
N ALA B 259 -9.53 -32.39 -7.23
CA ALA B 259 -10.81 -31.72 -6.88
C ALA B 259 -10.87 -30.35 -7.55
N TYR B 260 -9.80 -29.54 -7.46
CA TYR B 260 -9.70 -28.19 -8.08
C TYR B 260 -9.86 -28.29 -9.60
N TYR B 261 -9.07 -29.18 -10.21
CA TYR B 261 -9.11 -29.47 -11.67
C TYR B 261 -10.53 -29.87 -12.07
N LEU B 262 -11.17 -30.79 -11.34
CA LEU B 262 -12.50 -31.32 -11.75
C LEU B 262 -13.53 -30.17 -11.65
N LEU B 263 -13.47 -29.38 -10.57
CA LEU B 263 -14.32 -28.17 -10.44
C LEU B 263 -14.06 -27.23 -11.63
N SER B 264 -12.80 -27.01 -12.02
CA SER B 264 -12.45 -26.10 -13.15
C SER B 264 -13.18 -26.56 -14.42
N LEU B 265 -13.33 -27.87 -14.62
CA LEU B 265 -13.97 -28.41 -15.85
C LEU B 265 -15.46 -28.10 -15.77
N GLU B 266 -16.07 -28.33 -14.60
CA GLU B 266 -17.51 -28.12 -14.38
C GLU B 266 -17.86 -26.64 -14.57
N SER B 267 -17.02 -25.72 -14.08
CA SER B 267 -17.18 -24.25 -14.23
C SER B 267 -17.15 -23.88 -15.72
N GLU B 268 -16.21 -24.43 -16.49
CA GLU B 268 -16.11 -24.17 -17.95
C GLU B 268 -17.37 -24.66 -18.69
N LYS B 269 -17.96 -25.76 -18.20
CA LYS B 269 -19.12 -26.43 -18.84
C LYS B 269 -20.42 -25.67 -18.57
N GLY B 270 -20.45 -24.78 -17.56
CA GLY B 270 -21.62 -23.97 -17.19
C GLY B 270 -22.31 -24.49 -15.95
N ASN B 271 -21.72 -25.48 -15.26
CA ASN B 271 -22.37 -26.28 -14.19
C ASN B 271 -22.00 -25.77 -12.78
N ILE B 272 -21.09 -24.80 -12.65
CA ILE B 272 -20.81 -24.19 -11.31
C ILE B 272 -21.24 -22.74 -11.36
N PRO B 273 -22.31 -22.36 -10.63
CA PRO B 273 -22.78 -20.98 -10.64
C PRO B 273 -21.58 -20.05 -10.33
N CYS B 274 -21.51 -18.89 -10.98
CA CYS B 274 -20.52 -17.85 -10.66
C CYS B 274 -20.50 -17.63 -9.15
N GLY B 275 -19.33 -17.79 -8.52
CA GLY B 275 -19.13 -17.44 -7.11
C GLY B 275 -19.51 -18.56 -6.16
N GLU B 276 -19.87 -19.75 -6.66
CA GLU B 276 -20.26 -20.89 -5.77
C GLU B 276 -19.07 -21.30 -4.89
N ALA B 277 -19.32 -21.54 -3.60
CA ALA B 277 -18.27 -21.97 -2.64
C ALA B 277 -18.45 -23.46 -2.27
N PHE B 278 -17.34 -24.09 -1.90
CA PHE B 278 -17.23 -25.55 -1.65
C PHE B 278 -16.25 -25.79 -0.51
N ASN B 279 -16.72 -26.40 0.56
CA ASN B 279 -15.86 -27.05 1.59
C ASN B 279 -15.31 -28.33 0.95
N ILE B 280 -14.03 -28.62 1.16
CA ILE B 280 -13.35 -29.81 0.60
C ILE B 280 -12.46 -30.39 1.69
N ALA B 281 -12.91 -31.53 2.22
CA ALA B 281 -12.33 -32.23 3.37
C ALA B 281 -11.71 -33.53 2.87
N GLY B 282 -10.67 -34.00 3.55
CA GLY B 282 -10.14 -35.37 3.39
C GLY B 282 -11.07 -36.41 4.01
N GLU B 283 -10.87 -37.68 3.65
CA GLU B 283 -11.61 -38.82 4.26
C GLU B 283 -11.27 -38.88 5.75
N GLU B 284 -9.99 -38.75 6.13
CA GLU B 284 -9.45 -39.17 7.45
C GLU B 284 -9.33 -37.98 8.42
N ALA B 285 -9.83 -38.13 9.65
CA ALA B 285 -9.80 -37.11 10.74
C ALA B 285 -8.89 -37.58 11.88
N PHE B 286 -8.12 -36.66 12.50
CA PHE B 286 -7.13 -36.96 13.57
C PHE B 286 -7.07 -35.84 14.62
N LYS B 287 -6.99 -36.25 15.89
CA LYS B 287 -6.44 -35.42 17.00
C LYS B 287 -4.96 -35.19 16.65
N LEU B 288 -4.39 -34.04 17.02
CA LEU B 288 -2.98 -33.70 16.70
C LEU B 288 -2.00 -34.69 17.33
N PRO B 289 -2.15 -35.14 18.60
CA PRO B 289 -1.24 -36.16 19.14
C PRO B 289 -1.16 -37.42 18.28
N GLU B 290 -2.26 -37.80 17.62
CA GLU B 290 -2.33 -39.02 16.77
C GLU B 290 -1.47 -38.84 15.51
N VAL B 291 -1.46 -37.63 14.94
CA VAL B 291 -0.55 -37.30 13.78
C VAL B 291 0.89 -37.48 14.25
N ILE B 292 1.22 -36.99 15.45
CA ILE B 292 2.57 -37.16 16.07
C ILE B 292 2.86 -38.67 16.22
N ASP B 293 1.92 -39.45 16.74
CA ASP B 293 2.09 -40.90 16.97
C ASP B 293 2.40 -41.58 15.63
N ILE B 294 1.68 -41.23 14.56
CA ILE B 294 1.96 -41.83 13.23
C ILE B 294 3.42 -41.49 12.85
N LEU B 295 3.87 -40.27 13.11
CA LEU B 295 5.21 -39.83 12.64
C LEU B 295 6.30 -40.51 13.47
N LEU B 296 6.12 -40.58 14.79
CA LEU B 296 7.10 -41.24 15.70
C LEU B 296 7.26 -42.72 15.36
N ASN B 297 6.19 -43.39 14.89
CA ASN B 297 6.20 -44.84 14.54
C ASN B 297 6.98 -45.10 13.24
N PHE B 298 7.31 -44.06 12.45
CA PHE B 298 8.19 -44.17 11.25
C PHE B 298 9.68 -43.96 11.64
N SER B 299 9.95 -43.57 12.88
CA SER B 299 11.31 -43.35 13.45
C SER B 299 11.75 -44.56 14.27
N ASP B 300 12.95 -45.07 14.02
CA ASP B 300 13.56 -46.13 14.87
C ASP B 300 13.61 -45.64 16.31
N MET B 301 13.77 -44.33 16.56
CA MET B 301 13.96 -43.80 17.94
C MET B 301 12.69 -43.13 18.44
N GLY B 302 11.55 -43.40 17.79
CA GLY B 302 10.22 -42.89 18.21
C GLY B 302 9.97 -43.05 19.70
N ARG B 303 10.16 -44.26 20.24
CA ARG B 303 9.93 -44.60 21.68
C ARG B 303 10.70 -43.65 22.60
N GLY B 304 11.70 -42.91 22.12
CA GLY B 304 12.58 -42.09 22.98
C GLY B 304 12.39 -40.59 22.82
N ILE B 305 11.35 -40.13 22.11
CA ILE B 305 11.16 -38.67 21.82
C ILE B 305 9.99 -38.15 22.67
N GLU B 306 10.24 -37.16 23.53
CA GLU B 306 9.24 -36.40 24.32
C GLU B 306 8.59 -35.36 23.39
N VAL B 307 7.33 -35.01 23.65
CA VAL B 307 6.64 -33.84 23.04
C VAL B 307 6.45 -32.81 24.15
N ARG B 308 6.90 -31.57 23.95
CA ARG B 308 6.81 -30.48 24.95
C ARG B 308 6.13 -29.26 24.32
N GLN B 309 5.09 -28.76 25.00
CA GLN B 309 4.33 -27.55 24.61
C GLN B 309 5.09 -26.32 25.13
N VAL B 310 5.38 -25.37 24.24
CA VAL B 310 6.18 -24.15 24.55
C VAL B 310 5.37 -22.91 24.14
N GLU B 311 5.61 -21.80 24.80
CA GLU B 311 4.73 -20.61 24.70
C GLU B 311 4.85 -20.03 23.29
N ASP B 312 6.03 -20.07 22.65
CA ASP B 312 6.23 -19.27 21.41
C ASP B 312 5.54 -19.99 20.24
N ARG B 313 4.95 -21.17 20.47
CA ARG B 313 4.12 -21.88 19.46
C ARG B 313 2.63 -21.74 19.78
N MET B 314 2.28 -21.10 20.91
CA MET B 314 0.86 -20.85 21.26
C MET B 314 0.35 -19.64 20.47
N ARG B 315 -0.96 -19.60 20.22
CA ARG B 315 -1.63 -18.53 19.43
C ARG B 315 -2.69 -17.85 20.29
N PRO B 316 -2.88 -16.51 20.17
CA PRO B 316 -3.91 -15.78 20.92
C PRO B 316 -5.30 -16.40 20.77
N ILE B 317 -5.61 -16.87 19.56
CA ILE B 317 -6.79 -17.73 19.30
C ILE B 317 -6.33 -18.91 18.47
N ASP B 318 -6.74 -20.11 18.88
CA ASP B 318 -6.49 -21.36 18.13
C ASP B 318 -7.83 -21.81 17.53
N ALA B 319 -7.88 -21.80 16.20
CA ALA B 319 -9.01 -22.29 15.40
C ALA B 319 -9.22 -23.76 15.73
N ASP B 320 -10.47 -24.19 15.65
CA ASP B 320 -10.90 -25.56 15.98
C ASP B 320 -12.20 -25.83 15.23
N TYR B 321 -12.17 -26.75 14.27
CA TYR B 321 -13.35 -27.15 13.48
C TYR B 321 -13.16 -28.59 13.02
N GLN B 322 -14.25 -29.37 13.08
CA GLN B 322 -14.41 -30.68 12.42
C GLN B 322 -15.16 -30.47 11.10
N MET B 323 -14.43 -30.13 10.03
CA MET B 323 -15.00 -30.03 8.66
C MET B 323 -14.97 -31.41 8.02
N PHE B 324 -16.07 -32.16 8.12
CA PHE B 324 -16.21 -33.56 7.63
C PHE B 324 -17.08 -33.57 6.36
N ASP B 325 -18.05 -32.67 6.24
CA ASP B 325 -19.27 -32.84 5.40
C ASP B 325 -19.01 -32.34 3.96
N ASN B 326 -18.65 -33.26 3.07
CA ASN B 326 -18.31 -33.04 1.63
C ASN B 326 -19.52 -33.30 0.71
N SER B 327 -20.74 -33.34 1.25
CA SER B 327 -21.90 -33.79 0.45
C SER B 327 -22.15 -32.79 -0.68
N LYS B 328 -21.76 -31.51 -0.50
CA LYS B 328 -21.95 -30.48 -1.56
C LYS B 328 -20.92 -30.65 -2.68
N ILE B 329 -19.62 -30.78 -2.38
CA ILE B 329 -18.60 -30.94 -3.45
C ILE B 329 -18.85 -32.26 -4.19
N LYS B 330 -19.16 -33.32 -3.44
CA LYS B 330 -19.41 -34.69 -3.99
C LYS B 330 -20.65 -34.67 -4.87
N SER B 331 -21.55 -33.69 -4.70
CA SER B 331 -22.75 -33.53 -5.55
C SER B 331 -22.39 -32.88 -6.90
N PHE B 332 -21.26 -32.19 -7.01
CA PHE B 332 -20.93 -31.46 -8.26
C PHE B 332 -19.83 -32.17 -9.06
N ILE B 333 -18.99 -32.96 -8.41
CA ILE B 333 -17.87 -33.68 -9.08
C ILE B 333 -17.83 -35.11 -8.54
N ASP B 334 -17.42 -36.03 -9.41
CA ASP B 334 -17.15 -37.43 -9.00
C ASP B 334 -15.72 -37.47 -8.41
N TRP B 335 -15.58 -37.34 -7.10
CA TRP B 335 -14.28 -37.12 -6.41
C TRP B 335 -14.29 -37.62 -4.96
N LYS B 336 -13.12 -38.12 -4.53
CA LYS B 336 -12.83 -38.60 -3.15
C LYS B 336 -11.31 -38.57 -2.97
N ALA B 337 -10.81 -38.28 -1.76
CA ALA B 337 -9.37 -38.45 -1.41
C ALA B 337 -9.03 -39.95 -1.56
N GLU B 338 -8.03 -40.30 -2.37
CA GLU B 338 -7.61 -41.71 -2.63
C GLU B 338 -6.30 -42.03 -1.92
N ILE B 339 -5.42 -41.05 -1.66
CA ILE B 339 -4.06 -41.28 -1.08
C ILE B 339 -4.14 -41.39 0.44
N PRO B 340 -3.58 -42.45 1.07
CA PRO B 340 -3.63 -42.58 2.53
C PRO B 340 -2.76 -41.51 3.20
N VAL B 341 -3.23 -40.98 4.33
CA VAL B 341 -2.58 -39.89 5.10
C VAL B 341 -1.28 -40.41 5.70
N ARG B 342 -1.21 -41.71 6.01
CA ARG B 342 0.02 -42.31 6.55
C ARG B 342 1.11 -42.20 5.48
N GLN B 343 0.78 -42.50 4.23
CA GLN B 343 1.77 -42.38 3.12
C GLN B 343 2.20 -40.91 2.97
N MET B 344 1.25 -39.96 3.05
CA MET B 344 1.50 -38.49 2.96
C MET B 344 2.45 -38.05 4.08
N LEU B 345 2.22 -38.48 5.32
CA LEU B 345 3.09 -38.10 6.47
C LEU B 345 4.47 -38.75 6.32
N LYS B 346 4.53 -39.99 5.82
CA LYS B 346 5.82 -40.70 5.61
C LYS B 346 6.63 -39.95 4.55
N ASP B 347 5.96 -39.54 3.47
CA ASP B 347 6.60 -38.82 2.33
C ASP B 347 7.28 -37.55 2.87
N LEU B 348 6.61 -36.87 3.81
CA LEU B 348 7.02 -35.58 4.41
C LEU B 348 8.22 -35.80 5.35
N LEU B 349 8.16 -36.84 6.18
CA LEU B 349 9.26 -37.18 7.10
C LEU B 349 10.52 -37.49 6.28
N ASN B 350 10.36 -38.32 5.26
CA ASN B 350 11.46 -38.69 4.32
C ASN B 350 11.99 -37.43 3.62
N HIS B 351 11.13 -36.46 3.29
CA HIS B 351 11.59 -35.19 2.67
C HIS B 351 12.58 -34.51 3.62
N TRP B 352 12.22 -34.32 4.91
CA TRP B 352 13.13 -33.64 5.87
C TRP B 352 14.40 -34.47 6.11
N ARG B 353 14.31 -35.81 6.07
CA ARG B 353 15.51 -36.68 6.26
C ARG B 353 16.48 -36.43 5.10
N ASN B 354 15.95 -36.42 3.86
CA ASN B 354 16.73 -36.20 2.62
C ASN B 354 17.40 -34.81 2.68
N GLU B 355 16.70 -33.77 3.17
CA GLU B 355 17.18 -32.36 3.19
C GLU B 355 18.38 -32.24 4.12
N ILE B 356 18.27 -32.81 5.31
CA ILE B 356 19.36 -32.84 6.31
C ILE B 356 20.54 -33.62 5.71
N LYS B 357 20.28 -34.79 5.13
CA LYS B 357 21.33 -35.63 4.45
C LYS B 357 22.08 -34.81 3.37
N ARG B 358 21.42 -33.88 2.68
CA ARG B 358 22.09 -33.06 1.64
C ARG B 358 22.72 -31.78 2.22
N GLY B 359 22.74 -31.63 3.55
CA GLY B 359 23.33 -30.45 4.21
C GLY B 359 22.43 -29.21 4.16
N ARG B 360 21.20 -29.31 3.67
CA ARG B 360 20.23 -28.18 3.67
C ARG B 360 19.53 -28.18 5.02
N ILE B 361 20.29 -27.86 6.06
CA ILE B 361 19.84 -27.94 7.48
C ILE B 361 18.77 -26.87 7.68
N PRO B 362 17.53 -27.26 8.05
CA PRO B 362 16.47 -26.29 8.33
C PRO B 362 16.50 -25.77 9.76
N LEU B 363 15.83 -24.63 9.96
CA LEU B 363 15.50 -24.05 11.29
C LEU B 363 14.58 -25.05 11.99
N ASN B 364 14.58 -25.03 13.33
CA ASN B 364 13.79 -25.98 14.17
C ASN B 364 12.33 -25.48 14.30
N ARG B 365 12.03 -24.31 13.72
CA ARG B 365 10.82 -23.45 13.91
C ARG B 365 9.54 -24.25 13.62
N LYS C 24 -10.81 12.82 31.14
CA LYS C 24 -11.20 11.68 30.24
C LYS C 24 -11.21 12.18 28.80
N THR C 25 -10.42 11.53 27.92
CA THR C 25 -10.08 11.99 26.55
C THR C 25 -10.69 11.05 25.51
N ALA C 26 -11.47 11.62 24.58
CA ALA C 26 -12.15 10.89 23.50
C ALA C 26 -11.51 11.25 22.17
N LEU C 27 -11.10 10.22 21.41
CA LEU C 27 -10.61 10.40 20.02
C LEU C 27 -11.78 10.14 19.07
N ILE C 28 -12.04 11.04 18.13
CA ILE C 28 -13.00 10.78 17.04
C ILE C 28 -12.23 10.71 15.71
N THR C 29 -12.17 9.53 15.12
CA THR C 29 -11.77 9.39 13.68
C THR C 29 -12.99 9.72 12.82
N GLY C 30 -12.77 10.36 11.67
CA GLY C 30 -13.88 10.79 10.79
C GLY C 30 -14.60 11.98 11.38
N PHE C 31 -13.87 12.80 12.13
CA PHE C 31 -14.36 14.03 12.81
C PHE C 31 -15.06 14.98 11.81
N THR C 32 -14.57 15.08 10.57
CA THR C 32 -15.15 15.98 9.55
C THR C 32 -16.39 15.35 8.91
N GLY C 33 -16.65 14.07 9.18
CA GLY C 33 -17.80 13.34 8.60
C GLY C 33 -19.12 13.67 9.28
N GLN C 34 -20.21 13.08 8.76
CA GLN C 34 -21.59 13.25 9.28
C GLN C 34 -21.59 12.96 10.79
N VAL C 35 -21.18 11.76 11.15
CA VAL C 35 -21.38 11.21 12.52
C VAL C 35 -20.30 11.79 13.45
N GLY C 36 -19.04 11.83 13.00
CA GLY C 36 -17.91 12.32 13.81
C GLY C 36 -18.15 13.75 14.30
N SER C 37 -18.56 14.64 13.41
CA SER C 37 -18.76 16.07 13.75
C SER C 37 -19.88 16.19 14.80
N GLN C 38 -20.91 15.37 14.66
CA GLN C 38 -22.09 15.37 15.56
C GLN C 38 -21.70 14.70 16.90
N MET C 39 -20.81 13.70 16.89
CA MET C 39 -20.30 13.06 18.14
C MET C 39 -19.50 14.11 18.91
N ALA C 40 -18.70 14.92 18.22
CA ALA C 40 -17.93 16.01 18.85
C ALA C 40 -18.93 16.91 19.57
N ASP C 41 -19.95 17.37 18.87
CA ASP C 41 -21.00 18.29 19.43
C ASP C 41 -21.60 17.68 20.67
N PHE C 42 -22.08 16.43 20.54
CA PHE C 42 -22.72 15.65 21.62
C PHE C 42 -21.80 15.54 22.83
N LEU C 43 -20.52 15.22 22.62
CA LEU C 43 -19.60 15.00 23.77
C LEU C 43 -19.36 16.35 24.45
N LEU C 44 -19.23 17.44 23.69
CA LEU C 44 -18.96 18.79 24.26
C LEU C 44 -20.17 19.24 25.09
N GLU C 45 -21.39 18.88 24.68
CA GLU C 45 -22.65 19.38 25.31
C GLU C 45 -23.05 18.48 26.49
N ASN C 46 -22.64 17.21 26.53
CA ASN C 46 -23.26 16.20 27.44
C ASN C 46 -22.24 15.46 28.31
N THR C 47 -20.96 15.82 28.29
CA THR C 47 -19.89 15.17 29.09
C THR C 47 -18.87 16.23 29.45
N ASP C 48 -17.95 15.94 30.37
CA ASP C 48 -16.78 16.81 30.69
C ASP C 48 -15.53 16.36 29.90
N TYR C 49 -15.69 15.47 28.91
CA TYR C 49 -14.58 14.88 28.09
C TYR C 49 -13.84 15.97 27.33
N ASP C 50 -12.50 15.91 27.31
CA ASP C 50 -11.69 16.49 26.22
C ASP C 50 -11.92 15.64 24.95
N VAL C 51 -12.07 16.31 23.81
CA VAL C 51 -12.28 15.68 22.48
C VAL C 51 -11.07 15.92 21.58
N ILE C 52 -10.57 14.85 20.94
CA ILE C 52 -9.60 14.96 19.81
C ILE C 52 -10.29 14.51 18.53
N GLY C 53 -10.34 15.43 17.57
CA GLY C 53 -10.74 15.20 16.17
C GLY C 53 -9.55 14.87 15.28
N MET C 54 -9.48 13.63 14.83
CA MET C 54 -8.50 13.20 13.81
C MET C 54 -9.01 13.64 12.44
N MET C 55 -8.13 14.23 11.63
CA MET C 55 -8.42 14.52 10.22
C MET C 55 -7.11 14.57 9.43
N ARG C 56 -7.22 14.32 8.13
CA ARG C 56 -6.23 14.76 7.12
C ARG C 56 -6.45 16.27 6.92
N TRP C 57 -5.39 17.02 6.69
CA TRP C 57 -5.43 18.50 6.86
C TRP C 57 -6.40 19.13 5.86
N GLN C 58 -6.54 18.57 4.66
CA GLN C 58 -7.33 19.17 3.56
C GLN C 58 -8.80 18.69 3.59
N GLU C 59 -9.24 17.94 4.61
CA GLU C 59 -10.63 17.39 4.59
C GLU C 59 -11.61 18.57 4.60
N PRO C 60 -12.80 18.41 3.99
CA PRO C 60 -13.80 19.47 3.98
C PRO C 60 -14.20 19.90 5.40
N MET C 61 -14.31 21.21 5.57
CA MET C 61 -14.59 21.89 6.87
C MET C 61 -16.11 22.05 7.11
N ASP C 62 -16.97 21.62 6.18
CA ASP C 62 -18.41 22.01 6.17
C ASP C 62 -19.04 21.65 7.51
N ASN C 63 -18.71 20.49 8.05
CA ASN C 63 -19.34 19.96 9.27
C ASN C 63 -18.72 20.56 10.54
N ILE C 64 -17.62 21.32 10.47
CA ILE C 64 -16.91 21.72 11.72
C ILE C 64 -16.61 23.23 11.80
N TYR C 65 -17.02 24.02 10.80
CA TYR C 65 -16.85 25.51 10.81
C TYR C 65 -17.33 26.09 12.14
N HIS C 66 -18.45 25.59 12.70
CA HIS C 66 -19.05 26.06 13.97
C HIS C 66 -18.14 25.70 15.14
N LEU C 67 -17.17 24.81 14.96
CA LEU C 67 -16.23 24.40 16.03
C LEU C 67 -14.88 25.12 15.93
N SER C 68 -14.62 25.84 14.84
CA SER C 68 -13.29 26.44 14.58
C SER C 68 -12.84 27.38 15.71
N ASP C 69 -13.70 28.31 16.15
CA ASP C 69 -13.30 29.35 17.14
C ASP C 69 -12.94 28.60 18.43
N ARG C 70 -13.73 27.61 18.78
CA ARG C 70 -13.55 26.87 20.06
C ARG C 70 -12.21 26.14 20.01
N ILE C 71 -11.87 25.58 18.84
CA ILE C 71 -10.60 24.86 18.61
C ILE C 71 -9.44 25.86 18.64
N ASN C 72 -9.61 27.01 17.98
CA ASN C 72 -8.61 28.10 18.01
C ASN C 72 -8.35 28.50 19.47
N LYS C 73 -9.39 28.43 20.32
CA LYS C 73 -9.34 28.86 21.75
C LYS C 73 -8.83 27.73 22.64
N LYS C 74 -8.64 26.51 22.11
CA LYS C 74 -8.14 25.35 22.88
C LYS C 74 -9.12 25.00 24.00
N ASP C 75 -10.41 25.22 23.76
CA ASP C 75 -11.48 24.94 24.74
C ASP C 75 -12.02 23.52 24.50
N ARG C 76 -11.41 22.55 25.20
CA ARG C 76 -11.80 21.12 25.37
C ARG C 76 -11.66 20.25 24.10
N ILE C 77 -11.51 20.85 22.92
CA ILE C 77 -11.47 20.11 21.61
C ILE C 77 -10.21 20.56 20.86
N SER C 78 -9.48 19.59 20.29
CA SER C 78 -8.26 19.81 19.49
C SER C 78 -8.27 18.88 18.28
N ILE C 79 -7.43 19.20 17.29
CA ILE C 79 -7.25 18.41 16.04
C ILE C 79 -5.89 17.68 16.12
N PHE C 80 -5.91 16.39 15.77
CA PHE C 80 -4.69 15.60 15.41
C PHE C 80 -4.74 15.27 13.91
N TYR C 81 -3.66 15.57 13.19
CA TYR C 81 -3.52 15.24 11.75
C TYR C 81 -2.92 13.83 11.62
N ALA C 82 -3.73 12.94 11.05
CA ALA C 82 -3.34 11.54 10.75
C ALA C 82 -4.19 11.01 9.60
N ASP C 83 -3.65 10.05 8.88
CA ASP C 83 -4.32 9.31 7.78
C ASP C 83 -4.46 7.87 8.26
N LEU C 84 -5.63 7.27 8.07
CA LEU C 84 -5.88 5.81 8.30
C LEU C 84 -4.79 4.98 7.61
N ASN C 85 -4.28 5.45 6.48
CA ASN C 85 -3.35 4.69 5.59
C ASN C 85 -1.89 5.01 5.92
N ASP C 86 -1.64 5.80 6.96
CA ASP C 86 -0.25 6.07 7.43
C ASP C 86 -0.15 5.62 8.87
N TYR C 87 0.43 4.45 9.07
CA TYR C 87 0.47 3.77 10.38
C TYR C 87 1.28 4.63 11.34
N SER C 88 2.33 5.27 10.81
CA SER C 88 3.26 6.14 11.58
C SER C 88 2.48 7.34 12.14
N SER C 89 1.51 7.86 11.41
CA SER C 89 0.71 9.04 11.84
C SER C 89 -0.16 8.62 13.03
N LEU C 90 -0.69 7.40 12.97
CA LEU C 90 -1.60 6.82 13.98
C LEU C 90 -0.78 6.44 15.21
N GLN C 91 0.42 5.94 14.99
CA GLN C 91 1.37 5.66 16.11
C GLN C 91 1.60 6.93 16.93
N LYS C 92 1.94 8.04 16.27
CA LYS C 92 2.15 9.33 16.96
C LYS C 92 0.88 9.70 17.74
N LEU C 93 -0.29 9.47 17.15
CA LEU C 93 -1.59 9.87 17.75
C LEU C 93 -1.77 9.07 19.05
N PHE C 94 -1.73 7.75 19.01
CA PHE C 94 -2.00 6.91 20.20
C PHE C 94 -0.89 7.08 21.26
N GLU C 95 0.38 7.26 20.84
CA GLU C 95 1.51 7.35 21.79
C GLU C 95 1.42 8.68 22.55
N SER C 96 1.14 9.79 21.86
CA SER C 96 1.19 11.16 22.44
C SER C 96 -0.15 11.52 23.10
N GLN C 97 -1.29 11.01 22.63
CA GLN C 97 -2.63 11.45 23.09
C GLN C 97 -3.29 10.44 24.02
N ARG C 98 -2.96 9.14 23.91
CA ARG C 98 -3.56 8.05 24.73
C ARG C 98 -5.05 8.27 25.00
N PRO C 99 -5.91 8.35 23.97
CA PRO C 99 -7.34 8.48 24.22
C PRO C 99 -7.90 7.36 25.10
N ASP C 100 -8.75 7.73 26.06
CA ASP C 100 -9.45 6.77 26.96
C ASP C 100 -10.53 6.02 26.16
N VAL C 101 -11.14 6.71 25.20
CA VAL C 101 -12.26 6.13 24.39
C VAL C 101 -12.05 6.59 22.94
N ILE C 102 -12.33 5.70 22.00
CA ILE C 102 -12.11 5.94 20.54
C ILE C 102 -13.41 5.61 19.82
N PHE C 103 -13.91 6.56 19.06
CA PHE C 103 -15.05 6.38 18.13
C PHE C 103 -14.46 6.28 16.73
N HIS C 104 -14.23 5.06 16.26
CA HIS C 104 -13.57 4.83 14.94
C HIS C 104 -14.66 4.95 13.88
N LEU C 105 -14.90 6.15 13.37
CA LEU C 105 -15.94 6.41 12.33
C LEU C 105 -15.31 6.69 10.96
N ALA C 106 -14.00 6.84 10.86
CA ALA C 106 -13.35 7.17 9.57
C ALA C 106 -13.48 5.96 8.64
N ALA C 107 -13.90 6.21 7.40
CA ALA C 107 -14.02 5.18 6.35
C ALA C 107 -14.31 5.86 5.02
N GLN C 108 -14.07 5.14 3.92
CA GLN C 108 -14.72 5.39 2.60
C GLN C 108 -16.14 4.85 2.79
N SER C 109 -17.12 5.73 2.99
CA SER C 109 -18.46 5.35 3.53
C SER C 109 -19.46 4.98 2.44
N TYR C 110 -19.13 5.17 1.16
CA TYR C 110 -20.09 5.20 0.03
C TYR C 110 -19.98 3.93 -0.81
N PRO C 111 -21.03 3.07 -0.84
CA PRO C 111 -20.95 1.85 -1.63
C PRO C 111 -20.82 2.09 -3.14
N LYS C 112 -21.40 3.16 -3.68
CA LYS C 112 -21.49 3.31 -5.17
C LYS C 112 -20.09 3.48 -5.79
N THR C 113 -19.24 4.35 -5.23
CA THR C 113 -17.87 4.54 -5.73
C THR C 113 -17.02 3.29 -5.45
N SER C 114 -17.36 2.50 -4.43
CA SER C 114 -16.55 1.32 -4.06
C SER C 114 -16.52 0.29 -5.20
N PHE C 115 -17.51 0.28 -6.08
CA PHE C 115 -17.53 -0.65 -7.23
C PHE C 115 -16.32 -0.39 -8.15
N ASP C 116 -16.03 0.87 -8.46
CA ASP C 116 -15.04 1.26 -9.49
C ASP C 116 -13.76 1.78 -8.82
N ILE C 117 -13.78 2.04 -7.51
CA ILE C 117 -12.57 2.40 -6.72
C ILE C 117 -12.44 1.41 -5.55
N PRO C 118 -12.43 0.09 -5.82
CA PRO C 118 -12.53 -0.90 -4.76
C PRO C 118 -11.24 -1.05 -3.94
N ILE C 119 -10.08 -0.82 -4.54
CA ILE C 119 -8.77 -0.98 -3.85
C ILE C 119 -8.73 0.03 -2.71
N GLU C 120 -8.99 1.31 -2.97
CA GLU C 120 -8.90 2.34 -1.90
C GLU C 120 -9.98 2.06 -0.82
N THR C 121 -11.17 1.58 -1.20
CA THR C 121 -12.23 1.23 -0.21
C THR C 121 -11.73 0.10 0.71
N LEU C 122 -11.13 -0.95 0.14
CA LEU C 122 -10.60 -2.10 0.93
C LEU C 122 -9.42 -1.63 1.78
N GLN C 123 -8.52 -0.81 1.22
CA GLN C 123 -7.27 -0.36 1.92
CA GLN C 123 -7.29 -0.34 1.93
C GLN C 123 -7.71 0.51 3.13
N THR C 124 -8.46 1.58 2.87
CA THR C 124 -8.84 2.57 3.91
C THR C 124 -9.66 1.89 5.01
N ASN C 125 -10.59 1.01 4.65
CA ASN C 125 -11.59 0.48 5.62
C ASN C 125 -10.99 -0.70 6.38
N ILE C 126 -10.46 -1.71 5.68
CA ILE C 126 -9.89 -2.93 6.33
C ILE C 126 -8.53 -2.56 6.92
N ILE C 127 -7.59 -2.09 6.10
CA ILE C 127 -6.18 -1.91 6.55
C ILE C 127 -6.14 -0.70 7.47
N GLY C 128 -6.93 0.32 7.16
CA GLY C 128 -7.10 1.48 8.07
C GLY C 128 -7.46 1.00 9.46
N THR C 129 -8.41 0.09 9.57
CA THR C 129 -8.88 -0.39 10.90
C THR C 129 -7.78 -1.27 11.55
N ALA C 130 -7.09 -2.08 10.77
CA ALA C 130 -5.97 -2.90 11.29
C ALA C 130 -4.85 -1.98 11.78
N ASN C 131 -4.57 -0.86 11.10
CA ASN C 131 -3.51 0.11 11.49
C ASN C 131 -3.87 0.68 12.87
N ILE C 132 -5.13 1.05 13.10
CA ILE C 132 -5.57 1.55 14.43
C ILE C 132 -5.39 0.46 15.49
N LEU C 133 -5.99 -0.72 15.27
CA LEU C 133 -6.10 -1.78 16.29
C LEU C 133 -4.72 -2.34 16.67
N GLU C 134 -3.81 -2.49 15.69
CA GLU C 134 -2.45 -3.04 15.92
C GLU C 134 -1.68 -1.98 16.73
N ASN C 135 -1.89 -0.69 16.46
CA ASN C 135 -1.26 0.38 17.24
C ASN C 135 -1.66 0.27 18.73
N ILE C 136 -2.95 0.06 18.98
CA ILE C 136 -3.52 -0.08 20.36
C ILE C 136 -2.98 -1.37 20.98
N ARG C 137 -3.00 -2.45 20.25
CA ARG C 137 -2.52 -3.77 20.76
C ARG C 137 -1.07 -3.67 21.32
N ILE C 138 -0.18 -3.03 20.59
CA ILE C 138 1.26 -2.94 20.93
C ILE C 138 1.39 -2.03 22.15
N LEU C 139 0.63 -0.94 22.21
CA LEU C 139 0.70 0.05 23.33
C LEU C 139 0.11 -0.56 24.62
N LYS C 140 -0.90 -1.43 24.51
CA LYS C 140 -1.48 -2.23 25.60
C LYS C 140 -0.42 -3.22 26.15
N ALA C 141 0.22 -4.01 25.29
CA ALA C 141 1.31 -4.94 25.68
C ALA C 141 2.43 -4.16 26.42
N LYS C 142 2.87 -3.01 25.92
CA LYS C 142 4.05 -2.29 26.46
C LYS C 142 3.73 -1.58 27.79
N GLU C 143 2.56 -0.94 27.90
CA GLU C 143 2.28 0.05 28.96
C GLU C 143 0.89 -0.10 29.56
N GLY C 144 0.14 -1.15 29.21
CA GLY C 144 -1.18 -1.43 29.81
C GLY C 144 -2.26 -0.46 29.35
N TYR C 145 -2.05 0.31 28.27
CA TYR C 145 -3.10 1.13 27.59
C TYR C 145 -4.35 0.24 27.33
N ASP C 146 -5.49 0.63 27.89
CA ASP C 146 -6.72 -0.21 27.92
C ASP C 146 -7.92 0.63 27.53
N PRO C 147 -7.94 1.22 26.31
CA PRO C 147 -9.02 2.09 25.89
C PRO C 147 -10.26 1.28 25.54
N VAL C 148 -11.41 1.94 25.68
CA VAL C 148 -12.69 1.53 25.04
C VAL C 148 -12.61 1.91 23.55
N VAL C 149 -12.80 0.94 22.66
CA VAL C 149 -12.61 1.16 21.20
C VAL C 149 -13.92 0.90 20.46
N HIS C 150 -14.63 1.95 20.04
CA HIS C 150 -15.81 1.81 19.18
C HIS C 150 -15.36 1.60 17.72
N ILE C 151 -15.57 0.39 17.19
CA ILE C 151 -15.32 0.05 15.76
C ILE C 151 -16.66 0.11 15.03
N CYS C 152 -16.86 1.14 14.20
CA CYS C 152 -18.11 1.29 13.44
C CYS C 152 -18.10 0.35 12.23
N SER C 153 -18.91 -0.71 12.26
CA SER C 153 -19.23 -1.59 11.10
C SER C 153 -20.42 -1.03 10.34
N SER C 154 -21.21 -1.86 9.70
CA SER C 154 -22.41 -1.42 8.95
C SER C 154 -23.38 -2.60 8.83
N SER C 155 -24.68 -2.31 8.77
CA SER C 155 -25.70 -3.33 8.43
C SER C 155 -25.42 -3.91 7.03
N GLU C 156 -24.54 -3.28 6.23
CA GLU C 156 -24.20 -3.78 4.88
C GLU C 156 -23.33 -5.05 4.97
N VAL C 157 -22.87 -5.44 6.15
CA VAL C 157 -22.21 -6.77 6.30
C VAL C 157 -23.23 -7.88 5.98
N TYR C 158 -24.53 -7.62 6.11
CA TYR C 158 -25.59 -8.59 5.77
C TYR C 158 -25.95 -8.52 4.28
N GLY C 159 -25.26 -7.64 3.56
CA GLY C 159 -25.53 -7.30 2.15
C GLY C 159 -27.00 -7.42 1.77
N LYS C 160 -27.26 -8.19 0.72
CA LYS C 160 -28.61 -8.44 0.17
C LYS C 160 -29.25 -9.54 1.02
N ALA C 161 -30.01 -9.13 2.03
CA ALA C 161 -30.66 -9.98 3.06
C ALA C 161 -32.04 -10.45 2.55
N LYS C 162 -32.41 -11.70 2.90
CA LYS C 162 -33.71 -12.34 2.53
C LYS C 162 -34.87 -11.48 3.06
N VAL C 163 -35.95 -11.38 2.29
CA VAL C 163 -37.11 -10.48 2.59
C VAL C 163 -38.02 -11.14 3.64
N GLY C 164 -38.70 -10.33 4.46
CA GLY C 164 -39.75 -10.77 5.39
C GLY C 164 -39.21 -11.09 6.78
N VAL C 165 -37.89 -11.23 6.91
CA VAL C 165 -37.18 -11.56 8.17
C VAL C 165 -36.46 -10.29 8.65
N LYS C 166 -36.43 -10.06 9.96
CA LYS C 166 -35.63 -8.97 10.56
C LYS C 166 -34.19 -9.45 10.73
N LEU C 167 -33.25 -8.51 10.77
CA LEU C 167 -31.79 -8.79 10.97
C LEU C 167 -31.51 -8.94 12.46
N ASN C 168 -30.63 -9.88 12.80
CA ASN C 168 -29.99 -10.03 14.13
C ASN C 168 -28.49 -10.26 13.93
N GLU C 169 -27.75 -10.27 15.03
CA GLU C 169 -26.28 -10.24 15.08
C GLU C 169 -25.71 -11.56 14.54
N GLU C 170 -26.56 -12.58 14.36
CA GLU C 170 -26.15 -13.92 13.87
C GLU C 170 -26.63 -14.13 12.43
N THR C 171 -27.29 -13.16 11.81
CA THR C 171 -27.72 -13.25 10.38
C THR C 171 -26.42 -13.39 9.55
N ALA C 172 -26.40 -14.27 8.55
CA ALA C 172 -25.27 -14.50 7.64
C ALA C 172 -24.79 -13.20 6.99
N PHE C 173 -23.50 -13.10 6.70
CA PHE C 173 -22.89 -11.97 5.96
C PHE C 173 -23.06 -12.24 4.47
N HIS C 174 -23.23 -11.18 3.70
CA HIS C 174 -23.30 -11.22 2.22
C HIS C 174 -22.52 -10.01 1.68
N GLY C 175 -21.61 -10.27 0.75
CA GLY C 175 -20.79 -9.23 0.11
C GLY C 175 -21.52 -8.59 -1.06
N ALA C 176 -22.13 -7.42 -0.83
CA ALA C 176 -23.00 -6.74 -1.80
C ALA C 176 -22.20 -5.74 -2.66
N SER C 177 -20.97 -5.44 -2.26
CA SER C 177 -20.14 -4.35 -2.84
C SER C 177 -18.76 -4.45 -2.22
N PRO C 178 -17.71 -3.85 -2.82
CA PRO C 178 -16.41 -3.77 -2.16
C PRO C 178 -16.51 -3.06 -0.79
N TYR C 179 -17.40 -2.08 -0.69
CA TYR C 179 -17.63 -1.37 0.58
C TYR C 179 -18.12 -2.35 1.65
N SER C 180 -19.14 -3.11 1.30
CA SER C 180 -19.73 -4.15 2.15
C SER C 180 -18.60 -5.11 2.61
N ILE C 181 -17.79 -5.60 1.70
CA ILE C 181 -16.71 -6.57 2.03
C ILE C 181 -15.71 -5.86 2.94
N SER C 182 -15.45 -4.59 2.68
CA SER C 182 -14.52 -3.78 3.49
C SER C 182 -15.08 -3.69 4.91
N LYS C 183 -16.41 -3.67 5.07
CA LYS C 183 -17.05 -3.52 6.41
C LYS C 183 -17.10 -4.88 7.09
N ILE C 184 -17.34 -5.95 6.34
CA ILE C 184 -17.13 -7.34 6.82
C ILE C 184 -15.72 -7.46 7.41
N GLY C 185 -14.72 -6.92 6.70
CA GLY C 185 -13.31 -6.95 7.18
C GLY C 185 -13.14 -6.19 8.47
N THR C 186 -13.70 -4.96 8.54
CA THR C 186 -13.64 -4.04 9.70
C THR C 186 -14.22 -4.75 10.92
N ASP C 187 -15.37 -5.39 10.68
CA ASP C 187 -16.18 -6.15 11.66
C ASP C 187 -15.33 -7.30 12.24
N TYR C 188 -14.80 -8.20 11.42
CA TYR C 188 -13.97 -9.33 11.90
C TYR C 188 -12.74 -8.79 12.66
N LEU C 189 -12.13 -7.70 12.18
CA LEU C 189 -10.96 -7.10 12.88
C LEU C 189 -11.38 -6.63 14.27
N GLY C 190 -12.47 -5.87 14.39
CA GLY C 190 -13.03 -5.44 15.68
C GLY C 190 -13.24 -6.59 16.64
N LYS C 191 -13.94 -7.63 16.24
CA LYS C 191 -14.18 -8.85 17.05
C LYS C 191 -12.82 -9.51 17.36
N PHE C 192 -11.96 -9.69 16.36
CA PHE C 192 -10.71 -10.46 16.52
C PHE C 192 -9.83 -9.81 17.60
N TYR C 193 -9.63 -8.48 17.54
CA TYR C 193 -8.66 -7.77 18.42
C TYR C 193 -9.18 -7.77 19.85
N GLY C 194 -10.51 -7.69 20.00
CA GLY C 194 -11.18 -7.87 21.30
C GLY C 194 -10.94 -9.26 21.83
N GLU C 195 -11.18 -10.29 21.01
CA GLU C 195 -11.13 -11.71 21.45
C GLU C 195 -9.67 -12.14 21.70
N ALA C 196 -8.72 -11.72 20.84
CA ALA C 196 -7.31 -12.19 20.88
C ALA C 196 -6.54 -11.50 22.01
N TYR C 197 -6.68 -10.17 22.16
CA TYR C 197 -5.78 -9.32 22.98
C TYR C 197 -6.53 -8.65 24.14
N ASN C 198 -7.81 -8.99 24.34
CA ASN C 198 -8.66 -8.39 25.41
C ASN C 198 -8.57 -6.86 25.33
N ILE C 199 -8.62 -6.31 24.13
CA ILE C 199 -8.85 -4.84 23.92
C ILE C 199 -10.37 -4.65 24.03
N ARG C 200 -10.83 -3.57 24.67
CA ARG C 200 -12.28 -3.32 24.89
C ARG C 200 -12.89 -2.75 23.62
N THR C 201 -12.89 -3.55 22.55
CA THR C 201 -13.60 -3.23 21.29
C THR C 201 -15.07 -3.59 21.49
N PHE C 202 -15.92 -2.84 20.80
CA PHE C 202 -17.27 -3.31 20.38
C PHE C 202 -17.51 -2.84 18.96
N VAL C 203 -18.30 -3.63 18.23
CA VAL C 203 -18.62 -3.43 16.81
C VAL C 203 -20.11 -3.05 16.71
N THR C 204 -20.41 -1.99 15.95
CA THR C 204 -21.78 -1.46 15.71
C THR C 204 -22.12 -1.63 14.21
N ARG C 205 -23.04 -2.53 13.89
CA ARG C 205 -23.63 -2.73 12.53
C ARG C 205 -24.85 -1.83 12.37
N MET C 206 -24.63 -0.59 11.94
CA MET C 206 -25.65 0.48 11.89
C MET C 206 -26.50 0.35 10.64
N GLY C 207 -27.82 0.54 10.79
CA GLY C 207 -28.72 0.85 9.67
C GLY C 207 -28.54 2.28 9.21
N THR C 208 -29.53 2.85 8.52
CA THR C 208 -29.35 4.20 7.95
C THR C 208 -29.48 5.25 9.05
N HIS C 209 -28.43 6.03 9.31
CA HIS C 209 -28.51 7.23 10.17
C HIS C 209 -28.18 8.45 9.32
N SER C 210 -29.05 9.46 9.42
CA SER C 210 -29.12 10.61 8.49
C SER C 210 -29.48 11.87 9.29
N GLY C 211 -29.94 12.92 8.60
CA GLY C 211 -30.15 14.25 9.19
C GLY C 211 -29.41 15.30 8.39
N PRO C 212 -29.26 16.53 8.92
CA PRO C 212 -28.81 17.65 8.11
C PRO C 212 -27.36 17.55 7.58
N ARG C 213 -26.52 16.62 8.07
CA ARG C 213 -25.11 16.58 7.63
C ARG C 213 -24.85 15.37 6.73
N ARG C 214 -25.90 14.67 6.34
CA ARG C 214 -25.82 13.49 5.42
C ARG C 214 -25.15 13.91 4.10
N SER C 215 -24.07 13.23 3.70
CA SER C 215 -23.33 13.50 2.44
C SER C 215 -24.34 13.50 1.30
N ASP C 216 -24.09 14.34 0.30
CA ASP C 216 -25.05 14.65 -0.78
C ASP C 216 -25.30 13.42 -1.65
N VAL C 217 -24.45 12.38 -1.60
CA VAL C 217 -24.50 11.24 -2.55
C VAL C 217 -25.51 10.19 -2.10
N PHE C 218 -25.84 10.13 -0.81
CA PHE C 218 -26.73 9.10 -0.24
C PHE C 218 -28.18 9.37 -0.63
N PHE C 219 -28.99 8.31 -0.74
CA PHE C 219 -30.35 8.35 -1.36
C PHE C 219 -31.17 9.55 -0.84
N GLU C 220 -31.49 9.60 0.44
CA GLU C 220 -32.41 10.63 0.99
C GLU C 220 -31.77 12.00 0.81
N SER C 221 -30.45 12.10 0.74
CA SER C 221 -29.74 13.40 0.64
C SER C 221 -29.71 13.86 -0.83
N THR C 222 -29.56 12.96 -1.79
CA THR C 222 -29.58 13.30 -3.25
C THR C 222 -31.02 13.64 -3.67
N VAL C 223 -32.00 12.95 -3.10
CA VAL C 223 -33.44 13.29 -3.31
C VAL C 223 -33.69 14.69 -2.75
N ALA C 224 -33.34 14.95 -1.49
CA ALA C 224 -33.60 16.26 -0.84
C ALA C 224 -32.90 17.35 -1.65
N LYS C 225 -31.63 17.12 -1.98
CA LYS C 225 -30.76 18.07 -2.72
C LYS C 225 -31.36 18.36 -4.11
N GLN C 226 -31.82 17.34 -4.83
CA GLN C 226 -32.43 17.51 -6.16
C GLN C 226 -33.76 18.29 -5.99
N ILE C 227 -34.57 17.98 -5.00
CA ILE C 227 -35.76 18.84 -4.73
C ILE C 227 -35.29 20.29 -4.57
N ALA C 228 -34.29 20.55 -3.72
CA ALA C 228 -33.79 21.93 -3.49
C ALA C 228 -33.31 22.55 -4.81
N LEU C 229 -32.64 21.77 -5.65
CA LEU C 229 -32.12 22.29 -6.94
C LEU C 229 -33.32 22.67 -7.82
N ILE C 230 -34.34 21.82 -7.83
CA ILE C 230 -35.56 22.02 -8.66
C ILE C 230 -36.27 23.30 -8.20
N GLU C 231 -36.42 23.49 -6.89
CA GLU C 231 -37.10 24.67 -6.29
C GLU C 231 -36.39 25.96 -6.69
N ALA C 232 -35.08 25.92 -6.97
CA ALA C 232 -34.26 27.11 -7.26
C ALA C 232 -33.98 27.19 -8.77
N GLY C 233 -34.62 26.33 -9.57
CA GLY C 233 -34.61 26.40 -11.04
C GLY C 233 -33.33 25.86 -11.67
N TYR C 234 -32.49 25.16 -10.90
CA TYR C 234 -31.21 24.59 -11.37
C TYR C 234 -31.42 23.25 -12.09
N GLN C 235 -32.56 22.60 -11.89
CA GLN C 235 -32.84 21.25 -12.44
C GLN C 235 -34.30 21.23 -12.90
N GLU C 236 -34.54 20.60 -14.05
CA GLU C 236 -35.90 20.19 -14.48
C GLU C 236 -36.57 19.47 -13.32
N PRO C 237 -37.92 19.53 -13.19
CA PRO C 237 -38.64 18.88 -12.10
C PRO C 237 -38.78 17.36 -12.29
N VAL C 238 -37.63 16.70 -12.41
CA VAL C 238 -37.47 15.22 -12.48
C VAL C 238 -36.33 14.86 -11.53
N ILE C 239 -36.64 14.10 -10.48
CA ILE C 239 -35.63 13.57 -9.53
C ILE C 239 -35.04 12.32 -10.18
N LYS C 240 -33.71 12.26 -10.25
CA LYS C 240 -33.01 11.06 -10.78
C LYS C 240 -32.68 10.15 -9.61
N VAL C 241 -32.98 8.86 -9.77
CA VAL C 241 -32.80 7.82 -8.74
C VAL C 241 -32.34 6.53 -9.39
N GLY C 242 -31.91 5.60 -8.55
CA GLY C 242 -31.58 4.21 -8.90
C GLY C 242 -32.75 3.30 -8.56
N ASN C 243 -32.44 2.18 -7.89
CA ASN C 243 -33.43 1.13 -7.51
C ASN C 243 -34.32 1.65 -6.38
N LEU C 244 -35.63 1.79 -6.62
CA LEU C 244 -36.63 2.18 -5.60
C LEU C 244 -37.19 0.95 -4.88
N SER C 245 -36.93 -0.26 -5.38
CA SER C 245 -37.32 -1.53 -4.72
C SER C 245 -36.29 -1.87 -3.64
N SER C 246 -36.30 -1.10 -2.57
CA SER C 246 -35.32 -1.14 -1.46
C SER C 246 -36.01 -0.67 -0.19
N VAL C 247 -35.65 -1.27 0.95
CA VAL C 247 -36.26 -0.97 2.27
C VAL C 247 -35.13 -0.61 3.23
N ARG C 248 -35.24 0.56 3.84
CA ARG C 248 -34.25 1.12 4.79
C ARG C 248 -34.98 1.48 6.09
N THR C 249 -34.29 1.32 7.21
CA THR C 249 -34.68 1.80 8.55
C THR C 249 -33.82 3.01 8.81
N PHE C 250 -34.45 4.14 9.14
CA PHE C 250 -33.77 5.44 9.40
C PHE C 250 -33.87 5.81 10.88
N GLN C 251 -32.87 6.56 11.32
CA GLN C 251 -32.87 7.33 12.58
C GLN C 251 -31.93 8.49 12.32
N ASP C 252 -32.06 9.57 13.09
CA ASP C 252 -31.16 10.74 13.05
C ASP C 252 -29.86 10.36 13.76
N CYS C 253 -28.72 10.78 13.21
CA CYS C 253 -27.37 10.66 13.83
C CYS C 253 -27.37 11.12 15.30
N ARG C 254 -28.16 12.13 15.65
CA ARG C 254 -28.21 12.65 17.04
C ARG C 254 -28.71 11.54 17.97
N ASP C 255 -29.51 10.60 17.46
CA ASP C 255 -29.97 9.42 18.25
C ASP C 255 -28.85 8.34 18.23
N ALA C 256 -28.32 8.02 17.04
CA ALA C 256 -27.32 6.96 16.83
C ALA C 256 -26.13 7.15 17.79
N ILE C 257 -25.72 8.40 17.91
CA ILE C 257 -24.49 8.86 18.62
C ILE C 257 -24.67 8.56 20.11
N ARG C 258 -25.88 8.77 20.65
CA ARG C 258 -26.20 8.50 22.07
C ARG C 258 -26.00 7.01 22.33
N ALA C 259 -26.39 6.13 21.42
CA ALA C 259 -26.18 4.67 21.56
C ALA C 259 -24.69 4.36 21.67
N TYR C 260 -23.85 5.04 20.89
CA TYR C 260 -22.37 4.83 20.89
C TYR C 260 -21.78 5.26 22.23
N TYR C 261 -22.18 6.44 22.71
CA TYR C 261 -21.78 6.98 24.03
C TYR C 261 -22.21 6.01 25.13
N LEU C 262 -23.48 5.57 25.10
CA LEU C 262 -24.02 4.65 26.13
C LEU C 262 -23.29 3.30 26.05
N LEU C 263 -23.04 2.76 24.85
CA LEU C 263 -22.23 1.51 24.72
C LEU C 263 -20.83 1.76 25.30
N SER C 264 -20.19 2.90 25.04
CA SER C 264 -18.80 3.13 25.49
C SER C 264 -18.74 3.07 27.03
N LEU C 265 -19.76 3.58 27.72
CA LEU C 265 -19.84 3.58 29.22
C LEU C 265 -19.96 2.15 29.73
N GLU C 266 -20.85 1.37 29.16
CA GLU C 266 -20.99 -0.05 29.52
C GLU C 266 -19.64 -0.77 29.30
N SER C 267 -18.96 -0.52 28.18
CA SER C 267 -17.64 -1.14 27.85
C SER C 267 -16.64 -0.79 28.96
N GLU C 268 -16.59 0.48 29.34
CA GLU C 268 -15.71 0.96 30.43
C GLU C 268 -15.98 0.18 31.73
N LYS C 269 -17.24 -0.10 32.06
CA LYS C 269 -17.68 -0.66 33.38
C LYS C 269 -17.52 -2.18 33.39
N GLY C 270 -17.14 -2.80 32.27
CA GLY C 270 -16.89 -4.25 32.16
C GLY C 270 -18.08 -5.06 31.66
N ASN C 271 -19.14 -4.41 31.14
CA ASN C 271 -20.46 -5.07 30.83
C ASN C 271 -20.52 -5.46 29.35
N ILE C 272 -19.60 -4.99 28.50
CA ILE C 272 -19.52 -5.39 27.07
C ILE C 272 -18.31 -6.28 26.89
N PRO C 273 -18.50 -7.58 26.61
CA PRO C 273 -17.38 -8.45 26.25
C PRO C 273 -16.56 -7.86 25.09
N CYS C 274 -15.24 -7.92 25.22
CA CYS C 274 -14.28 -7.52 24.16
C CYS C 274 -14.79 -8.14 22.85
N GLY C 275 -15.06 -7.30 21.85
CA GLY C 275 -15.37 -7.77 20.47
C GLY C 275 -16.84 -8.01 20.26
N GLU C 276 -17.69 -7.66 21.22
CA GLU C 276 -19.15 -7.92 21.15
C GLU C 276 -19.70 -7.09 19.97
N ALA C 277 -20.55 -7.69 19.13
CA ALA C 277 -21.18 -7.03 17.96
C ALA C 277 -22.63 -6.63 18.29
N PHE C 278 -23.09 -5.51 17.75
CA PHE C 278 -24.50 -5.07 17.93
C PHE C 278 -25.04 -4.45 16.64
N ASN C 279 -26.18 -4.95 16.17
CA ASN C 279 -27.03 -4.28 15.17
C ASN C 279 -27.70 -3.09 15.85
N ILE C 280 -27.64 -1.90 15.24
CA ILE C 280 -28.34 -0.70 15.78
C ILE C 280 -29.01 0.03 14.61
N ALA C 281 -30.30 0.34 14.79
CA ALA C 281 -31.20 1.01 13.84
C ALA C 281 -32.31 1.73 14.60
N GLY C 282 -33.08 2.57 13.89
CA GLY C 282 -34.35 3.16 14.37
C GLY C 282 -35.50 2.17 14.22
N GLU C 283 -36.73 2.61 14.50
CA GLU C 283 -37.96 1.77 14.47
C GLU C 283 -38.78 2.10 13.22
N GLU C 284 -38.57 3.29 12.64
CA GLU C 284 -39.24 3.78 11.42
C GLU C 284 -38.54 3.21 10.18
N ALA C 285 -39.18 2.25 9.49
CA ALA C 285 -38.75 1.64 8.21
C ALA C 285 -39.67 2.08 7.06
N PHE C 286 -39.09 2.24 5.86
CA PHE C 286 -39.77 2.75 4.63
C PHE C 286 -39.25 2.02 3.40
N LYS C 287 -40.15 1.73 2.45
CA LYS C 287 -39.81 1.56 1.02
C LYS C 287 -39.37 2.93 0.52
N LEU C 288 -38.42 3.01 -0.40
CA LEU C 288 -37.79 4.30 -0.76
C LEU C 288 -38.82 5.25 -1.38
N PRO C 289 -39.84 4.79 -2.16
CA PRO C 289 -40.85 5.71 -2.69
C PRO C 289 -41.55 6.51 -1.57
N GLU C 290 -41.73 5.92 -0.38
CA GLU C 290 -42.38 6.61 0.77
C GLU C 290 -41.48 7.74 1.26
N VAL C 291 -40.15 7.57 1.24
CA VAL C 291 -39.21 8.64 1.69
C VAL C 291 -39.35 9.82 0.71
N ILE C 292 -39.36 9.54 -0.61
CA ILE C 292 -39.48 10.58 -1.68
C ILE C 292 -40.78 11.37 -1.40
N ASP C 293 -41.88 10.65 -1.17
CA ASP C 293 -43.22 11.25 -0.91
C ASP C 293 -43.14 12.17 0.32
N ILE C 294 -42.46 11.78 1.40
CA ILE C 294 -42.31 12.65 2.61
C ILE C 294 -41.59 13.95 2.23
N LEU C 295 -40.51 13.84 1.45
CA LEU C 295 -39.68 15.00 1.06
C LEU C 295 -40.47 15.92 0.12
N LEU C 296 -41.19 15.36 -0.85
CA LEU C 296 -42.03 16.12 -1.82
C LEU C 296 -43.15 16.86 -1.07
N ASN C 297 -43.71 16.24 -0.03
CA ASN C 297 -44.79 16.85 0.78
C ASN C 297 -44.27 18.11 1.49
N PHE C 298 -42.95 18.27 1.63
CA PHE C 298 -42.34 19.45 2.28
C PHE C 298 -42.14 20.55 1.23
N SER C 299 -42.40 20.27 -0.05
CA SER C 299 -42.14 21.22 -1.15
C SER C 299 -43.46 21.82 -1.64
N ASP C 300 -43.49 23.15 -1.71
CA ASP C 300 -44.60 23.89 -2.37
C ASP C 300 -44.89 23.27 -3.74
N MET C 301 -43.88 22.73 -4.45
CA MET C 301 -44.06 22.24 -5.84
C MET C 301 -43.94 20.71 -5.96
N GLY C 302 -44.08 19.96 -4.87
CA GLY C 302 -44.00 18.48 -4.88
C GLY C 302 -44.95 17.84 -5.86
N ARG C 303 -46.22 18.31 -5.92
CA ARG C 303 -47.27 17.82 -6.86
C ARG C 303 -46.78 17.85 -8.32
N GLY C 304 -45.83 18.71 -8.68
CA GLY C 304 -45.34 18.85 -10.08
C GLY C 304 -43.98 18.21 -10.33
N ILE C 305 -43.43 17.44 -9.39
CA ILE C 305 -42.05 16.85 -9.52
C ILE C 305 -42.18 15.34 -9.77
N GLU C 306 -41.61 14.84 -10.87
CA GLU C 306 -41.63 13.39 -11.19
C GLU C 306 -40.32 12.71 -10.77
N VAL C 307 -40.29 11.39 -10.89
CA VAL C 307 -39.14 10.53 -10.51
C VAL C 307 -38.82 9.64 -11.70
N ARG C 308 -37.54 9.54 -12.08
CA ARG C 308 -37.02 8.71 -13.22
C ARG C 308 -35.81 7.89 -12.75
N GLN C 309 -35.88 6.57 -12.92
CA GLN C 309 -34.77 5.64 -12.65
C GLN C 309 -33.76 5.84 -13.78
N VAL C 310 -32.48 6.06 -13.46
CA VAL C 310 -31.41 6.19 -14.49
C VAL C 310 -30.31 5.14 -14.21
N GLU C 311 -29.68 4.68 -15.30
CA GLU C 311 -28.79 3.51 -15.29
C GLU C 311 -27.60 3.78 -14.36
N ASP C 312 -27.08 5.02 -14.35
CA ASP C 312 -25.79 5.34 -13.67
C ASP C 312 -26.01 5.45 -12.15
N ARG C 313 -27.24 5.34 -11.65
CA ARG C 313 -27.51 5.21 -10.20
C ARG C 313 -27.79 3.75 -9.82
N MET C 314 -27.83 2.83 -10.79
CA MET C 314 -28.01 1.39 -10.49
C MET C 314 -26.66 0.78 -10.02
N ARG C 315 -26.72 -0.36 -9.33
CA ARG C 315 -25.54 -1.06 -8.77
C ARG C 315 -25.55 -2.52 -9.23
N PRO C 316 -24.36 -3.13 -9.44
CA PRO C 316 -24.26 -4.53 -9.86
C PRO C 316 -24.99 -5.48 -8.89
N ILE C 317 -24.90 -5.21 -7.60
CA ILE C 317 -25.72 -5.86 -6.54
C ILE C 317 -26.22 -4.73 -5.65
N ASP C 318 -27.50 -4.74 -5.32
CA ASP C 318 -28.07 -3.77 -4.36
C ASP C 318 -28.45 -4.53 -3.08
N ALA C 319 -27.89 -4.08 -1.94
CA ALA C 319 -28.29 -4.49 -0.56
C ALA C 319 -29.59 -3.78 -0.21
N ASP C 320 -30.72 -4.34 -0.64
CA ASP C 320 -31.98 -3.57 -0.81
C ASP C 320 -33.00 -3.86 0.30
N TYR C 321 -32.59 -4.44 1.44
CA TYR C 321 -33.54 -4.79 2.53
C TYR C 321 -32.82 -4.84 3.88
N GLN C 322 -33.11 -3.82 4.69
CA GLN C 322 -32.55 -3.58 6.04
C GLN C 322 -33.71 -3.33 7.00
N MET C 323 -34.24 -4.41 7.57
CA MET C 323 -35.19 -4.40 8.71
C MET C 323 -34.47 -5.05 9.91
N PHE C 324 -34.70 -4.55 11.12
CA PHE C 324 -33.85 -4.79 12.31
C PHE C 324 -34.66 -5.23 13.53
N ASP C 325 -34.25 -6.34 14.13
CA ASP C 325 -34.54 -6.69 15.54
C ASP C 325 -33.44 -6.05 16.38
N ASN C 326 -33.81 -5.07 17.20
CA ASN C 326 -32.91 -4.31 18.09
C ASN C 326 -32.94 -4.87 19.52
N SER C 327 -33.38 -6.10 19.73
CA SER C 327 -33.54 -6.67 21.10
C SER C 327 -32.17 -6.73 21.78
N LYS C 328 -31.11 -7.19 21.08
CA LYS C 328 -29.76 -7.32 21.72
C LYS C 328 -29.30 -5.94 22.20
N ILE C 329 -29.34 -4.90 21.38
CA ILE C 329 -28.75 -3.60 21.82
C ILE C 329 -29.54 -3.04 23.02
N LYS C 330 -30.86 -3.22 23.05
CA LYS C 330 -31.73 -2.60 24.09
C LYS C 330 -31.60 -3.39 25.39
N SER C 331 -31.17 -4.65 25.30
CA SER C 331 -30.83 -5.51 26.44
C SER C 331 -29.52 -5.07 27.10
N PHE C 332 -28.72 -4.18 26.48
CA PHE C 332 -27.37 -3.85 26.99
C PHE C 332 -27.29 -2.38 27.41
N ILE C 333 -28.15 -1.54 26.84
CA ILE C 333 -28.22 -0.10 27.21
C ILE C 333 -29.68 0.35 27.28
N ASP C 334 -29.89 1.47 27.96
CA ASP C 334 -31.22 2.11 28.17
C ASP C 334 -31.29 3.30 27.19
N TRP C 335 -31.86 3.07 26.01
CA TRP C 335 -31.70 3.94 24.83
C TRP C 335 -32.90 3.77 23.91
N LYS C 336 -33.45 4.87 23.39
CA LYS C 336 -34.35 4.80 22.22
C LYS C 336 -34.17 6.03 21.34
N ALA C 337 -34.55 5.92 20.08
CA ALA C 337 -34.59 7.04 19.11
C ALA C 337 -35.72 7.98 19.52
N GLU C 338 -35.42 9.27 19.69
CA GLU C 338 -36.36 10.33 20.13
C GLU C 338 -36.82 11.19 18.95
N ILE C 339 -35.98 11.36 17.94
CA ILE C 339 -36.22 12.33 16.83
C ILE C 339 -37.06 11.65 15.76
N PRO C 340 -38.23 12.21 15.37
CA PRO C 340 -39.00 11.62 14.28
C PRO C 340 -38.26 11.70 12.94
N VAL C 341 -38.37 10.66 12.12
CA VAL C 341 -37.65 10.55 10.80
C VAL C 341 -38.12 11.68 9.88
N ARG C 342 -39.35 12.17 10.04
CA ARG C 342 -39.91 13.24 9.16
C ARG C 342 -39.15 14.54 9.47
N GLN C 343 -38.84 14.77 10.74
CA GLN C 343 -38.03 15.95 11.18
C GLN C 343 -36.60 15.83 10.66
N MET C 344 -36.02 14.63 10.74
CA MET C 344 -34.63 14.37 10.26
C MET C 344 -34.58 14.74 8.77
N LEU C 345 -35.56 14.24 7.99
CA LEU C 345 -35.67 14.50 6.51
C LEU C 345 -35.90 15.99 6.23
N LYS C 346 -36.77 16.66 7.01
CA LYS C 346 -37.08 18.09 6.82
C LYS C 346 -35.79 18.89 7.03
N ASP C 347 -35.03 18.57 8.10
CA ASP C 347 -33.73 19.18 8.44
C ASP C 347 -32.80 19.06 7.22
N LEU C 348 -32.78 17.90 6.58
CA LEU C 348 -31.84 17.61 5.47
C LEU C 348 -32.26 18.43 4.25
N LEU C 349 -33.57 18.54 4.00
CA LEU C 349 -34.10 19.34 2.85
C LEU C 349 -33.76 20.82 3.06
N ASN C 350 -33.96 21.33 4.28
CA ASN C 350 -33.68 22.76 4.60
C ASN C 350 -32.18 23.03 4.43
N HIS C 351 -31.35 22.04 4.74
CA HIS C 351 -29.86 22.13 4.61
C HIS C 351 -29.51 22.41 3.14
N TRP C 352 -30.02 21.60 2.20
CA TRP C 352 -29.77 21.81 0.76
C TRP C 352 -30.35 23.15 0.27
N ARG C 353 -31.56 23.51 0.73
CA ARG C 353 -32.19 24.81 0.39
C ARG C 353 -31.23 25.96 0.78
N ASN C 354 -30.67 25.87 1.98
CA ASN C 354 -29.77 26.87 2.58
C ASN C 354 -28.44 26.96 1.80
N GLU C 355 -27.85 25.81 1.44
CA GLU C 355 -26.62 25.74 0.63
C GLU C 355 -26.84 26.47 -0.71
N ILE C 356 -27.92 26.16 -1.41
CA ILE C 356 -28.21 26.71 -2.76
C ILE C 356 -28.45 28.22 -2.63
N LYS C 357 -29.24 28.64 -1.66
CA LYS C 357 -29.52 30.09 -1.41
C LYS C 357 -28.18 30.82 -1.26
N ARG C 358 -27.19 30.22 -0.60
CA ARG C 358 -25.88 30.85 -0.28
C ARG C 358 -24.90 30.69 -1.44
N GLY C 359 -25.33 30.19 -2.58
CA GLY C 359 -24.49 30.04 -3.78
C GLY C 359 -23.55 28.82 -3.75
N ARG C 360 -23.65 27.97 -2.74
CA ARG C 360 -22.83 26.72 -2.69
C ARG C 360 -23.55 25.65 -3.51
N ILE C 361 -23.60 25.83 -4.83
CA ILE C 361 -24.42 25.00 -5.75
C ILE C 361 -23.80 23.61 -5.74
N PRO C 362 -24.52 22.56 -5.30
CA PRO C 362 -23.95 21.21 -5.29
C PRO C 362 -24.04 20.53 -6.66
N LEU C 363 -23.29 19.44 -6.85
CA LEU C 363 -23.48 18.53 -8.00
C LEU C 363 -24.84 17.84 -7.81
N ASN C 364 -25.51 17.48 -8.89
CA ASN C 364 -26.88 16.89 -8.84
C ASN C 364 -26.81 15.39 -8.54
N ARG C 365 -25.61 14.87 -8.30
CA ARG C 365 -25.25 13.43 -8.33
C ARG C 365 -25.97 12.64 -7.24
N LYS D 23 -13.27 18.06 -30.97
CA LYS D 23 -12.96 18.76 -29.68
C LYS D 23 -11.92 17.94 -28.89
N LYS D 24 -10.86 18.61 -28.42
CA LYS D 24 -9.76 18.01 -27.65
C LYS D 24 -10.21 17.77 -26.20
N THR D 25 -9.87 16.62 -25.59
CA THR D 25 -10.27 16.25 -24.20
C THR D 25 -9.11 16.46 -23.22
N ALA D 26 -9.25 17.38 -22.26
CA ALA D 26 -8.26 17.67 -21.20
C ALA D 26 -8.69 17.02 -19.87
N LEU D 27 -7.79 16.24 -19.26
CA LEU D 27 -7.95 15.73 -17.88
C LEU D 27 -7.15 16.61 -16.92
N ILE D 28 -7.78 16.98 -15.82
CA ILE D 28 -7.16 17.67 -14.66
C ILE D 28 -7.26 16.73 -13.45
N THR D 29 -6.13 16.23 -12.95
CA THR D 29 -6.07 15.62 -11.61
C THR D 29 -5.93 16.77 -10.63
N GLY D 30 -6.51 16.62 -9.43
CA GLY D 30 -6.48 17.69 -8.43
C GLY D 30 -7.33 18.86 -8.88
N PHE D 31 -8.35 18.56 -9.67
CA PHE D 31 -9.47 19.45 -10.08
C PHE D 31 -9.98 20.30 -8.91
N THR D 32 -10.11 19.73 -7.69
CA THR D 32 -10.71 20.45 -6.52
C THR D 32 -9.70 21.35 -5.82
N GLY D 33 -8.42 21.28 -6.21
CA GLY D 33 -7.35 22.06 -5.58
C GLY D 33 -7.29 23.50 -6.09
N GLN D 34 -6.41 24.27 -5.48
CA GLN D 34 -6.13 25.68 -5.87
C GLN D 34 -5.95 25.78 -7.39
N VAL D 35 -5.02 24.97 -7.93
CA VAL D 35 -4.52 25.13 -9.32
C VAL D 35 -5.43 24.41 -10.31
N GLY D 36 -5.81 23.17 -10.03
CA GLY D 36 -6.68 22.38 -10.93
C GLY D 36 -7.97 23.09 -11.24
N SER D 37 -8.63 23.66 -10.22
CA SER D 37 -9.94 24.35 -10.34
C SER D 37 -9.78 25.58 -11.24
N GLN D 38 -8.65 26.28 -11.13
CA GLN D 38 -8.38 27.51 -11.92
C GLN D 38 -7.95 27.13 -13.35
N MET D 39 -7.29 25.98 -13.53
CA MET D 39 -6.95 25.44 -14.86
C MET D 39 -8.24 25.09 -15.60
N ALA D 40 -9.27 24.62 -14.89
CA ALA D 40 -10.58 24.28 -15.51
C ALA D 40 -11.24 25.58 -16.00
N ASP D 41 -11.34 26.60 -15.14
CA ASP D 41 -11.78 27.97 -15.52
C ASP D 41 -11.01 28.41 -16.78
N PHE D 42 -9.69 28.23 -16.80
CA PHE D 42 -8.84 28.78 -17.87
C PHE D 42 -9.14 28.04 -19.18
N LEU D 43 -9.29 26.72 -19.13
CA LEU D 43 -9.54 25.91 -20.35
C LEU D 43 -10.94 26.22 -20.91
N LEU D 44 -11.92 26.42 -20.03
CA LEU D 44 -13.31 26.70 -20.46
C LEU D 44 -13.36 28.06 -21.16
N GLU D 45 -12.60 29.03 -20.68
CA GLU D 45 -12.68 30.43 -21.15
C GLU D 45 -11.85 30.60 -22.44
N ASN D 46 -10.76 29.85 -22.61
CA ASN D 46 -9.68 30.19 -23.58
C ASN D 46 -9.48 29.13 -24.65
N THR D 47 -10.23 28.03 -24.63
CA THR D 47 -10.09 26.89 -25.58
C THR D 47 -11.48 26.30 -25.85
N ASP D 48 -11.59 25.41 -26.84
CA ASP D 48 -12.84 24.64 -27.11
C ASP D 48 -12.67 23.20 -26.59
N TYR D 49 -11.74 22.99 -25.66
CA TYR D 49 -11.48 21.69 -25.01
C TYR D 49 -12.69 21.28 -24.15
N ASP D 50 -13.09 20.02 -24.28
CA ASP D 50 -13.87 19.31 -23.23
C ASP D 50 -12.94 19.11 -22.04
N VAL D 51 -13.45 19.31 -20.82
CA VAL D 51 -12.67 19.23 -19.57
C VAL D 51 -13.20 18.05 -18.75
N ILE D 52 -12.31 17.17 -18.26
CA ILE D 52 -12.59 16.13 -17.23
C ILE D 52 -11.80 16.47 -15.97
N GLY D 53 -12.53 16.68 -14.88
CA GLY D 53 -12.00 16.87 -13.52
C GLY D 53 -12.05 15.54 -12.80
N MET D 54 -10.88 15.07 -12.42
CA MET D 54 -10.71 13.89 -11.54
C MET D 54 -10.90 14.37 -10.11
N MET D 55 -11.61 13.57 -9.31
CA MET D 55 -11.69 13.78 -7.84
C MET D 55 -12.11 12.46 -7.20
N ARG D 56 -11.74 12.30 -5.93
CA ARG D 56 -12.43 11.40 -4.98
C ARG D 56 -13.74 12.11 -4.64
N TRP D 57 -14.79 11.37 -4.36
CA TRP D 57 -16.18 11.89 -4.35
C TRP D 57 -16.35 12.86 -3.20
N GLN D 58 -15.64 12.65 -2.08
CA GLN D 58 -15.85 13.42 -0.82
C GLN D 58 -14.94 14.66 -0.76
N GLU D 59 -14.14 14.96 -1.79
CA GLU D 59 -13.20 16.12 -1.72
C GLU D 59 -13.98 17.43 -1.53
N PRO D 60 -13.33 18.45 -0.95
CA PRO D 60 -13.97 19.74 -0.73
C PRO D 60 -14.51 20.35 -2.04
N MET D 61 -15.74 20.89 -2.01
CA MET D 61 -16.40 21.56 -3.18
C MET D 61 -15.99 23.04 -3.31
N ASP D 62 -15.24 23.58 -2.35
CA ASP D 62 -15.04 25.04 -2.15
C ASP D 62 -14.66 25.74 -3.46
N ASN D 63 -13.79 25.14 -4.27
CA ASN D 63 -13.12 25.82 -5.40
C ASN D 63 -13.92 25.62 -6.68
N ILE D 64 -14.95 24.78 -6.65
CA ILE D 64 -15.66 24.36 -7.89
C ILE D 64 -17.19 24.62 -7.80
N TYR D 65 -17.73 25.17 -6.71
CA TYR D 65 -19.19 25.45 -6.59
C TYR D 65 -19.73 26.18 -7.81
N HIS D 66 -18.95 27.15 -8.31
CA HIS D 66 -19.28 27.97 -9.50
C HIS D 66 -19.37 27.12 -10.77
N LEU D 67 -18.92 25.85 -10.75
CA LEU D 67 -18.93 24.96 -11.95
C LEU D 67 -20.07 23.94 -11.89
N SER D 68 -20.69 23.72 -10.73
CA SER D 68 -21.65 22.63 -10.50
C SER D 68 -22.75 22.67 -11.55
N ASP D 69 -23.32 23.85 -11.82
CA ASP D 69 -24.47 24.00 -12.76
C ASP D 69 -24.05 23.59 -14.18
N ARG D 70 -22.93 24.12 -14.66
CA ARG D 70 -22.32 23.69 -15.95
C ARG D 70 -22.25 22.16 -15.99
N ILE D 71 -21.67 21.59 -14.95
CA ILE D 71 -21.39 20.13 -14.86
C ILE D 71 -22.74 19.40 -14.89
N ASN D 72 -23.70 19.88 -14.12
CA ASN D 72 -25.07 19.29 -14.03
C ASN D 72 -25.73 19.30 -15.42
N LYS D 73 -25.49 20.34 -16.22
CA LYS D 73 -26.09 20.53 -17.58
C LYS D 73 -25.15 19.96 -18.64
N LYS D 74 -24.11 19.22 -18.26
CA LYS D 74 -23.21 18.48 -19.19
C LYS D 74 -22.65 19.45 -20.25
N ASP D 75 -22.30 20.66 -19.83
CA ASP D 75 -21.80 21.72 -20.71
C ASP D 75 -20.25 21.75 -20.66
N ARG D 76 -19.63 20.89 -21.48
CA ARG D 76 -18.17 20.88 -21.83
C ARG D 76 -17.29 20.35 -20.67
N ILE D 77 -17.77 20.30 -19.43
CA ILE D 77 -16.97 19.79 -18.29
C ILE D 77 -17.75 18.69 -17.56
N SER D 78 -17.03 17.64 -17.13
CA SER D 78 -17.59 16.44 -16.45
C SER D 78 -16.61 15.99 -15.35
N ILE D 79 -17.04 15.03 -14.55
CA ILE D 79 -16.25 14.54 -13.40
C ILE D 79 -16.07 13.05 -13.56
N PHE D 80 -14.85 12.59 -13.34
CA PHE D 80 -14.50 11.15 -13.25
C PHE D 80 -13.96 10.90 -11.85
N TYR D 81 -14.58 9.94 -11.17
CA TYR D 81 -14.20 9.56 -9.78
C TYR D 81 -13.08 8.52 -9.82
N ALA D 82 -11.91 8.92 -9.30
CA ALA D 82 -10.71 8.08 -9.20
C ALA D 82 -9.87 8.57 -8.02
N ASP D 83 -9.03 7.70 -7.51
CA ASP D 83 -8.03 7.95 -6.44
C ASP D 83 -6.64 7.61 -7.01
N LEU D 84 -5.68 8.49 -6.75
CA LEU D 84 -4.23 8.31 -7.10
C LEU D 84 -3.73 6.94 -6.60
N ASN D 85 -4.28 6.46 -5.48
CA ASN D 85 -3.78 5.25 -4.80
C ASN D 85 -4.62 4.04 -5.20
N ASP D 86 -5.53 4.19 -6.17
CA ASP D 86 -6.34 3.04 -6.69
C ASP D 86 -6.05 2.91 -8.19
N TYR D 87 -5.12 2.02 -8.55
CA TYR D 87 -4.67 1.84 -9.96
C TYR D 87 -5.86 1.46 -10.84
N SER D 88 -6.75 0.55 -10.41
CA SER D 88 -7.95 0.12 -11.18
C SER D 88 -8.84 1.33 -11.53
N SER D 89 -8.97 2.34 -10.65
CA SER D 89 -9.79 3.55 -10.89
C SER D 89 -9.15 4.39 -11.99
N LEU D 90 -7.82 4.52 -11.98
CA LEU D 90 -7.08 5.27 -13.00
C LEU D 90 -7.15 4.53 -14.33
N GLN D 91 -7.12 3.21 -14.30
CA GLN D 91 -7.21 2.34 -15.49
C GLN D 91 -8.52 2.62 -16.22
N LYS D 92 -9.65 2.58 -15.49
CA LYS D 92 -10.99 2.86 -16.04
C LYS D 92 -10.99 4.26 -16.68
N LEU D 93 -10.31 5.22 -16.04
CA LEU D 93 -10.28 6.65 -16.47
C LEU D 93 -9.58 6.71 -17.83
N PHE D 94 -8.35 6.24 -17.93
CA PHE D 94 -7.59 6.39 -19.21
C PHE D 94 -8.25 5.55 -20.30
N GLU D 95 -8.67 4.33 -19.96
CA GLU D 95 -9.31 3.42 -20.93
C GLU D 95 -10.57 4.08 -21.52
N SER D 96 -11.49 4.51 -20.68
CA SER D 96 -12.83 5.01 -21.07
C SER D 96 -12.71 6.41 -21.67
N GLN D 97 -11.82 7.27 -21.18
CA GLN D 97 -11.87 8.73 -21.47
C GLN D 97 -10.72 9.16 -22.38
N ARG D 98 -9.59 8.46 -22.37
CA ARG D 98 -8.47 8.73 -23.31
C ARG D 98 -8.23 10.23 -23.46
N PRO D 99 -7.94 10.98 -22.38
CA PRO D 99 -7.67 12.40 -22.54
C PRO D 99 -6.48 12.62 -23.48
N ASP D 100 -6.55 13.66 -24.31
CA ASP D 100 -5.47 14.05 -25.25
C ASP D 100 -4.39 14.79 -24.47
N VAL D 101 -4.78 15.54 -23.46
CA VAL D 101 -3.81 16.33 -22.64
C VAL D 101 -4.13 16.02 -21.17
N ILE D 102 -3.10 15.93 -20.34
CA ILE D 102 -3.27 15.63 -18.89
C ILE D 102 -2.48 16.64 -18.07
N PHE D 103 -3.20 17.32 -17.18
CA PHE D 103 -2.61 18.22 -16.17
C PHE D 103 -2.63 17.43 -14.85
N HIS D 104 -1.48 16.80 -14.51
CA HIS D 104 -1.34 16.01 -13.26
C HIS D 104 -0.92 16.91 -12.11
N LEU D 105 -1.91 17.45 -11.38
CA LEU D 105 -1.69 18.41 -10.29
C LEU D 105 -2.02 17.76 -8.95
N ALA D 106 -2.77 16.65 -8.93
CA ALA D 106 -3.16 15.96 -7.68
C ALA D 106 -1.91 15.58 -6.88
N ALA D 107 -1.95 15.83 -5.57
CA ALA D 107 -0.87 15.54 -4.60
C ALA D 107 -1.29 15.88 -3.18
N GLN D 108 -0.61 15.28 -2.22
CA GLN D 108 -0.43 15.81 -0.85
C GLN D 108 0.56 16.95 -1.04
N SER D 109 0.10 18.20 -0.98
CA SER D 109 0.83 19.38 -1.47
C SER D 109 1.61 20.09 -0.36
N TYR D 110 1.46 19.67 0.90
CA TYR D 110 1.87 20.45 2.09
C TYR D 110 3.07 19.77 2.77
N PRO D 111 4.24 20.44 2.78
CA PRO D 111 5.42 19.95 3.48
C PRO D 111 5.27 19.74 4.99
N LYS D 112 4.53 20.62 5.70
CA LYS D 112 4.48 20.57 7.20
C LYS D 112 3.91 19.23 7.67
N THR D 113 2.76 18.80 7.15
CA THR D 113 2.14 17.51 7.57
C THR D 113 2.94 16.32 7.02
N SER D 114 3.75 16.50 5.98
CA SER D 114 4.52 15.41 5.36
C SER D 114 5.53 14.85 6.37
N PHE D 115 6.01 15.68 7.31
CA PHE D 115 7.00 15.26 8.33
C PHE D 115 6.43 14.14 9.20
N ASP D 116 5.20 14.29 9.70
CA ASP D 116 4.60 13.32 10.66
C ASP D 116 3.62 12.39 9.94
N ILE D 117 3.21 12.70 8.71
CA ILE D 117 2.42 11.77 7.84
C ILE D 117 3.23 11.44 6.58
N PRO D 118 4.47 10.95 6.73
CA PRO D 118 5.36 10.79 5.59
C PRO D 118 4.96 9.68 4.61
N ILE D 119 4.42 8.56 5.10
CA ILE D 119 4.07 7.37 4.28
C ILE D 119 3.01 7.78 3.25
N GLU D 120 1.94 8.44 3.71
CA GLU D 120 0.86 8.83 2.78
C GLU D 120 1.41 9.86 1.79
N THR D 121 2.33 10.74 2.16
CA THR D 121 2.86 11.74 1.23
C THR D 121 3.64 11.00 0.12
N LEU D 122 4.51 10.09 0.52
CA LEU D 122 5.33 9.28 -0.41
C LEU D 122 4.39 8.45 -1.28
N GLN D 123 3.38 7.79 -0.69
CA GLN D 123 2.48 6.85 -1.44
CA GLN D 123 2.48 6.86 -1.43
C GLN D 123 1.74 7.65 -2.51
N THR D 124 0.97 8.65 -2.10
CA THR D 124 0.11 9.47 -2.99
C THR D 124 0.96 10.17 -4.06
N ASN D 125 2.12 10.71 -3.71
CA ASN D 125 2.86 11.54 -4.68
C ASN D 125 3.71 10.65 -5.60
N ILE D 126 4.56 9.76 -5.06
CA ILE D 126 5.42 8.91 -5.94
C ILE D 126 4.55 7.83 -6.60
N ILE D 127 3.90 7.00 -5.81
CA ILE D 127 3.19 5.80 -6.34
C ILE D 127 1.97 6.27 -7.15
N GLY D 128 1.25 7.28 -6.67
CA GLY D 128 0.16 7.92 -7.44
C GLY D 128 0.62 8.30 -8.84
N THR D 129 1.77 8.96 -8.95
CA THR D 129 2.29 9.36 -10.26
C THR D 129 2.67 8.10 -11.06
N ALA D 130 3.31 7.13 -10.43
CA ALA D 130 3.66 5.85 -11.09
C ALA D 130 2.36 5.19 -11.62
N ASN D 131 1.30 5.19 -10.81
CA ASN D 131 0.00 4.56 -11.16
C ASN D 131 -0.53 5.20 -12.45
N ILE D 132 -0.43 6.53 -12.55
CA ILE D 132 -0.86 7.27 -13.77
C ILE D 132 0.03 6.85 -14.94
N LEU D 133 1.35 6.98 -14.77
CA LEU D 133 2.31 6.88 -15.91
C LEU D 133 2.36 5.43 -16.42
N GLU D 134 2.24 4.46 -15.52
CA GLU D 134 2.24 3.03 -15.92
C GLU D 134 0.96 2.72 -16.70
N ASN D 135 -0.20 3.22 -16.29
CA ASN D 135 -1.47 3.05 -17.05
C ASN D 135 -1.30 3.57 -18.48
N ILE D 136 -0.67 4.75 -18.64
CA ILE D 136 -0.51 5.44 -19.94
C ILE D 136 0.48 4.62 -20.80
N ARG D 137 1.56 4.15 -20.18
CA ARG D 137 2.60 3.32 -20.87
C ARG D 137 1.93 2.11 -21.53
N ILE D 138 1.10 1.40 -20.76
CA ILE D 138 0.51 0.12 -21.20
C ILE D 138 -0.48 0.43 -22.32
N LEU D 139 -1.20 1.56 -22.25
CA LEU D 139 -2.23 1.90 -23.27
C LEU D 139 -1.54 2.35 -24.56
N LYS D 140 -0.38 2.99 -24.45
CA LYS D 140 0.40 3.49 -25.60
C LYS D 140 0.94 2.30 -26.37
N ALA D 141 1.44 1.30 -25.64
CA ALA D 141 2.06 0.07 -26.18
C ALA D 141 1.00 -0.72 -26.96
N LYS D 142 -0.17 -0.89 -26.37
CA LYS D 142 -1.29 -1.69 -26.92
C LYS D 142 -1.92 -0.99 -28.13
N GLU D 143 -2.25 0.31 -28.01
CA GLU D 143 -3.22 1.00 -28.90
C GLU D 143 -2.68 2.30 -29.49
N GLY D 144 -1.44 2.69 -29.19
CA GLY D 144 -0.86 3.95 -29.72
C GLY D 144 -1.39 5.18 -29.02
N TYR D 145 -2.02 5.08 -27.85
CA TYR D 145 -2.42 6.25 -27.01
C TYR D 145 -1.17 7.12 -26.74
N ASP D 146 -1.24 8.40 -27.09
CA ASP D 146 -0.04 9.28 -27.12
C ASP D 146 -0.39 10.66 -26.59
N PRO D 147 -0.89 10.76 -25.34
CA PRO D 147 -1.30 12.06 -24.80
C PRO D 147 -0.09 12.92 -24.46
N VAL D 148 -0.31 14.23 -24.35
CA VAL D 148 0.63 15.17 -23.66
C VAL D 148 0.36 15.09 -22.14
N VAL D 149 1.41 15.00 -21.32
CA VAL D 149 1.31 14.65 -19.87
C VAL D 149 2.13 15.65 -19.05
N HIS D 150 1.45 16.64 -18.51
CA HIS D 150 2.04 17.62 -17.60
C HIS D 150 2.20 16.91 -16.26
N ILE D 151 3.44 16.63 -15.86
CA ILE D 151 3.75 16.07 -14.51
C ILE D 151 4.20 17.25 -13.67
N CYS D 152 3.38 17.64 -12.70
CA CYS D 152 3.70 18.81 -11.87
C CYS D 152 4.65 18.38 -10.74
N SER D 153 5.89 18.85 -10.80
CA SER D 153 6.91 18.70 -9.72
C SER D 153 6.90 19.93 -8.81
N SER D 154 8.04 20.35 -8.25
CA SER D 154 8.10 21.48 -7.28
C SER D 154 9.52 22.02 -7.21
N SER D 155 9.68 23.32 -6.99
CA SER D 155 11.01 23.93 -6.70
C SER D 155 11.60 23.24 -5.45
N GLU D 156 10.76 22.57 -4.65
CA GLU D 156 11.22 21.90 -3.41
C GLU D 156 12.11 20.68 -3.71
N VAL D 157 12.24 20.25 -4.97
CA VAL D 157 13.25 19.21 -5.38
C VAL D 157 14.65 19.74 -5.04
N TYR D 158 14.85 21.07 -5.04
CA TYR D 158 16.13 21.76 -4.73
C TYR D 158 16.27 21.96 -3.22
N GLY D 159 15.19 21.69 -2.46
CA GLY D 159 15.21 21.67 -0.99
C GLY D 159 15.81 22.95 -0.43
N LYS D 160 16.71 22.81 0.55
CA LYS D 160 17.45 23.95 1.15
C LYS D 160 18.65 24.29 0.28
N ALA D 161 18.50 25.29 -0.60
CA ALA D 161 19.43 25.67 -1.68
C ALA D 161 20.43 26.71 -1.15
N LYS D 162 21.53 26.91 -1.86
CA LYS D 162 22.60 27.85 -1.43
C LYS D 162 22.10 29.29 -1.59
N VAL D 163 22.39 30.15 -0.61
CA VAL D 163 22.02 31.60 -0.62
C VAL D 163 22.82 32.32 -1.71
N GLY D 164 22.19 33.29 -2.38
CA GLY D 164 22.87 34.27 -3.27
C GLY D 164 23.00 33.76 -4.69
N VAL D 165 22.35 32.63 -5.00
CA VAL D 165 22.49 31.93 -6.31
C VAL D 165 21.06 31.60 -6.74
N LYS D 166 20.75 31.85 -7.99
CA LYS D 166 19.44 31.48 -8.61
C LYS D 166 19.42 29.98 -8.91
N LEU D 167 18.25 29.38 -8.70
CA LEU D 167 17.98 27.97 -9.09
C LEU D 167 17.88 27.95 -10.60
N ASN D 168 18.39 26.88 -11.20
CA ASN D 168 18.13 26.52 -12.61
C ASN D 168 17.89 25.00 -12.65
N GLU D 169 17.59 24.48 -13.84
CA GLU D 169 17.17 23.06 -14.03
C GLU D 169 18.31 22.09 -13.70
N GLU D 170 19.56 22.55 -13.63
CA GLU D 170 20.71 21.66 -13.29
C GLU D 170 21.09 21.78 -11.83
N THR D 171 20.43 22.63 -11.05
CA THR D 171 20.72 22.77 -9.61
C THR D 171 20.55 21.40 -8.91
N ALA D 172 21.49 21.05 -8.04
CA ALA D 172 21.48 19.81 -7.23
C ALA D 172 20.14 19.69 -6.50
N PHE D 173 19.57 18.48 -6.43
CA PHE D 173 18.36 18.19 -5.63
C PHE D 173 18.76 18.07 -4.15
N HIS D 174 17.87 18.45 -3.23
CA HIS D 174 18.05 18.31 -1.76
C HIS D 174 16.69 17.96 -1.11
N GLY D 175 16.69 16.91 -0.29
CA GLY D 175 15.51 16.36 0.42
C GLY D 175 15.31 17.12 1.72
N ALA D 176 14.48 18.17 1.67
CA ALA D 176 14.14 19.05 2.83
C ALA D 176 12.95 18.53 3.66
N SER D 177 12.22 17.53 3.17
CA SER D 177 10.95 17.05 3.77
C SER D 177 10.51 15.78 3.04
N PRO D 178 9.67 14.92 3.64
CA PRO D 178 9.06 13.81 2.91
C PRO D 178 8.34 14.32 1.65
N TYR D 179 7.70 15.48 1.73
CA TYR D 179 7.09 16.12 0.54
C TYR D 179 8.14 16.37 -0.55
N SER D 180 9.27 16.97 -0.16
CA SER D 180 10.40 17.33 -1.07
C SER D 180 10.84 16.05 -1.78
N ILE D 181 11.13 15.01 -1.01
CA ILE D 181 11.53 13.67 -1.56
C ILE D 181 10.43 13.11 -2.46
N SER D 182 9.16 13.32 -2.11
CA SER D 182 8.00 12.79 -2.88
C SER D 182 7.97 13.47 -4.24
N LYS D 183 8.35 14.76 -4.33
CA LYS D 183 8.37 15.46 -5.64
C LYS D 183 9.66 15.11 -6.40
N ILE D 184 10.74 14.82 -5.69
CA ILE D 184 11.97 14.25 -6.34
C ILE D 184 11.56 12.97 -7.06
N GLY D 185 10.84 12.07 -6.39
CA GLY D 185 10.33 10.81 -6.97
C GLY D 185 9.44 11.05 -8.16
N THR D 186 8.46 11.94 -7.98
CA THR D 186 7.50 12.37 -9.01
C THR D 186 8.26 12.82 -10.27
N ASP D 187 9.25 13.67 -10.04
CA ASP D 187 10.06 14.36 -11.08
C ASP D 187 10.82 13.30 -11.90
N TYR D 188 11.57 12.43 -11.23
CA TYR D 188 12.28 11.31 -11.90
C TYR D 188 11.29 10.40 -12.62
N LEU D 189 10.10 10.18 -12.10
CA LEU D 189 9.09 9.36 -12.83
C LEU D 189 8.69 10.08 -14.12
N GLY D 190 8.43 11.39 -14.04
CA GLY D 190 8.11 12.23 -15.20
C GLY D 190 9.13 12.04 -16.30
N LYS D 191 10.42 12.15 -15.97
CA LYS D 191 11.55 12.10 -16.94
C LYS D 191 11.69 10.68 -17.47
N PHE D 192 11.68 9.72 -16.56
CA PHE D 192 11.94 8.31 -16.91
C PHE D 192 10.90 7.84 -17.92
N TYR D 193 9.62 8.05 -17.63
CA TYR D 193 8.54 7.49 -18.50
C TYR D 193 8.65 8.14 -19.88
N GLY D 194 9.02 9.42 -19.95
CA GLY D 194 9.35 10.11 -21.21
C GLY D 194 10.52 9.48 -21.96
N GLU D 195 11.65 9.29 -21.28
CA GLU D 195 12.91 8.86 -21.92
C GLU D 195 12.74 7.39 -22.31
N ALA D 196 12.10 6.57 -21.46
CA ALA D 196 12.06 5.10 -21.64
C ALA D 196 11.04 4.73 -22.71
N TYR D 197 9.87 5.37 -22.73
CA TYR D 197 8.73 4.92 -23.56
C TYR D 197 8.29 6.00 -24.53
N ASN D 198 9.02 7.12 -24.64
CA ASN D 198 8.64 8.21 -25.56
C ASN D 198 7.20 8.64 -25.29
N ILE D 199 6.77 8.67 -24.03
CA ILE D 199 5.49 9.32 -23.62
C ILE D 199 5.76 10.82 -23.53
N ARG D 200 4.86 11.64 -24.05
CA ARG D 200 5.07 13.11 -24.16
C ARG D 200 4.87 13.76 -22.79
N THR D 201 5.72 13.41 -21.83
CA THR D 201 5.75 14.05 -20.49
C THR D 201 6.57 15.33 -20.57
N PHE D 202 6.21 16.28 -19.72
CA PHE D 202 7.09 17.40 -19.30
C PHE D 202 6.88 17.63 -17.81
N VAL D 203 7.92 18.12 -17.16
CA VAL D 203 7.97 18.25 -15.68
C VAL D 203 8.16 19.72 -15.34
N THR D 204 7.34 20.22 -14.41
CA THR D 204 7.35 21.65 -14.01
C THR D 204 7.70 21.74 -12.53
N ARG D 205 8.85 22.34 -12.23
CA ARG D 205 9.34 22.60 -10.88
C ARG D 205 8.99 24.05 -10.55
N MET D 206 7.84 24.26 -9.89
CA MET D 206 7.23 25.60 -9.71
C MET D 206 7.78 26.27 -8.44
N GLY D 207 7.84 27.61 -8.46
CA GLY D 207 7.91 28.43 -7.24
C GLY D 207 6.55 28.54 -6.59
N THR D 208 6.38 29.52 -5.72
CA THR D 208 5.10 29.80 -5.02
C THR D 208 4.13 30.42 -6.02
N HIS D 209 3.06 29.68 -6.36
CA HIS D 209 1.88 30.24 -7.04
C HIS D 209 0.69 30.18 -6.09
N SER D 210 -0.03 31.30 -6.01
CA SER D 210 -0.96 31.67 -4.93
C SER D 210 -2.04 32.60 -5.49
N GLY D 211 -2.78 33.27 -4.60
CA GLY D 211 -4.01 34.00 -4.97
C GLY D 211 -5.21 33.54 -4.13
N PRO D 212 -6.45 33.82 -4.57
CA PRO D 212 -7.62 33.68 -3.71
C PRO D 212 -7.97 32.24 -3.27
N ARG D 213 -7.50 31.22 -4.00
CA ARG D 213 -7.86 29.80 -3.72
C ARG D 213 -6.70 29.12 -2.97
N ARG D 214 -5.72 29.89 -2.50
CA ARG D 214 -4.58 29.31 -1.77
C ARG D 214 -5.04 28.68 -0.45
N SER D 215 -4.77 27.37 -0.29
CA SER D 215 -5.09 26.57 0.92
C SER D 215 -4.59 27.32 2.15
N ASP D 216 -5.37 27.30 3.23
CA ASP D 216 -5.25 28.14 4.45
C ASP D 216 -3.93 27.88 5.20
N VAL D 217 -3.28 26.74 4.97
CA VAL D 217 -2.11 26.31 5.78
C VAL D 217 -0.83 26.96 5.27
N PHE D 218 -0.83 27.43 4.03
CA PHE D 218 0.39 27.93 3.36
C PHE D 218 0.64 29.34 3.88
N PHE D 219 1.92 29.75 3.88
CA PHE D 219 2.46 30.88 4.66
C PHE D 219 1.64 32.15 4.46
N GLU D 220 1.50 32.61 3.21
CA GLU D 220 0.81 33.88 2.86
C GLU D 220 -0.70 33.75 3.10
N SER D 221 -1.26 32.56 2.97
CA SER D 221 -2.70 32.28 3.19
C SER D 221 -2.98 32.27 4.70
N THR D 222 -2.11 31.68 5.52
CA THR D 222 -2.31 31.66 7.00
C THR D 222 -2.07 33.07 7.58
N VAL D 223 -1.07 33.80 7.10
CA VAL D 223 -0.87 35.22 7.51
C VAL D 223 -2.16 36.01 7.18
N ALA D 224 -2.59 36.00 5.92
CA ALA D 224 -3.78 36.73 5.42
C ALA D 224 -5.04 36.28 6.18
N LYS D 225 -5.20 34.98 6.40
CA LYS D 225 -6.36 34.42 7.15
C LYS D 225 -6.32 34.92 8.59
N GLN D 226 -5.16 34.91 9.24
CA GLN D 226 -5.05 35.30 10.66
C GLN D 226 -5.37 36.79 10.79
N ILE D 227 -4.93 37.61 9.83
CA ILE D 227 -5.27 39.07 9.82
C ILE D 227 -6.80 39.20 9.81
N ALA D 228 -7.48 38.48 8.92
CA ALA D 228 -8.96 38.50 8.79
C ALA D 228 -9.60 38.04 10.11
N LEU D 229 -9.07 37.02 10.78
CA LEU D 229 -9.63 36.55 12.08
C LEU D 229 -9.48 37.67 13.13
N ILE D 230 -8.36 38.40 13.09
CA ILE D 230 -8.04 39.49 14.04
C ILE D 230 -9.02 40.64 13.79
N GLU D 231 -9.17 41.06 12.53
CA GLU D 231 -10.09 42.13 12.12
C GLU D 231 -11.51 41.85 12.65
N ALA D 232 -12.01 40.63 12.51
CA ALA D 232 -13.40 40.25 12.86
C ALA D 232 -13.54 39.87 14.34
N GLY D 233 -12.46 39.98 15.12
CA GLY D 233 -12.47 39.83 16.58
C GLY D 233 -12.32 38.40 17.05
N TYR D 234 -11.98 37.45 16.15
CA TYR D 234 -11.86 36.00 16.48
C TYR D 234 -10.49 35.64 17.06
N GLN D 235 -9.52 36.56 17.05
CA GLN D 235 -8.11 36.27 17.48
C GLN D 235 -7.46 37.53 18.07
N GLU D 236 -6.71 37.36 19.16
CA GLU D 236 -5.81 38.41 19.72
C GLU D 236 -5.01 39.00 18.57
N PRO D 237 -4.56 40.28 18.61
CA PRO D 237 -3.83 40.89 17.48
C PRO D 237 -2.34 40.48 17.45
N VAL D 238 -2.08 39.16 17.49
CA VAL D 238 -0.76 38.46 17.33
C VAL D 238 -0.92 37.39 16.22
N ILE D 239 -0.28 37.60 15.06
CA ILE D 239 -0.12 36.57 13.98
C ILE D 239 0.96 35.57 14.41
N LYS D 240 0.60 34.29 14.46
CA LYS D 240 1.52 33.16 14.74
C LYS D 240 2.18 32.69 13.43
N VAL D 241 3.50 32.56 13.42
CA VAL D 241 4.30 32.17 12.23
C VAL D 241 5.41 31.20 12.64
N GLY D 242 6.13 30.67 11.64
CA GLY D 242 7.32 29.83 11.85
C GLY D 242 8.58 30.63 11.53
N ASN D 243 9.48 30.05 10.72
CA ASN D 243 10.76 30.68 10.29
C ASN D 243 10.48 31.80 9.29
N LEU D 244 10.93 33.02 9.59
CA LEU D 244 10.75 34.20 8.67
C LEU D 244 12.06 34.49 7.92
N SER D 245 13.18 33.84 8.25
CA SER D 245 14.44 33.89 7.45
C SER D 245 14.28 32.93 6.26
N SER D 246 13.39 33.28 5.35
CA SER D 246 13.05 32.45 4.16
C SER D 246 12.73 33.40 3.02
N VAL D 247 13.19 33.08 1.81
CA VAL D 247 12.94 33.83 0.56
C VAL D 247 12.03 33.02 -0.36
N ARG D 248 11.01 33.67 -0.93
CA ARG D 248 10.07 33.04 -1.89
C ARG D 248 9.89 33.98 -3.08
N THR D 249 9.68 33.38 -4.26
CA THR D 249 9.29 34.06 -5.53
C THR D 249 7.82 33.70 -5.78
N PHE D 250 6.93 34.69 -5.82
CA PHE D 250 5.47 34.47 -5.95
C PHE D 250 5.02 34.82 -7.37
N GLN D 251 4.00 34.12 -7.84
CA GLN D 251 3.16 34.57 -8.98
C GLN D 251 1.74 34.12 -8.71
N ASP D 252 0.77 34.80 -9.30
CA ASP D 252 -0.64 34.38 -9.22
C ASP D 252 -0.80 33.07 -10.03
N CYS D 253 -1.58 32.09 -9.54
CA CYS D 253 -1.91 30.82 -10.26
C CYS D 253 -2.44 31.11 -11.65
N ARG D 254 -3.01 32.29 -11.88
CA ARG D 254 -3.60 32.62 -13.20
C ARG D 254 -2.51 32.85 -14.24
N ASP D 255 -1.29 33.18 -13.79
CA ASP D 255 -0.10 33.26 -14.66
C ASP D 255 0.49 31.86 -14.87
N ALA D 256 0.72 31.10 -13.78
CA ALA D 256 1.25 29.73 -13.80
C ALA D 256 0.45 28.87 -14.78
N ILE D 257 -0.89 28.86 -14.68
CA ILE D 257 -1.75 27.96 -15.49
C ILE D 257 -1.53 28.28 -16.97
N ARG D 258 -1.34 29.57 -17.33
CA ARG D 258 -1.07 29.97 -18.74
C ARG D 258 0.22 29.26 -19.21
N ALA D 259 1.23 29.15 -18.34
CA ALA D 259 2.54 28.56 -18.68
C ALA D 259 2.36 27.09 -18.98
N TYR D 260 1.59 26.38 -18.17
CA TYR D 260 1.27 24.93 -18.34
C TYR D 260 0.58 24.73 -19.69
N TYR D 261 -0.40 25.59 -20.00
CA TYR D 261 -1.20 25.49 -21.24
C TYR D 261 -0.28 25.66 -22.45
N LEU D 262 0.61 26.66 -22.43
CA LEU D 262 1.48 27.01 -23.59
C LEU D 262 2.46 25.87 -23.80
N LEU D 263 2.95 25.30 -22.70
CA LEU D 263 3.86 24.14 -22.72
C LEU D 263 3.10 22.97 -23.35
N SER D 264 1.83 22.77 -23.02
CA SER D 264 1.04 21.64 -23.58
C SER D 264 0.88 21.78 -25.10
N LEU D 265 0.80 23.00 -25.63
CA LEU D 265 0.69 23.23 -27.11
C LEU D 265 2.03 22.89 -27.78
N GLU D 266 3.15 23.34 -27.19
CA GLU D 266 4.54 23.10 -27.65
C GLU D 266 4.80 21.59 -27.68
N SER D 267 4.42 20.89 -26.62
CA SER D 267 4.60 19.42 -26.49
C SER D 267 3.82 18.70 -27.62
N GLU D 268 2.60 19.14 -27.89
CA GLU D 268 1.71 18.53 -28.91
C GLU D 268 2.34 18.73 -30.31
N LYS D 269 2.99 19.87 -30.54
CA LYS D 269 3.62 20.22 -31.83
C LYS D 269 4.89 19.38 -32.04
N GLY D 270 5.51 18.88 -30.95
CA GLY D 270 6.75 18.08 -30.97
C GLY D 270 7.99 18.89 -30.60
N ASN D 271 7.80 20.05 -29.95
CA ASN D 271 8.88 21.00 -29.58
C ASN D 271 9.37 20.77 -28.14
N ILE D 272 8.73 19.85 -27.41
CA ILE D 272 9.16 19.57 -26.01
C ILE D 272 9.64 18.13 -25.96
N PRO D 273 10.96 17.88 -25.84
CA PRO D 273 11.47 16.51 -25.72
C PRO D 273 10.71 15.78 -24.60
N CYS D 274 10.37 14.52 -24.84
CA CYS D 274 9.75 13.62 -23.83
C CYS D 274 10.54 13.74 -22.53
N GLY D 275 9.89 14.08 -21.42
CA GLY D 275 10.50 14.10 -20.09
C GLY D 275 11.29 15.37 -19.82
N GLU D 276 11.19 16.41 -20.65
CA GLU D 276 11.94 17.67 -20.42
C GLU D 276 11.46 18.34 -19.12
N ALA D 277 12.38 18.90 -18.34
CA ALA D 277 12.06 19.58 -17.08
C ALA D 277 12.21 21.09 -17.26
N PHE D 278 11.38 21.84 -16.53
CA PHE D 278 11.37 23.31 -16.50
C PHE D 278 11.16 23.78 -15.07
N ASN D 279 12.04 24.65 -14.59
CA ASN D 279 11.73 25.61 -13.49
C ASN D 279 10.77 26.68 -14.02
N ILE D 280 9.73 27.00 -13.24
CA ILE D 280 8.80 28.12 -13.53
C ILE D 280 8.49 28.88 -12.24
N ALA D 281 8.61 30.20 -12.31
CA ALA D 281 8.34 31.12 -11.18
C ALA D 281 8.09 32.52 -11.73
N GLY D 282 7.59 33.43 -10.90
CA GLY D 282 7.30 34.81 -11.28
C GLY D 282 8.55 35.68 -11.22
N GLU D 283 8.35 36.99 -11.31
CA GLU D 283 9.44 37.99 -11.33
C GLU D 283 9.64 38.54 -9.91
N GLU D 284 8.63 38.49 -9.03
CA GLU D 284 8.68 39.21 -7.73
C GLU D 284 9.13 38.29 -6.59
N ALA D 285 10.31 38.55 -6.00
CA ALA D 285 10.86 37.81 -4.85
C ALA D 285 10.81 38.67 -3.59
N PHE D 286 10.62 38.03 -2.43
CA PHE D 286 10.45 38.66 -1.10
C PHE D 286 11.06 37.79 0.01
N LYS D 287 11.71 38.41 1.00
CA LYS D 287 11.89 37.85 2.36
C LYS D 287 10.50 37.82 3.01
N LEU D 288 10.22 36.84 3.87
CA LEU D 288 8.84 36.59 4.35
C LEU D 288 8.30 37.81 5.09
N PRO D 289 9.07 38.47 5.99
CA PRO D 289 8.60 39.69 6.66
C PRO D 289 8.01 40.72 5.67
N GLU D 290 8.61 40.89 4.50
CA GLU D 290 8.15 41.87 3.48
C GLU D 290 6.74 41.52 3.01
N VAL D 291 6.38 40.23 3.00
CA VAL D 291 5.05 39.71 2.59
C VAL D 291 4.05 40.04 3.69
N ILE D 292 4.44 39.82 4.95
CA ILE D 292 3.60 40.20 6.14
C ILE D 292 3.34 41.72 6.07
N ASP D 293 4.35 42.55 5.82
CA ASP D 293 4.20 44.03 5.87
C ASP D 293 3.21 44.49 4.79
N ILE D 294 3.19 43.85 3.61
CA ILE D 294 2.22 44.18 2.52
C ILE D 294 0.78 43.80 2.95
N LEU D 295 0.59 42.68 3.65
CA LEU D 295 -0.74 42.21 4.13
C LEU D 295 -1.28 43.11 5.26
N LEU D 296 -0.42 43.52 6.20
CA LEU D 296 -0.76 44.45 7.31
C LEU D 296 -1.18 45.83 6.77
N ASN D 297 -0.50 46.35 5.75
CA ASN D 297 -0.82 47.65 5.11
C ASN D 297 -2.18 47.59 4.41
N PHE D 298 -2.75 46.42 4.17
CA PHE D 298 -4.11 46.30 3.59
C PHE D 298 -5.16 46.37 4.70
N SER D 299 -4.74 46.40 5.97
CA SER D 299 -5.61 46.33 7.17
C SER D 299 -5.52 47.61 7.99
N ASP D 300 -6.68 48.19 8.30
CA ASP D 300 -6.85 49.34 9.23
C ASP D 300 -6.15 49.01 10.56
N MET D 301 -6.10 47.72 10.94
CA MET D 301 -5.45 47.28 12.21
C MET D 301 -3.96 46.99 12.01
N GLY D 302 -3.40 47.28 10.84
CA GLY D 302 -2.04 46.84 10.40
C GLY D 302 -0.95 47.16 11.41
N ARG D 303 -0.80 48.44 11.75
CA ARG D 303 0.28 48.95 12.62
C ARG D 303 0.14 48.38 14.03
N GLY D 304 -1.00 47.79 14.39
CA GLY D 304 -1.29 47.31 15.76
C GLY D 304 -0.98 45.84 15.99
N ILE D 305 -0.73 45.06 14.93
CA ILE D 305 -0.64 43.56 15.03
C ILE D 305 0.82 43.12 15.18
N GLU D 306 1.10 42.35 16.24
CA GLU D 306 2.42 41.69 16.48
C GLU D 306 2.54 40.43 15.61
N VAL D 307 3.78 39.97 15.44
CA VAL D 307 4.09 38.64 14.84
C VAL D 307 4.88 37.84 15.87
N ARG D 308 4.48 36.59 16.13
CA ARG D 308 5.16 35.70 17.10
C ARG D 308 5.48 34.36 16.41
N GLN D 309 6.78 34.04 16.31
CA GLN D 309 7.27 32.71 15.88
C GLN D 309 6.83 31.72 16.96
N VAL D 310 6.26 30.58 16.55
CA VAL D 310 5.82 29.47 17.45
C VAL D 310 6.50 28.17 17.03
N GLU D 311 6.87 27.36 18.02
CA GLU D 311 7.51 26.04 17.86
C GLU D 311 6.73 25.16 16.85
N ASP D 312 5.39 25.08 16.93
CA ASP D 312 4.58 24.11 16.15
C ASP D 312 4.48 24.52 14.68
N ARG D 313 5.10 25.65 14.26
CA ARG D 313 5.17 26.09 12.85
C ARG D 313 6.61 25.96 12.34
N MET D 314 7.56 25.64 13.22
CA MET D 314 8.97 25.36 12.84
C MET D 314 9.05 24.00 12.14
N ARG D 315 10.08 23.81 11.31
CA ARG D 315 10.29 22.57 10.53
C ARG D 315 11.65 21.96 10.85
N PRO D 316 11.76 20.61 10.88
CA PRO D 316 13.06 19.96 11.06
C PRO D 316 14.16 20.49 10.10
N ILE D 317 13.80 20.66 8.82
CA ILE D 317 14.61 21.38 7.81
C ILE D 317 13.67 22.33 7.08
N ASP D 318 14.13 23.55 6.78
CA ASP D 318 13.35 24.54 5.99
C ASP D 318 14.04 24.75 4.65
N ALA D 319 13.31 24.57 3.55
CA ALA D 319 13.72 25.04 2.21
C ALA D 319 13.59 26.58 2.18
N ASP D 320 14.60 27.26 2.74
CA ASP D 320 14.75 28.69 3.16
C ASP D 320 14.83 29.69 2.00
N TYR D 321 15.15 29.23 0.78
CA TYR D 321 15.69 30.11 -0.29
C TYR D 321 15.25 29.62 -1.68
N GLN D 322 14.32 30.37 -2.29
CA GLN D 322 13.78 30.10 -3.64
C GLN D 322 13.86 31.37 -4.50
N MET D 323 14.99 31.54 -5.19
CA MET D 323 15.22 32.55 -6.25
C MET D 323 15.45 31.77 -7.53
N PHE D 324 14.96 32.29 -8.66
CA PHE D 324 14.83 31.54 -9.94
C PHE D 324 15.49 32.28 -11.10
N ASP D 325 16.21 31.49 -11.91
CA ASP D 325 16.61 31.77 -13.31
C ASP D 325 15.57 31.09 -14.21
N ASN D 326 14.72 31.91 -14.85
CA ASN D 326 13.58 31.45 -15.66
C ASN D 326 13.93 31.42 -17.15
N SER D 327 15.20 31.56 -17.54
CA SER D 327 15.62 31.64 -18.97
C SER D 327 15.14 30.40 -19.73
N LYS D 328 15.20 29.19 -19.15
CA LYS D 328 14.84 27.99 -19.95
C LYS D 328 13.36 28.08 -20.36
N ILE D 329 12.46 28.41 -19.44
CA ILE D 329 11.00 28.35 -19.76
C ILE D 329 10.69 29.43 -20.80
N LYS D 330 11.23 30.64 -20.63
CA LYS D 330 10.99 31.80 -21.53
C LYS D 330 11.57 31.55 -22.94
N SER D 331 12.55 30.64 -23.05
CA SER D 331 13.14 30.23 -24.36
C SER D 331 12.21 29.24 -25.08
N PHE D 332 11.29 28.56 -24.41
CA PHE D 332 10.44 27.49 -25.03
C PHE D 332 8.99 27.96 -25.27
N ILE D 333 8.49 28.86 -24.42
CA ILE D 333 7.15 29.47 -24.59
C ILE D 333 7.30 30.99 -24.49
N ASP D 334 6.34 31.71 -25.08
CA ASP D 334 6.23 33.19 -25.01
C ASP D 334 5.38 33.49 -23.76
N TRP D 335 6.01 33.78 -22.62
CA TRP D 335 5.33 33.83 -21.29
C TRP D 335 6.11 34.66 -20.27
N LYS D 336 5.40 35.47 -19.48
CA LYS D 336 5.85 35.97 -18.16
C LYS D 336 4.63 36.17 -17.26
N ALA D 337 4.86 36.23 -15.96
CA ALA D 337 3.87 36.65 -14.94
C ALA D 337 3.49 38.10 -15.22
N GLU D 338 2.19 38.35 -15.33
CA GLU D 338 1.57 39.68 -15.57
C GLU D 338 0.95 40.22 -14.28
N ILE D 339 0.29 39.36 -13.50
CA ILE D 339 -0.48 39.81 -12.31
C ILE D 339 0.50 40.24 -11.23
N PRO D 340 0.39 41.49 -10.72
CA PRO D 340 1.24 41.92 -9.63
C PRO D 340 0.94 41.09 -8.38
N VAL D 341 1.98 40.75 -7.60
CA VAL D 341 1.85 39.90 -6.38
C VAL D 341 1.08 40.68 -5.33
N ARG D 342 1.14 42.01 -5.38
CA ARG D 342 0.39 42.87 -4.42
C ARG D 342 -1.11 42.55 -4.58
N GLN D 343 -1.64 42.51 -5.82
CA GLN D 343 -3.08 42.20 -6.10
C GLN D 343 -3.42 40.76 -5.72
N MET D 344 -2.50 39.83 -6.02
CA MET D 344 -2.57 38.40 -5.63
C MET D 344 -2.81 38.29 -4.12
N LEU D 345 -2.02 38.98 -3.30
CA LEU D 345 -2.12 38.94 -1.82
C LEU D 345 -3.39 39.68 -1.36
N LYS D 346 -3.76 40.78 -2.04
CA LYS D 346 -5.01 41.53 -1.74
C LYS D 346 -6.18 40.56 -1.92
N ASP D 347 -6.22 39.86 -3.07
CA ASP D 347 -7.30 38.90 -3.45
C ASP D 347 -7.38 37.81 -2.37
N LEU D 348 -6.23 37.36 -1.88
CA LEU D 348 -6.16 36.29 -0.85
C LEU D 348 -6.78 36.82 0.45
N LEU D 349 -6.37 38.03 0.89
CA LEU D 349 -6.83 38.62 2.17
C LEU D 349 -8.36 38.84 2.13
N ASN D 350 -8.86 39.35 1.00
CA ASN D 350 -10.31 39.58 0.80
C ASN D 350 -11.06 38.24 0.79
N HIS D 351 -10.44 37.16 0.31
CA HIS D 351 -11.08 35.82 0.32
C HIS D 351 -11.38 35.42 1.77
N TRP D 352 -10.44 35.61 2.71
CA TRP D 352 -10.57 35.21 4.13
C TRP D 352 -11.53 36.15 4.87
N ARG D 353 -11.66 37.39 4.40
CA ARG D 353 -12.66 38.36 4.93
C ARG D 353 -14.06 37.84 4.60
N ASN D 354 -14.29 37.48 3.33
CA ASN D 354 -15.58 36.94 2.81
C ASN D 354 -15.97 35.68 3.57
N GLU D 355 -15.03 34.74 3.76
CA GLU D 355 -15.29 33.43 4.41
C GLU D 355 -15.77 33.70 5.83
N ILE D 356 -15.05 34.57 6.54
CA ILE D 356 -15.35 34.90 7.95
C ILE D 356 -16.70 35.61 8.01
N LYS D 357 -16.93 36.60 7.14
CA LYS D 357 -18.20 37.36 7.10
C LYS D 357 -19.35 36.38 6.82
N ARG D 358 -19.11 35.30 6.07
CA ARG D 358 -20.17 34.32 5.69
C ARG D 358 -20.23 33.16 6.69
N GLY D 359 -19.61 33.29 7.87
CA GLY D 359 -19.72 32.29 8.95
C GLY D 359 -18.86 31.04 8.72
N ARG D 360 -18.14 30.96 7.60
CA ARG D 360 -17.20 29.84 7.30
C ARG D 360 -15.90 30.11 8.07
N ILE D 361 -15.97 30.01 9.40
CA ILE D 361 -14.84 30.37 10.30
C ILE D 361 -13.76 29.32 10.12
N PRO D 362 -12.57 29.71 9.61
CA PRO D 362 -11.47 28.76 9.44
C PRO D 362 -10.75 28.48 10.76
N LEU D 363 -10.04 27.36 10.85
CA LEU D 363 -8.99 27.14 11.88
C LEU D 363 -7.92 28.21 11.69
N ASN D 364 -7.13 28.49 12.72
CA ASN D 364 -6.12 29.60 12.66
C ASN D 364 -4.73 29.07 12.29
N ARG D 365 -4.63 27.75 12.04
CA ARG D 365 -3.40 26.95 11.77
C ARG D 365 -2.58 27.54 10.62
PA NAD E . 19.53 -9.70 -2.90
O1A NAD E . 18.51 -9.46 -3.97
O2A NAD E . 20.38 -10.91 -2.85
O5B NAD E . 18.77 -9.64 -1.48
C5B NAD E . 17.63 -8.77 -1.25
C4B NAD E . 17.09 -9.07 0.14
O4B NAD E . 15.94 -8.24 0.43
C3B NAD E . 16.60 -10.53 0.30
O3B NAD E . 16.92 -11.06 1.58
C2B NAD E . 15.09 -10.37 0.14
O2B NAD E . 14.37 -11.45 0.68
C1B NAD E . 14.91 -9.06 0.91
N9A NAD E . 13.61 -8.44 0.70
C8A NAD E . 13.02 -8.12 -0.50
N7A NAD E . 11.81 -7.65 -0.37
C5A NAD E . 11.60 -7.66 1.01
C6A NAD E . 10.49 -7.27 1.79
N6A NAD E . 9.35 -6.84 1.27
N1A NAD E . 10.58 -7.43 3.14
C2A NAD E . 11.73 -7.93 3.64
N3A NAD E . 12.83 -8.30 3.00
C4A NAD E . 12.70 -8.14 1.67
O3 NAD E . 20.46 -8.39 -2.93
PN NAD E . 22.01 -8.18 -2.59
O1N NAD E . 22.79 -8.63 -3.79
O2N NAD E . 22.27 -8.83 -1.27
O5D NAD E . 22.12 -6.60 -2.44
C5D NAD E . 21.79 -6.09 -1.11
C4D NAD E . 21.49 -4.63 -1.16
O4D NAD E . 22.54 -3.96 -1.87
C3D NAD E . 20.18 -4.23 -1.86
O3D NAD E . 19.57 -3.10 -1.24
C2D NAD E . 20.67 -3.90 -3.27
O2D NAD E . 19.76 -3.04 -3.93
C1D NAD E . 21.99 -3.20 -2.93
N1N NAD E . 22.95 -3.19 -4.04
C2N NAD E . 23.60 -4.34 -4.41
C3N NAD E . 24.52 -4.32 -5.46
C7N NAD E . 25.29 -5.59 -5.78
O7N NAD E . 26.02 -5.62 -6.77
N7N NAD E . 25.12 -6.63 -4.98
C4N NAD E . 24.73 -3.14 -6.14
C5N NAD E . 24.19 -1.96 -5.64
C6N NAD E . 23.16 -2.04 -4.74
PB GDP F . 22.61 -3.84 -12.59
O1B GDP F . 21.87 -3.93 -11.24
O2B GDP F . 23.91 -3.11 -12.52
O3B GDP F . 21.76 -3.56 -13.79
O3A GDP F . 23.08 -5.39 -12.76
PA GDP F . 22.76 -6.45 -13.95
O1A GDP F . 21.27 -6.65 -13.88
O2A GDP F . 23.75 -7.57 -13.68
O5' GDP F . 23.12 -5.69 -15.27
C5' GDP F . 24.43 -5.16 -15.36
C4' GDP F . 24.68 -4.80 -16.81
O4' GDP F . 24.71 -5.97 -17.65
C3' GDP F . 23.56 -3.93 -17.40
O3' GDP F . 24.20 -2.99 -18.27
C2' GDP F . 22.72 -4.87 -18.21
O2' GDP F . 22.01 -4.28 -19.30
C1' GDP F . 23.83 -5.77 -18.77
N9 GDP F . 23.40 -7.11 -19.24
C8 GDP F . 23.77 -7.65 -20.43
N7 GDP F . 23.33 -8.89 -20.56
C5 GDP F . 22.63 -9.17 -19.43
C6 GDP F . 21.88 -10.35 -18.95
O6 GDP F . 21.83 -11.37 -19.68
N1 GDP F . 21.30 -10.30 -17.72
C2 GDP F . 21.44 -9.16 -16.94
N2 GDP F . 20.85 -9.14 -15.73
N3 GDP F . 22.10 -8.03 -17.32
C4 GDP F . 22.69 -7.99 -18.55
C1 EDO G . 13.18 -11.93 -16.34
O1 EDO G . 13.57 -10.84 -17.17
C2 EDO G . 14.20 -12.48 -15.39
O2 EDO G . 15.55 -12.18 -15.69
PA NAD H . 2.52 -21.81 0.21
O1A NAD H . 2.90 -20.86 1.29
O2A NAD H . 3.28 -23.06 -0.08
O5B NAD H . 2.35 -21.04 -1.16
C5B NAD H . 2.23 -19.59 -1.15
C4B NAD H . 2.57 -19.09 -2.54
O4B NAD H . 2.11 -17.72 -2.69
C3B NAD H . 4.06 -19.08 -2.88
O3B NAD H . 4.25 -19.46 -4.24
C2B NAD H . 4.44 -17.61 -2.67
O2B NAD H . 5.63 -17.24 -3.36
C1B NAD H . 3.17 -16.94 -3.19
N9A NAD H . 3.04 -15.55 -2.77
C8A NAD H . 3.09 -15.03 -1.50
N7A NAD H . 3.06 -13.72 -1.48
C5A NAD H . 3.04 -13.35 -2.82
C6A NAD H . 3.03 -12.11 -3.49
N6A NAD H . 3.12 -10.94 -2.85
N1A NAD H . 3.02 -12.12 -4.85
C2A NAD H . 3.00 -13.29 -5.47
N3A NAD H . 3.03 -14.52 -4.96
C4A NAD H . 3.04 -14.49 -3.62
O3 NAD H . 1.00 -22.22 0.45
PN NAD H . 0.29 -23.54 -0.08
O1N NAD H . 0.43 -24.59 0.96
O2N NAD H . 0.79 -23.87 -1.47
O5D NAD H . -1.24 -23.04 -0.16
C5D NAD H . -1.78 -22.51 -1.37
C4D NAD H . -3.10 -21.82 -1.09
O4D NAD H . -3.98 -22.75 -0.43
C3D NAD H . -3.07 -20.54 -0.22
O3D NAD H . -3.96 -19.53 -0.66
C2D NAD H . -3.51 -21.09 1.14
O2D NAD H . -4.02 -20.04 1.96
C1D NAD H . -4.56 -22.11 0.69
N1N NAD H . -4.84 -23.16 1.70
C2N NAD H . -3.90 -24.14 1.96
C3N NAD H . -4.17 -25.16 2.86
C7N NAD H . -3.17 -26.28 3.08
O7N NAD H . -3.27 -26.97 4.09
N7N NAD H . -2.24 -26.48 2.16
C4N NAD H . -5.36 -25.11 3.57
C5N NAD H . -6.31 -24.15 3.26
C6N NAD H . -6.03 -23.22 2.30
PB GDP I . -3.32 -23.78 10.06
O1B GDP I . -4.43 -24.76 9.66
O2B GDP I . -2.97 -22.92 8.86
O3B GDP I . -3.37 -23.06 11.37
O3A GDP I . -2.02 -24.76 10.12
PA GDP I . -0.89 -25.03 11.24
O1A GDP I . -0.21 -26.31 10.81
O2A GDP I . -0.02 -23.82 11.46
O5' GDP I . -1.68 -25.26 12.59
C5' GDP I . -2.49 -26.42 12.67
C4' GDP I . -2.92 -26.60 14.12
O4' GDP I . -1.85 -27.22 14.82
C3' GDP I . -3.23 -25.30 14.86
O3' GDP I . -4.29 -25.51 15.80
C2' GDP I . -1.95 -25.01 15.59
O2' GDP I . -2.15 -24.11 16.67
C1' GDP I . -1.54 -26.43 15.95
N9 GDP I . -0.11 -26.55 16.28
C8 GDP I . 0.34 -27.20 17.35
N7 GDP I . 1.67 -27.11 17.44
C5 GDP I . 2.08 -26.41 16.39
C6 GDP I . 3.38 -26.02 15.88
O6 GDP I . 4.38 -26.35 16.56
N1 GDP I . 3.42 -25.28 14.75
C2 GDP I . 2.33 -24.96 14.07
N2 GDP I . 2.47 -24.24 12.93
N3 GDP I . 1.09 -25.33 14.47
C4 GDP I . 0.92 -26.05 15.60
C1 EDO J . 7.95 -19.16 12.95
O1 EDO J . 7.14 -20.32 13.12
C2 EDO J . 7.32 -17.94 13.48
O2 EDO J . 7.22 -17.91 14.89
PA NAD K . -18.76 10.25 6.13
O1A NAD K . -18.47 9.87 4.71
O2A NAD K . -19.60 11.46 6.37
O5B NAD K . -17.38 10.40 6.93
C5B NAD K . -16.19 9.64 6.64
C4B NAD K . -15.04 10.27 7.39
O4B NAD K . -13.86 9.45 7.21
C3B NAD K . -14.63 11.68 6.93
O3B NAD K . -14.32 12.51 8.03
C2B NAD K . -13.41 11.38 6.03
O2B NAD K . -12.54 12.47 5.82
C1B NAD K . -12.78 10.27 6.86
N9A NAD K . -11.78 9.51 6.12
C8A NAD K . -11.93 8.87 4.91
N7A NAD K . -10.81 8.35 4.46
C5A NAD K . -9.87 8.65 5.44
C6A NAD K . -8.49 8.37 5.57
N6A NAD K . -7.76 7.76 4.63
N1A NAD K . -7.86 8.83 6.69
C2A NAD K . -8.59 9.47 7.61
N3A NAD K . -9.87 9.81 7.58
C4A NAD K . -10.47 9.37 6.47
O3 NAD K . -19.45 9.03 6.91
PN NAD K . -20.46 9.03 8.16
O1N NAD K . -21.85 9.20 7.65
O2N NAD K . -20.05 10.01 9.21
O5D NAD K . -20.24 7.53 8.68
C5D NAD K . -19.27 7.27 9.74
C4D NAD K . -19.01 5.79 9.89
O4D NAD K . -20.28 5.11 10.06
C3D NAD K . -18.31 5.09 8.71
O3D NAD K . -17.42 4.07 9.14
C2D NAD K . -19.51 4.50 7.94
O2D NAD K . -19.20 3.41 7.09
C1D NAD K . -20.38 4.08 9.12
N1N NAD K . -21.80 3.90 8.77
C2N NAD K . -22.56 4.97 8.41
C3N NAD K . -23.90 4.78 8.08
C7N NAD K . -24.79 5.98 7.96
O7N NAD K . -25.92 5.82 7.54
N7N NAD K . -24.29 7.16 8.34
C4N NAD K . -24.37 3.49 7.86
C5N NAD K . -23.64 2.44 8.34
C6N NAD K . -22.34 2.66 8.75
PB GDP L . -26.28 2.51 1.46
O1B GDP L . -27.26 1.94 2.45
O2B GDP L . -24.98 2.87 2.18
O3B GDP L . -26.22 1.80 0.13
O3A GDP L . -26.75 4.05 1.21
PA GDP L . -27.33 4.73 -0.11
O1A GDP L . -28.02 5.93 0.45
O2A GDP L . -26.23 4.87 -1.16
O5' GDP L . -28.38 3.74 -0.79
C5' GDP L . -29.49 3.26 -0.05
C4' GDP L . -30.48 2.62 -1.01
O4' GDP L . -30.99 3.63 -1.93
C3' GDP L . -29.79 1.56 -1.88
O3' GDP L . -30.61 0.39 -2.00
C2' GDP L . -29.61 2.23 -3.22
O2' GDP L . -29.47 1.36 -4.33
C1' GDP L . -30.89 3.05 -3.23
N9 GDP L . -30.88 4.18 -4.18
C8 GDP L . -31.84 4.40 -5.10
N7 GDP L . -31.59 5.52 -5.80
C5 GDP L . -30.43 6.02 -5.33
C6 GDP L . -29.62 7.18 -5.64
O6 GDP L . -29.97 7.98 -6.54
N1 GDP L . -28.50 7.38 -4.92
C2 GDP L . -28.11 6.52 -3.94
N2 GDP L . -26.97 6.80 -3.26
N3 GDP L . -28.81 5.41 -3.61
C4 GDP L . -29.96 5.13 -4.26
C1 EDO M . -20.84 8.62 -8.07
O1 EDO M . -21.50 7.85 -9.07
C2 EDO M . -21.69 9.73 -7.54
O2 EDO M . -22.96 9.31 -7.00
C1 EDO N . -19.97 18.17 2.96
O1 EDO N . -21.05 17.28 3.12
C2 EDO N . -18.77 17.78 3.77
O2 EDO N . -18.16 16.58 3.38
C1 EDO O . -11.21 14.46 0.84
O1 EDO O . -12.32 14.02 1.65
C2 EDO O . -10.15 15.27 1.52
O2 EDO O . -9.36 16.19 0.72
PA NAD P . -3.87 21.62 -3.47
O1A NAD P . -3.51 21.04 -2.15
O2A NAD P . -4.66 22.89 -3.57
O5B NAD P . -4.58 20.51 -4.39
C5B NAD P . -4.24 19.13 -4.18
C4B NAD P . -5.21 18.31 -4.99
O4B NAD P . -4.80 16.92 -4.98
C3B NAD P . -6.67 18.33 -4.48
O3B NAD P . -7.59 18.26 -5.57
C2B NAD P . -6.69 17.05 -3.65
O2B NAD P . -7.98 16.52 -3.44
C1B NAD P . -5.92 16.15 -4.62
N9A NAD P . -5.54 14.88 -4.05
C8A NAD P . -4.87 14.64 -2.88
N7A NAD P . -4.73 13.36 -2.61
C5A NAD P . -5.39 12.71 -3.65
C6A NAD P . -5.60 11.35 -3.93
N6A NAD P . -5.24 10.34 -3.16
N1A NAD P . -6.32 11.06 -5.06
C2A NAD P . -6.75 12.07 -5.83
N3A NAD P . -6.59 13.38 -5.66
C4A NAD P . -5.89 13.64 -4.53
O3 NAD P . -2.57 21.92 -4.34
PN NAD P . -2.35 23.05 -5.44
O1N NAD P . -1.91 24.30 -4.75
O2N NAD P . -3.54 23.07 -6.34
O5D NAD P . -1.05 22.46 -6.19
C5D NAD P . -1.20 21.70 -7.43
C4D NAD P . 0.05 20.91 -7.73
O4D NAD P . 1.16 21.84 -7.88
C3D NAD P . 0.49 19.89 -6.67
O3D NAD P . 1.03 18.73 -7.27
C2D NAD P . 1.53 20.69 -5.87
O2D NAD P . 2.41 19.84 -5.17
C1D NAD P . 2.20 21.45 -7.01
N1N NAD P . 2.90 22.68 -6.55
C2N NAD P . 2.18 23.74 -6.04
C3N NAD P . 2.82 24.94 -5.69
C7N NAD P . 2.01 26.13 -5.27
O7N NAD P . 2.57 27.09 -4.71
N7N NAD P . 0.70 26.12 -5.52
C4N NAD P . 4.21 24.99 -5.75
C5N NAD P . 4.91 23.95 -6.32
C6N NAD P . 4.25 22.78 -6.65
PB GDP Q . 6.32 25.52 0.90
O1B GDP Q . 5.49 24.51 0.11
O2B GDP Q . 7.16 26.40 -0.02
O3B GDP Q . 7.02 25.04 2.13
O3A GDP Q . 5.11 26.56 1.33
PA GDP Q . 4.70 27.10 2.79
O1A GDP Q . 4.25 26.01 3.75
O2A GDP Q . 3.80 28.26 2.42
O5' GDP Q . 6.08 27.63 3.45
C5' GDP Q . 6.76 28.68 2.81
C4' GDP Q . 7.83 29.24 3.74
O4' GDP Q . 7.26 29.99 4.85
C3' GDP Q . 8.66 28.15 4.39
O3' GDP Q . 10.04 28.54 4.42
C2' GDP Q . 8.12 28.05 5.80
O2' GDP Q . 9.08 27.55 6.74
C1' GDP Q . 7.76 29.50 6.07
N9 GDP Q . 6.74 29.71 7.11
C8 GDP Q . 6.91 30.56 8.15
N7 GDP Q . 5.84 30.57 8.97
C5 GDP Q . 4.95 29.75 8.44
C6 GDP Q . 3.60 29.36 8.82
O6 GDP Q . 3.14 29.88 9.87
N1 GDP Q . 2.96 28.43 8.04
C2 GDP Q . 3.55 27.92 6.90
N2 GDP Q . 2.90 27.03 6.13
N3 GDP Q . 4.81 28.27 6.51
C4 GDP Q . 5.54 29.15 7.22
C1 EDO R . -0.52 21.26 10.55
O1 EDO R . 0.46 21.46 11.55
C2 EDO R . -1.35 22.44 10.23
O2 EDO R . -0.64 23.45 9.50
#